data_5ZND
# 
_entry.id   5ZND 
# 
_audit_conform.dict_name       mmcif_pdbx.dic 
_audit_conform.dict_version    5.380 
_audit_conform.dict_location   http://mmcif.pdb.org/dictionaries/ascii/mmcif_pdbx.dic 
# 
loop_
_database_2.database_id 
_database_2.database_code 
_database_2.pdbx_database_accession 
_database_2.pdbx_DOI 
PDB   5ZND         pdb_00005znd 10.2210/pdb5znd/pdb 
WWPDB D_1300007399 ?            ?                   
# 
_pdbx_database_status.status_code                     REL 
_pdbx_database_status.status_code_sf                  REL 
_pdbx_database_status.status_code_mr                  ? 
_pdbx_database_status.entry_id                        5ZND 
_pdbx_database_status.recvd_initial_deposition_date   2018-04-09 
_pdbx_database_status.SG_entry                        N 
_pdbx_database_status.deposit_site                    PDBJ 
_pdbx_database_status.process_site                    PDBJ 
_pdbx_database_status.status_code_cs                  ? 
_pdbx_database_status.methods_development_category    ? 
_pdbx_database_status.pdb_format_compatible           Y 
_pdbx_database_status.status_code_nmr_data            ? 
# 
loop_
_audit_author.name 
_audit_author.pdbx_ordinal 
_audit_author.identifier_ORCID 
'Wang, W.M.' 1 ? 
'Wang, L.L.' 2 ? 
'Zang, J.C.' 3 ? 
'Chen, H.'   4 ? 
'Zhao, G.H.' 5 ? 
'Wang, H.F.' 6 ? 
# 
_citation.abstract                  ? 
_citation.abstract_id_CAS           ? 
_citation.book_id_ISBN              ? 
_citation.book_publisher            ? 
_citation.book_publisher_city       ? 
_citation.book_title                ? 
_citation.coordinate_linkage        ? 
_citation.country                   US 
_citation.database_id_Medline       ? 
_citation.details                   ? 
_citation.id                        primary 
_citation.journal_abbrev            'J. Am. Chem. Soc.' 
_citation.journal_id_ASTM           JACSAT 
_citation.journal_id_CSD            ? 
_citation.journal_id_ISSN           1520-5126 
_citation.journal_full              ? 
_citation.journal_issue             ? 
_citation.journal_volume            140 
_citation.language                  ? 
_citation.page_first                14078 
_citation.page_last                 14081 
_citation.title                     
'Selective Elimination of the Key Subunit Interfaces Facilitates Conversion of Native 24-mer Protein Nanocage into 8-mer Nanorings.' 
_citation.year                      2018 
_citation.database_id_CSD           ? 
_citation.pdbx_database_id_DOI      10.1021/jacs.8b09760 
_citation.pdbx_database_id_PubMed   30336004 
_citation.unpublished_flag          ? 
# 
loop_
_citation_author.citation_id 
_citation_author.name 
_citation_author.ordinal 
_citation_author.identifier_ORCID 
primary 'Wang, W.' 1 ?                   
primary 'Wang, L.' 2 ?                   
primary 'Chen, H.' 3 ?                   
primary 'Zang, J.' 4 ?                   
primary 'Zhao, X.' 5 ?                   
primary 'Zhao, G.' 6 0000-0001-8587-9680 
primary 'Wang, H.' 7 ?                   
# 
_cell.angle_alpha                  90.00 
_cell.angle_alpha_esd              ? 
_cell.angle_beta                   90.00 
_cell.angle_beta_esd               ? 
_cell.angle_gamma                  90.00 
_cell.angle_gamma_esd              ? 
_cell.entry_id                     5ZND 
_cell.details                      ? 
_cell.formula_units_Z              ? 
_cell.length_a                     100.352 
_cell.length_a_esd                 ? 
_cell.length_b                     100.352 
_cell.length_b_esd                 ? 
_cell.length_c                     51.712 
_cell.length_c_esd                 ? 
_cell.volume                       ? 
_cell.volume_esd                   ? 
_cell.Z_PDB                        16 
_cell.reciprocal_angle_alpha       ? 
_cell.reciprocal_angle_beta        ? 
_cell.reciprocal_angle_gamma       ? 
_cell.reciprocal_angle_alpha_esd   ? 
_cell.reciprocal_angle_beta_esd    ? 
_cell.reciprocal_angle_gamma_esd   ? 
_cell.reciprocal_length_a          ? 
_cell.reciprocal_length_b          ? 
_cell.reciprocal_length_c          ? 
_cell.reciprocal_length_a_esd      ? 
_cell.reciprocal_length_b_esd      ? 
_cell.reciprocal_length_c_esd      ? 
_cell.pdbx_unique_axis             ? 
# 
_symmetry.entry_id                         5ZND 
_symmetry.cell_setting                     ? 
_symmetry.Int_Tables_number                97 
_symmetry.space_group_name_Hall            ? 
_symmetry.space_group_name_H-M             'I 4 2 2' 
_symmetry.pdbx_full_space_group_name_H-M   ? 
# 
loop_
_entity.id 
_entity.type 
_entity.src_method 
_entity.pdbx_description 
_entity.formula_weight 
_entity.pdbx_number_of_molecules 
_entity.pdbx_ec 
_entity.pdbx_mutation 
_entity.pdbx_fragment 
_entity.details 
1 polymer man 'Ferritin heavy chain' 15762.584 1  1.16.3.1 K86Q ? ? 
2 water   nat water                  18.015    12 ?        ?    ? ? 
# 
_entity_name_com.entity_id   1 
_entity_name_com.name        'Ferritin H subunit,Cell proliferation-inducing gene 15 protein' 
# 
_entity_poly.entity_id                      1 
_entity_poly.type                           'polypeptide(L)' 
_entity_poly.nstd_linkage                   no 
_entity_poly.nstd_monomer                   no 
_entity_poly.pdbx_seq_one_letter_code       
;MTTASTSQVRQNYHQDSEAAINRQINLELYASYVYLSMSYYFDRDDVALKNFAKYFLHQSHEEREHAEKLMKLQNQRGGR
IFLQDIQKPDCDDWESGLNAMECALHLEKNVNQSLLELHKLATDKNDPHLCDFI
;
_entity_poly.pdbx_seq_one_letter_code_can   
;MTTASTSQVRQNYHQDSEAAINRQINLELYASYVYLSMSYYFDRDDVALKNFAKYFLHQSHEEREHAEKLMKLQNQRGGR
IFLQDIQKPDCDDWESGLNAMECALHLEKNVNQSLLELHKLATDKNDPHLCDFI
;
_entity_poly.pdbx_strand_id                 A 
_entity_poly.pdbx_target_identifier         ? 
# 
loop_
_entity_poly_seq.entity_id 
_entity_poly_seq.num 
_entity_poly_seq.mon_id 
_entity_poly_seq.hetero 
1 1   MET n 
1 2   THR n 
1 3   THR n 
1 4   ALA n 
1 5   SER n 
1 6   THR n 
1 7   SER n 
1 8   GLN n 
1 9   VAL n 
1 10  ARG n 
1 11  GLN n 
1 12  ASN n 
1 13  TYR n 
1 14  HIS n 
1 15  GLN n 
1 16  ASP n 
1 17  SER n 
1 18  GLU n 
1 19  ALA n 
1 20  ALA n 
1 21  ILE n 
1 22  ASN n 
1 23  ARG n 
1 24  GLN n 
1 25  ILE n 
1 26  ASN n 
1 27  LEU n 
1 28  GLU n 
1 29  LEU n 
1 30  TYR n 
1 31  ALA n 
1 32  SER n 
1 33  TYR n 
1 34  VAL n 
1 35  TYR n 
1 36  LEU n 
1 37  SER n 
1 38  MET n 
1 39  SER n 
1 40  TYR n 
1 41  TYR n 
1 42  PHE n 
1 43  ASP n 
1 44  ARG n 
1 45  ASP n 
1 46  ASP n 
1 47  VAL n 
1 48  ALA n 
1 49  LEU n 
1 50  LYS n 
1 51  ASN n 
1 52  PHE n 
1 53  ALA n 
1 54  LYS n 
1 55  TYR n 
1 56  PHE n 
1 57  LEU n 
1 58  HIS n 
1 59  GLN n 
1 60  SER n 
1 61  HIS n 
1 62  GLU n 
1 63  GLU n 
1 64  ARG n 
1 65  GLU n 
1 66  HIS n 
1 67  ALA n 
1 68  GLU n 
1 69  LYS n 
1 70  LEU n 
1 71  MET n 
1 72  LYS n 
1 73  LEU n 
1 74  GLN n 
1 75  ASN n 
1 76  GLN n 
1 77  ARG n 
1 78  GLY n 
1 79  GLY n 
1 80  ARG n 
1 81  ILE n 
1 82  PHE n 
1 83  LEU n 
1 84  GLN n 
1 85  ASP n 
1 86  ILE n 
1 87  GLN n 
1 88  LYS n 
1 89  PRO n 
1 90  ASP n 
1 91  CYS n 
1 92  ASP n 
1 93  ASP n 
1 94  TRP n 
1 95  GLU n 
1 96  SER n 
1 97  GLY n 
1 98  LEU n 
1 99  ASN n 
1 100 ALA n 
1 101 MET n 
1 102 GLU n 
1 103 CYS n 
1 104 ALA n 
1 105 LEU n 
1 106 HIS n 
1 107 LEU n 
1 108 GLU n 
1 109 LYS n 
1 110 ASN n 
1 111 VAL n 
1 112 ASN n 
1 113 GLN n 
1 114 SER n 
1 115 LEU n 
1 116 LEU n 
1 117 GLU n 
1 118 LEU n 
1 119 HIS n 
1 120 LYS n 
1 121 LEU n 
1 122 ALA n 
1 123 THR n 
1 124 ASP n 
1 125 LYS n 
1 126 ASN n 
1 127 ASP n 
1 128 PRO n 
1 129 HIS n 
1 130 LEU n 
1 131 CYS n 
1 132 ASP n 
1 133 PHE n 
1 134 ILE n 
# 
_entity_src_gen.entity_id                          1 
_entity_src_gen.pdbx_src_id                        1 
_entity_src_gen.pdbx_alt_source_flag               sample 
_entity_src_gen.pdbx_seq_type                      'Biological sequence' 
_entity_src_gen.pdbx_beg_seq_num                   1 
_entity_src_gen.pdbx_end_seq_num                   134 
_entity_src_gen.gene_src_common_name               Human 
_entity_src_gen.gene_src_genus                     ? 
_entity_src_gen.pdbx_gene_src_gene                 'FTH1, FTH, FTHL6, OK/SW-cl.84, PIG15' 
_entity_src_gen.gene_src_species                   ? 
_entity_src_gen.gene_src_strain                    ? 
_entity_src_gen.gene_src_tissue                    ? 
_entity_src_gen.gene_src_tissue_fraction           ? 
_entity_src_gen.gene_src_details                   ? 
_entity_src_gen.pdbx_gene_src_fragment             ? 
_entity_src_gen.pdbx_gene_src_scientific_name      'Homo sapiens' 
_entity_src_gen.pdbx_gene_src_ncbi_taxonomy_id     9606 
_entity_src_gen.pdbx_gene_src_variant              ? 
_entity_src_gen.pdbx_gene_src_cell_line            ? 
_entity_src_gen.pdbx_gene_src_atcc                 ? 
_entity_src_gen.pdbx_gene_src_organ                ? 
_entity_src_gen.pdbx_gene_src_organelle            ? 
_entity_src_gen.pdbx_gene_src_cell                 ? 
_entity_src_gen.pdbx_gene_src_cellular_location    ? 
_entity_src_gen.host_org_common_name               ? 
_entity_src_gen.pdbx_host_org_scientific_name      'Escherichia coli' 
_entity_src_gen.pdbx_host_org_ncbi_taxonomy_id     562 
_entity_src_gen.host_org_genus                     ? 
_entity_src_gen.pdbx_host_org_gene                 ? 
_entity_src_gen.pdbx_host_org_organ                ? 
_entity_src_gen.host_org_species                   ? 
_entity_src_gen.pdbx_host_org_tissue               ? 
_entity_src_gen.pdbx_host_org_tissue_fraction      ? 
_entity_src_gen.pdbx_host_org_strain               ? 
_entity_src_gen.pdbx_host_org_variant              ? 
_entity_src_gen.pdbx_host_org_cell_line            ? 
_entity_src_gen.pdbx_host_org_atcc                 ? 
_entity_src_gen.pdbx_host_org_culture_collection   ? 
_entity_src_gen.pdbx_host_org_cell                 ? 
_entity_src_gen.pdbx_host_org_organelle            ? 
_entity_src_gen.pdbx_host_org_cellular_location    ? 
_entity_src_gen.pdbx_host_org_vector_type          ? 
_entity_src_gen.pdbx_host_org_vector               ? 
_entity_src_gen.host_org_details                   ? 
_entity_src_gen.expression_system_id               ? 
_entity_src_gen.plasmid_name                       ? 
_entity_src_gen.plasmid_details                    ? 
_entity_src_gen.pdbx_description                   ? 
# 
_struct_ref.id                         1 
_struct_ref.db_name                    UNP 
_struct_ref.db_code                    FRIH_HUMAN 
_struct_ref.pdbx_db_accession          P02794 
_struct_ref.pdbx_db_isoform            ? 
_struct_ref.entity_id                  1 
_struct_ref.pdbx_seq_one_letter_code   
;MTTASTSQVRQNYHQDSEAAINRQINLELYASYVYLSMSYYFDRDDVALKNFAKYFLHQSHEEREHAEKLMKLQNQRGGR
IFLQDIKKPDCDDWESGLNAMECALHLEKNVNQSLLELHKLATDKNDPHLCDFI
;
_struct_ref.pdbx_align_begin           1 
# 
_struct_ref_seq.align_id                      1 
_struct_ref_seq.ref_id                        1 
_struct_ref_seq.pdbx_PDB_id_code              5ZND 
_struct_ref_seq.pdbx_strand_id                A 
_struct_ref_seq.seq_align_beg                 1 
_struct_ref_seq.pdbx_seq_align_beg_ins_code   ? 
_struct_ref_seq.seq_align_end                 134 
_struct_ref_seq.pdbx_seq_align_end_ins_code   ? 
_struct_ref_seq.pdbx_db_accession             P02794 
_struct_ref_seq.db_align_beg                  1 
_struct_ref_seq.pdbx_db_align_beg_ins_code    ? 
_struct_ref_seq.db_align_end                  134 
_struct_ref_seq.pdbx_db_align_end_ins_code    ? 
_struct_ref_seq.pdbx_auth_seq_align_beg       0 
_struct_ref_seq.pdbx_auth_seq_align_end       133 
# 
_struct_ref_seq_dif.align_id                     1 
_struct_ref_seq_dif.pdbx_pdb_id_code             5ZND 
_struct_ref_seq_dif.mon_id                       GLN 
_struct_ref_seq_dif.pdbx_pdb_strand_id           A 
_struct_ref_seq_dif.seq_num                      87 
_struct_ref_seq_dif.pdbx_pdb_ins_code            ? 
_struct_ref_seq_dif.pdbx_seq_db_name             UNP 
_struct_ref_seq_dif.pdbx_seq_db_accession_code   P02794 
_struct_ref_seq_dif.db_mon_id                    LYS 
_struct_ref_seq_dif.pdbx_seq_db_seq_num          87 
_struct_ref_seq_dif.details                      'engineered mutation' 
_struct_ref_seq_dif.pdbx_auth_seq_num            86 
_struct_ref_seq_dif.pdbx_ordinal                 1 
# 
loop_
_chem_comp.id 
_chem_comp.type 
_chem_comp.mon_nstd_flag 
_chem_comp.name 
_chem_comp.pdbx_synonyms 
_chem_comp.formula 
_chem_comp.formula_weight 
ALA 'L-peptide linking' y ALANINE         ? 'C3 H7 N O2'     89.093  
ARG 'L-peptide linking' y ARGININE        ? 'C6 H15 N4 O2 1' 175.209 
ASN 'L-peptide linking' y ASPARAGINE      ? 'C4 H8 N2 O3'    132.118 
ASP 'L-peptide linking' y 'ASPARTIC ACID' ? 'C4 H7 N O4'     133.103 
CYS 'L-peptide linking' y CYSTEINE        ? 'C3 H7 N O2 S'   121.158 
GLN 'L-peptide linking' y GLUTAMINE       ? 'C5 H10 N2 O3'   146.144 
GLU 'L-peptide linking' y 'GLUTAMIC ACID' ? 'C5 H9 N O4'     147.129 
GLY 'peptide linking'   y GLYCINE         ? 'C2 H5 N O2'     75.067  
HIS 'L-peptide linking' y HISTIDINE       ? 'C6 H10 N3 O2 1' 156.162 
HOH non-polymer         . WATER           ? 'H2 O'           18.015  
ILE 'L-peptide linking' y ISOLEUCINE      ? 'C6 H13 N O2'    131.173 
LEU 'L-peptide linking' y LEUCINE         ? 'C6 H13 N O2'    131.173 
LYS 'L-peptide linking' y LYSINE          ? 'C6 H15 N2 O2 1' 147.195 
MET 'L-peptide linking' y METHIONINE      ? 'C5 H11 N O2 S'  149.211 
PHE 'L-peptide linking' y PHENYLALANINE   ? 'C9 H11 N O2'    165.189 
PRO 'L-peptide linking' y PROLINE         ? 'C5 H9 N O2'     115.130 
SER 'L-peptide linking' y SERINE          ? 'C3 H7 N O3'     105.093 
THR 'L-peptide linking' y THREONINE       ? 'C4 H9 N O3'     119.119 
TRP 'L-peptide linking' y TRYPTOPHAN      ? 'C11 H12 N2 O2'  204.225 
TYR 'L-peptide linking' y TYROSINE        ? 'C9 H11 N O3'    181.189 
VAL 'L-peptide linking' y VALINE          ? 'C5 H11 N O2'    117.146 
# 
_exptl.absorpt_coefficient_mu     ? 
_exptl.absorpt_correction_T_max   ? 
_exptl.absorpt_correction_T_min   ? 
_exptl.absorpt_correction_type    ? 
_exptl.absorpt_process_details    ? 
_exptl.entry_id                   5ZND 
_exptl.crystals_number            1 
_exptl.details                    ? 
_exptl.method                     'X-RAY DIFFRACTION' 
_exptl.method_details             ? 
# 
_exptl_crystal.colour                      ? 
_exptl_crystal.density_diffrn              ? 
_exptl_crystal.density_Matthews            2.06 
_exptl_crystal.density_method              ? 
_exptl_crystal.density_percent_sol         40.43 
_exptl_crystal.description                 'needle like' 
_exptl_crystal.F_000                       ? 
_exptl_crystal.id                          1 
_exptl_crystal.preparation                 ? 
_exptl_crystal.size_max                    ? 
_exptl_crystal.size_mid                    ? 
_exptl_crystal.size_min                    ? 
_exptl_crystal.size_rad                    ? 
_exptl_crystal.colour_lustre               ? 
_exptl_crystal.colour_modifier             ? 
_exptl_crystal.colour_primary              ? 
_exptl_crystal.density_meas                ? 
_exptl_crystal.density_meas_esd            ? 
_exptl_crystal.density_meas_gt             ? 
_exptl_crystal.density_meas_lt             ? 
_exptl_crystal.density_meas_temp           ? 
_exptl_crystal.density_meas_temp_esd       ? 
_exptl_crystal.density_meas_temp_gt        ? 
_exptl_crystal.density_meas_temp_lt        ? 
_exptl_crystal.pdbx_crystal_image_url      ? 
_exptl_crystal.pdbx_crystal_image_format   ? 
_exptl_crystal.pdbx_mosaicity              ? 
_exptl_crystal.pdbx_mosaicity_esd          ? 
# 
_exptl_crystal_grow.apparatus       ? 
_exptl_crystal_grow.atmosphere      ? 
_exptl_crystal_grow.crystal_id      1 
_exptl_crystal_grow.details         ? 
_exptl_crystal_grow.method          'VAPOR DIFFUSION, HANGING DROP' 
_exptl_crystal_grow.method_ref      ? 
_exptl_crystal_grow.pH              8.0 
_exptl_crystal_grow.pressure        ? 
_exptl_crystal_grow.pressure_esd    ? 
_exptl_crystal_grow.seeding         ? 
_exptl_crystal_grow.seeding_ref     ? 
_exptl_crystal_grow.temp            293.0 
_exptl_crystal_grow.temp_details    ? 
_exptl_crystal_grow.temp_esd        ? 
_exptl_crystal_grow.time            ? 
_exptl_crystal_grow.pdbx_details    '0.2M ammonium citrate (pH=8.0), 0.1M Tris-HCl (pH=8.0), 22% (w/v) PEG 3350' 
_exptl_crystal_grow.pdbx_pH_range   ? 
# 
_diffrn.ambient_environment    ? 
_diffrn.ambient_temp           100 
_diffrn.ambient_temp_details   ? 
_diffrn.ambient_temp_esd       ? 
_diffrn.crystal_id             1 
_diffrn.crystal_support        ? 
_diffrn.crystal_treatment      ? 
_diffrn.details                ? 
_diffrn.id                     1 
_diffrn.ambient_pressure       ? 
_diffrn.ambient_pressure_esd   ? 
_diffrn.ambient_pressure_gt    ? 
_diffrn.ambient_pressure_lt    ? 
_diffrn.ambient_temp_gt        ? 
_diffrn.ambient_temp_lt        ? 
# 
_diffrn_detector.details                      ? 
_diffrn_detector.detector                     PIXEL 
_diffrn_detector.diffrn_id                    1 
_diffrn_detector.type                         'DECTRIS EIGER X 16M' 
_diffrn_detector.area_resol_mean              ? 
_diffrn_detector.dtime                        ? 
_diffrn_detector.pdbx_frames_total            ? 
_diffrn_detector.pdbx_collection_time_total   ? 
_diffrn_detector.pdbx_collection_date         2018-01-02 
# 
_diffrn_radiation.collimation                      ? 
_diffrn_radiation.diffrn_id                        1 
_diffrn_radiation.filter_edge                      ? 
_diffrn_radiation.inhomogeneity                    ? 
_diffrn_radiation.monochromator                    ? 
_diffrn_radiation.polarisn_norm                    ? 
_diffrn_radiation.polarisn_ratio                   ? 
_diffrn_radiation.probe                            ? 
_diffrn_radiation.type                             ? 
_diffrn_radiation.xray_symbol                      ? 
_diffrn_radiation.wavelength_id                    1 
_diffrn_radiation.pdbx_monochromatic_or_laue_m_l   M 
_diffrn_radiation.pdbx_wavelength_list             ? 
_diffrn_radiation.pdbx_wavelength                  ? 
_diffrn_radiation.pdbx_diffrn_protocol             'SINGLE WAVELENGTH' 
_diffrn_radiation.pdbx_analyzer                    ? 
_diffrn_radiation.pdbx_scattering_type             x-ray 
# 
_diffrn_radiation_wavelength.id           1 
_diffrn_radiation_wavelength.wavelength   0.9779 
_diffrn_radiation_wavelength.wt           1.0 
# 
_diffrn_source.current                     ? 
_diffrn_source.details                     ? 
_diffrn_source.diffrn_id                   1 
_diffrn_source.power                       ? 
_diffrn_source.size                        ? 
_diffrn_source.source                      SYNCHROTRON 
_diffrn_source.target                      ? 
_diffrn_source.type                        'SSRF BEAMLINE BL17U1' 
_diffrn_source.voltage                     ? 
_diffrn_source.take-off_angle              ? 
_diffrn_source.pdbx_wavelength_list        0.9779 
_diffrn_source.pdbx_wavelength             ? 
_diffrn_source.pdbx_synchrotron_beamline   BL17U1 
_diffrn_source.pdbx_synchrotron_site       SSRF 
# 
_reflns.B_iso_Wilson_estimate            ? 
_reflns.entry_id                         5ZND 
_reflns.data_reduction_details           ? 
_reflns.data_reduction_method            ? 
_reflns.d_resolution_high                3 
_reflns.d_resolution_low                 50 
_reflns.details                          ? 
_reflns.limit_h_max                      ? 
_reflns.limit_h_min                      ? 
_reflns.limit_k_max                      ? 
_reflns.limit_k_min                      ? 
_reflns.limit_l_max                      ? 
_reflns.limit_l_min                      ? 
_reflns.number_all                       ? 
_reflns.number_obs                       2556 
_reflns.observed_criterion               ? 
_reflns.observed_criterion_F_max         ? 
_reflns.observed_criterion_F_min         ? 
_reflns.observed_criterion_I_max         ? 
_reflns.observed_criterion_I_min         ? 
_reflns.observed_criterion_sigma_F       ? 
_reflns.observed_criterion_sigma_I       ? 
_reflns.percent_possible_obs             90.1 
_reflns.R_free_details                   ? 
_reflns.Rmerge_F_all                     ? 
_reflns.Rmerge_F_obs                     ? 
_reflns.Friedel_coverage                 ? 
_reflns.number_gt                        ? 
_reflns.threshold_expression             ? 
_reflns.pdbx_redundancy                  11.5 
_reflns.pdbx_Rmerge_I_obs                0.117 
_reflns.pdbx_Rmerge_I_all                ? 
_reflns.pdbx_Rsym_value                  ? 
_reflns.pdbx_netI_over_av_sigmaI         ? 
_reflns.pdbx_netI_over_sigmaI            19.58 
_reflns.pdbx_res_netI_over_av_sigmaI_2   ? 
_reflns.pdbx_res_netI_over_sigmaI_2      ? 
_reflns.pdbx_chi_squared                 ? 
_reflns.pdbx_scaling_rejects             ? 
_reflns.pdbx_d_res_high_opt              ? 
_reflns.pdbx_d_res_low_opt               ? 
_reflns.pdbx_d_res_opt_method            ? 
_reflns.phase_calculation_details        ? 
_reflns.pdbx_Rrim_I_all                  0.124 
_reflns.pdbx_Rpim_I_all                  ? 
_reflns.pdbx_d_opt                       ? 
_reflns.pdbx_number_measured_all         ? 
_reflns.pdbx_diffrn_id                   1 
_reflns.pdbx_ordinal                     1 
_reflns.pdbx_CC_half                     0.982 
_reflns.pdbx_R_split                     ? 
# 
_reflns_shell.d_res_high                  3 
_reflns_shell.d_res_low                   3.05 
_reflns_shell.meanI_over_sigI_all         ? 
_reflns_shell.meanI_over_sigI_obs         6.15 
_reflns_shell.number_measured_all         ? 
_reflns_shell.number_measured_obs         ? 
_reflns_shell.number_possible             ? 
_reflns_shell.number_unique_all           ? 
_reflns_shell.number_unique_obs           134 
_reflns_shell.percent_possible_all        100 
_reflns_shell.percent_possible_obs        ? 
_reflns_shell.Rmerge_F_all                ? 
_reflns_shell.Rmerge_F_obs                ? 
_reflns_shell.Rmerge_I_all                ? 
_reflns_shell.Rmerge_I_obs                ? 
_reflns_shell.meanI_over_sigI_gt          ? 
_reflns_shell.meanI_over_uI_all           ? 
_reflns_shell.meanI_over_uI_gt            ? 
_reflns_shell.number_measured_gt          ? 
_reflns_shell.number_unique_gt            ? 
_reflns_shell.percent_possible_gt         ? 
_reflns_shell.Rmerge_F_gt                 ? 
_reflns_shell.Rmerge_I_gt                 ? 
_reflns_shell.pdbx_redundancy             12.9 
_reflns_shell.pdbx_Rsym_value             ? 
_reflns_shell.pdbx_chi_squared            ? 
_reflns_shell.pdbx_netI_over_sigmaI_all   ? 
_reflns_shell.pdbx_netI_over_sigmaI_obs   ? 
_reflns_shell.pdbx_Rrim_I_all             ? 
_reflns_shell.pdbx_Rpim_I_all             ? 
_reflns_shell.pdbx_rejects                ? 
_reflns_shell.pdbx_ordinal                1 
_reflns_shell.pdbx_diffrn_id              1 
_reflns_shell.pdbx_CC_half                0.960 
_reflns_shell.pdbx_R_split                ? 
# 
_refine.aniso_B[1][1]                            ? 
_refine.aniso_B[1][2]                            ? 
_refine.aniso_B[1][3]                            ? 
_refine.aniso_B[2][2]                            ? 
_refine.aniso_B[2][3]                            ? 
_refine.aniso_B[3][3]                            ? 
_refine.B_iso_max                                ? 
_refine.B_iso_mean                               ? 
_refine.B_iso_min                                ? 
_refine.correlation_coeff_Fo_to_Fc               ? 
_refine.correlation_coeff_Fo_to_Fc_free          ? 
_refine.details                                  ? 
_refine.diff_density_max                         ? 
_refine.diff_density_max_esd                     ? 
_refine.diff_density_min                         ? 
_refine.diff_density_min_esd                     ? 
_refine.diff_density_rms                         ? 
_refine.diff_density_rms_esd                     ? 
_refine.entry_id                                 5ZND 
_refine.pdbx_refine_id                           'X-RAY DIFFRACTION' 
_refine.ls_abs_structure_details                 ? 
_refine.ls_abs_structure_Flack                   ? 
_refine.ls_abs_structure_Flack_esd               ? 
_refine.ls_abs_structure_Rogers                  ? 
_refine.ls_abs_structure_Rogers_esd              ? 
_refine.ls_d_res_high                            3.000 
_refine.ls_d_res_low                             33.894 
_refine.ls_extinction_coef                       ? 
_refine.ls_extinction_coef_esd                   ? 
_refine.ls_extinction_expression                 ? 
_refine.ls_extinction_method                     ? 
_refine.ls_goodness_of_fit_all                   ? 
_refine.ls_goodness_of_fit_all_esd               ? 
_refine.ls_goodness_of_fit_obs                   ? 
_refine.ls_goodness_of_fit_obs_esd               ? 
_refine.ls_hydrogen_treatment                    ? 
_refine.ls_matrix_type                           ? 
_refine.ls_number_constraints                    ? 
_refine.ls_number_parameters                     ? 
_refine.ls_number_reflns_all                     ? 
_refine.ls_number_reflns_obs                     2531 
_refine.ls_number_reflns_R_free                  252 
_refine.ls_number_reflns_R_work                  ? 
_refine.ls_number_restraints                     ? 
_refine.ls_percent_reflns_obs                    89.25 
_refine.ls_percent_reflns_R_free                 9.96 
_refine.ls_R_factor_all                          ? 
_refine.ls_R_factor_obs                          0.2323 
_refine.ls_R_factor_R_free                       0.2756 
_refine.ls_R_factor_R_free_error                 ? 
_refine.ls_R_factor_R_free_error_details         ? 
_refine.ls_R_factor_R_work                       0.2268 
_refine.ls_R_Fsqd_factor_obs                     ? 
_refine.ls_R_I_factor_obs                        ? 
_refine.ls_redundancy_reflns_all                 ? 
_refine.ls_redundancy_reflns_obs                 ? 
_refine.ls_restrained_S_all                      ? 
_refine.ls_restrained_S_obs                      ? 
_refine.ls_shift_over_esd_max                    ? 
_refine.ls_shift_over_esd_mean                   ? 
_refine.ls_structure_factor_coef                 ? 
_refine.ls_weighting_details                     ? 
_refine.ls_weighting_scheme                      ? 
_refine.ls_wR_factor_all                         ? 
_refine.ls_wR_factor_obs                         ? 
_refine.ls_wR_factor_R_free                      ? 
_refine.ls_wR_factor_R_work                      ? 
_refine.occupancy_max                            ? 
_refine.occupancy_min                            ? 
_refine.solvent_model_details                    'FLAT BULK SOLVENT MODEL' 
_refine.solvent_model_param_bsol                 ? 
_refine.solvent_model_param_ksol                 ? 
_refine.ls_R_factor_gt                           ? 
_refine.ls_goodness_of_fit_gt                    ? 
_refine.ls_goodness_of_fit_ref                   ? 
_refine.ls_shift_over_su_max                     ? 
_refine.ls_shift_over_su_max_lt                  ? 
_refine.ls_shift_over_su_mean                    ? 
_refine.ls_shift_over_su_mean_lt                 ? 
_refine.pdbx_ls_sigma_I                          ? 
_refine.pdbx_ls_sigma_F                          1.34 
_refine.pdbx_ls_sigma_Fsqd                       ? 
_refine.pdbx_data_cutoff_high_absF               ? 
_refine.pdbx_data_cutoff_high_rms_absF           ? 
_refine.pdbx_data_cutoff_low_absF                ? 
_refine.pdbx_isotropic_thermal_model             ? 
_refine.pdbx_ls_cross_valid_method               'FREE R-VALUE' 
_refine.pdbx_method_to_determine_struct          'MOLECULAR REPLACEMENT' 
_refine.pdbx_starting_model                      2FHA 
_refine.pdbx_stereochemistry_target_values       ML 
_refine.pdbx_R_Free_selection_details            ? 
_refine.pdbx_stereochem_target_val_spec_case     ? 
_refine.pdbx_overall_ESU_R                       ? 
_refine.pdbx_overall_ESU_R_Free                  ? 
_refine.pdbx_solvent_vdw_probe_radii             1.11 
_refine.pdbx_solvent_ion_probe_radii             ? 
_refine.pdbx_solvent_shrinkage_radii             0.90 
_refine.pdbx_real_space_R                        ? 
_refine.pdbx_density_correlation                 ? 
_refine.pdbx_pd_number_of_powder_patterns        ? 
_refine.pdbx_pd_number_of_points                 ? 
_refine.pdbx_pd_meas_number_of_points            ? 
_refine.pdbx_pd_proc_ls_prof_R_factor            ? 
_refine.pdbx_pd_proc_ls_prof_wR_factor           ? 
_refine.pdbx_pd_Marquardt_correlation_coeff      ? 
_refine.pdbx_pd_Fsqrd_R_factor                   ? 
_refine.pdbx_pd_ls_matrix_band_width             ? 
_refine.pdbx_overall_phase_error                 19.20 
_refine.pdbx_overall_SU_R_free_Cruickshank_DPI   ? 
_refine.pdbx_overall_SU_R_free_Blow_DPI          ? 
_refine.pdbx_overall_SU_R_Blow_DPI               ? 
_refine.pdbx_TLS_residual_ADP_flag               ? 
_refine.pdbx_diffrn_id                           1 
_refine.overall_SU_B                             ? 
_refine.overall_SU_ML                            0.44 
_refine.overall_SU_R_Cruickshank_DPI             ? 
_refine.overall_SU_R_free                        ? 
_refine.overall_FOM_free_R_set                   ? 
_refine.overall_FOM_work_R_set                   ? 
_refine.pdbx_average_fsc_overall                 ? 
_refine.pdbx_average_fsc_work                    ? 
_refine.pdbx_average_fsc_free                    ? 
# 
_refine_hist.pdbx_refine_id                   'X-RAY DIFFRACTION' 
_refine_hist.cycle_id                         LAST 
_refine_hist.pdbx_number_atoms_protein        985 
_refine_hist.pdbx_number_atoms_nucleic_acid   0 
_refine_hist.pdbx_number_atoms_ligand         0 
_refine_hist.number_atoms_solvent             12 
_refine_hist.number_atoms_total               997 
_refine_hist.d_res_high                       3.000 
_refine_hist.d_res_low                        33.894 
# 
loop_
_refine_ls_restr.pdbx_refine_id 
_refine_ls_restr.criterion 
_refine_ls_restr.dev_ideal 
_refine_ls_restr.dev_ideal_target 
_refine_ls_restr.number 
_refine_ls_restr.rejects 
_refine_ls_restr.type 
_refine_ls_restr.weight 
_refine_ls_restr.pdbx_restraint_function 
'X-RAY DIFFRACTION' ? 0.003  ? 1003 ? f_bond_d           ? ? 
'X-RAY DIFFRACTION' ? 0.671  ? 1350 ? f_angle_d          ? ? 
'X-RAY DIFFRACTION' ? 23.339 ? 611  ? f_dihedral_angle_d ? ? 
'X-RAY DIFFRACTION' ? 0.040  ? 140  ? f_chiral_restr     ? ? 
'X-RAY DIFFRACTION' ? 0.002  ? 180  ? f_plane_restr      ? ? 
# 
loop_
_refine_ls_shell.pdbx_refine_id 
_refine_ls_shell.d_res_high 
_refine_ls_shell.d_res_low 
_refine_ls_shell.number_reflns_all 
_refine_ls_shell.number_reflns_obs 
_refine_ls_shell.number_reflns_R_free 
_refine_ls_shell.number_reflns_R_work 
_refine_ls_shell.percent_reflns_obs 
_refine_ls_shell.percent_reflns_R_free 
_refine_ls_shell.R_factor_all 
_refine_ls_shell.R_factor_obs 
_refine_ls_shell.R_factor_R_free 
_refine_ls_shell.R_factor_R_free_error 
_refine_ls_shell.R_factor_R_work 
_refine_ls_shell.redundancy_reflns_all 
_refine_ls_shell.redundancy_reflns_obs 
_refine_ls_shell.wR_factor_all 
_refine_ls_shell.wR_factor_obs 
_refine_ls_shell.wR_factor_R_free 
_refine_ls_shell.wR_factor_R_work 
_refine_ls_shell.pdbx_total_number_of_bins_used 
_refine_ls_shell.pdbx_phase_error 
_refine_ls_shell.pdbx_fsc_work 
_refine_ls_shell.pdbx_fsc_free 
'X-RAY DIFFRACTION' 2.9997 3.7785  . . 116 1065 86.00 . . . 0.3302 . 0.2313 . . . . . . . . . . 
'X-RAY DIFFRACTION' 3.7785 33.8965 . . 136 1214 93.00 . . . 0.2576 . 0.2250 . . . . . . . . . . 
# 
_struct.entry_id                     5ZND 
_struct.title                        '8-mer nanotube derived from 24-mer rHuHF nanocage' 
_struct.pdbx_model_details           ? 
_struct.pdbx_formula_weight          ? 
_struct.pdbx_formula_weight_method   ? 
_struct.pdbx_model_type_details      ? 
_struct.pdbx_CASP_flag               N 
# 
_struct_keywords.entry_id        5ZND 
_struct_keywords.text            'Ferritin, rHuHF, protein redesign, nanotube, METAL BINDING PROTEIN' 
_struct_keywords.pdbx_keywords   'METAL BINDING PROTEIN' 
# 
loop_
_struct_asym.id 
_struct_asym.pdbx_blank_PDB_chainid_flag 
_struct_asym.pdbx_modified 
_struct_asym.entity_id 
_struct_asym.details 
A N N 1 ? 
B N N 2 ? 
# 
loop_
_struct_conf.conf_type_id 
_struct_conf.id 
_struct_conf.pdbx_PDB_helix_id 
_struct_conf.beg_label_comp_id 
_struct_conf.beg_label_asym_id 
_struct_conf.beg_label_seq_id 
_struct_conf.pdbx_beg_PDB_ins_code 
_struct_conf.end_label_comp_id 
_struct_conf.end_label_asym_id 
_struct_conf.end_label_seq_id 
_struct_conf.pdbx_end_PDB_ins_code 
_struct_conf.beg_auth_comp_id 
_struct_conf.beg_auth_asym_id 
_struct_conf.beg_auth_seq_id 
_struct_conf.end_auth_comp_id 
_struct_conf.end_auth_asym_id 
_struct_conf.end_auth_seq_id 
_struct_conf.pdbx_PDB_helix_class 
_struct_conf.details 
_struct_conf.pdbx_PDB_helix_length 
HELX_P HELX_P1 AA1 ASP A 16 ? PHE A 42  ? ASP A 15 PHE A 41  1 ? 27 
HELX_P HELX_P2 AA2 LEU A 49 ? GLN A 76  ? LEU A 48 GLN A 75  1 ? 28 
HELX_P HELX_P3 AA3 SER A 96 ? LYS A 125 ? SER A 95 LYS A 124 1 ? 30 
# 
_struct_conf_type.id          HELX_P 
_struct_conf_type.criteria    ? 
_struct_conf_type.reference   ? 
# 
_atom_sites.entry_id                    5ZND 
_atom_sites.fract_transf_matrix[1][1]   -0.00759113 
_atom_sites.fract_transf_matrix[1][2]   -0.00438928 
_atom_sites.fract_transf_matrix[1][3]   0.00473394 
_atom_sites.fract_transf_matrix[2][1]   -0.00189008 
_atom_sites.fract_transf_matrix[2][2]   0.00849821 
_atom_sites.fract_transf_matrix[2][3]   0.00484864 
_atom_sites.fract_transf_matrix[3][1]   -0.01197891 
_atom_sites.fract_transf_matrix[3][2]   0.00542530 
_atom_sites.fract_transf_matrix[3][3]   -0.01417851 
_atom_sites.fract_transf_vector[1]      0.094490 
_atom_sites.fract_transf_vector[2]      0.763311 
_atom_sites.fract_transf_vector[3]      1.047866 
# 
loop_
_atom_type.symbol 
C 
N 
O 
S 
# 
loop_
_atom_site.group_PDB 
_atom_site.id 
_atom_site.type_symbol 
_atom_site.label_atom_id 
_atom_site.label_alt_id 
_atom_site.label_comp_id 
_atom_site.label_asym_id 
_atom_site.label_entity_id 
_atom_site.label_seq_id 
_atom_site.pdbx_PDB_ins_code 
_atom_site.Cartn_x 
_atom_site.Cartn_y 
_atom_site.Cartn_z 
_atom_site.occupancy 
_atom_site.B_iso_or_equiv 
_atom_site.pdbx_formal_charge 
_atom_site.auth_seq_id 
_atom_site.auth_comp_id 
_atom_site.auth_asym_id 
_atom_site.auth_atom_id 
_atom_site.pdbx_PDB_model_num 
ATOM   1   N N   . GLN A 1 15  ? -15.670 -3.419  -18.044 1.00 76.12  ? 14  GLN A N   1 
ATOM   2   C CA  . GLN A 1 15  ? -15.420 -2.450  -16.983 1.00 90.10  ? 14  GLN A CA  1 
ATOM   3   C C   . GLN A 1 15  ? -15.223 -3.147  -15.638 1.00 98.06  ? 14  GLN A C   1 
ATOM   4   O O   . GLN A 1 15  ? -15.857 -2.800  -14.636 1.00 73.31  ? 14  GLN A O   1 
ATOM   5   C CB  . GLN A 1 15  ? -16.560 -1.433  -16.910 1.00 89.54  ? 14  GLN A CB  1 
ATOM   6   C CG  . GLN A 1 15  ? -16.432 -0.318  -17.940 1.00 98.44  ? 14  GLN A CG  1 
ATOM   7   C CD  . GLN A 1 15  ? -17.763 0.310   -18.309 1.00 101.80 ? 14  GLN A CD  1 
ATOM   8   O OE1 . GLN A 1 15  ? -18.825 -0.250  -18.039 1.00 107.75 ? 14  GLN A OE1 1 
ATOM   9   N NE2 . GLN A 1 15  ? -17.710 1.479   -18.936 1.00 83.20  ? 14  GLN A NE2 1 
ATOM   10  N N   . ASP A 1 16  ? -14.331 -4.139  -15.638 1.00 98.52  ? 15  ASP A N   1 
ATOM   11  C CA  . ASP A 1 16  ? -13.877 -4.818  -14.420 1.00 101.73 ? 15  ASP A CA  1 
ATOM   12  C C   . ASP A 1 16  ? -12.872 -3.995  -13.628 1.00 96.92  ? 15  ASP A C   1 
ATOM   13  O O   . ASP A 1 16  ? -12.378 -4.468  -12.597 1.00 77.04  ? 15  ASP A O   1 
ATOM   14  C CB  . ASP A 1 16  ? -13.408 -6.230  -14.766 1.00 100.17 ? 15  ASP A CB  1 
ATOM   15  C CG  . ASP A 1 16  ? -13.704 -7.227  -13.661 1.00 100.89 ? 15  ASP A CG  1 
ATOM   16  O OD1 . ASP A 1 16  ? -13.784 -6.813  -12.486 1.00 103.34 ? 15  ASP A OD1 1 
ATOM   17  O OD2 . ASP A 1 16  ? -13.860 -8.428  -13.973 1.00 101.01 ? 15  ASP A OD2 1 
ATOM   18  N N   . SER A 1 17  ? -12.548 -2.783  -14.088 1.00 105.78 ? 16  SER A N   1 
ATOM   19  C CA  . SER A 1 17  ? -11.564 -1.956  -13.393 1.00 77.94  ? 16  SER A CA  1 
ATOM   20  C C   . SER A 1 17  ? -11.940 -1.489  -11.999 1.00 67.97  ? 16  SER A C   1 
ATOM   21  O O   . SER A 1 17  ? -11.049 -1.284  -11.170 1.00 72.46  ? 16  SER A O   1 
ATOM   22  C CB  . SER A 1 17  ? -11.250 -0.738  -14.277 1.00 88.55  ? 16  SER A CB  1 
ATOM   23  O OG  . SER A 1 17  ? -12.386 0.099   -14.413 1.00 94.44  ? 16  SER A OG  1 
ATOM   24  N N   . GLU A 1 18  ? -13.237 -1.319  -11.718 1.00 61.26  ? 17  GLU A N   1 
ATOM   25  C CA  . GLU A 1 18  ? -13.664 -0.943  -10.373 1.00 58.81  ? 17  GLU A CA  1 
ATOM   26  C C   . GLU A 1 18  ? -13.153 -1.933  -9.334  1.00 66.18  ? 17  GLU A C   1 
ATOM   27  O O   . GLU A 1 18  ? -12.763 -1.538  -8.228  1.00 63.67  ? 17  GLU A O   1 
ATOM   28  C CB  . GLU A 1 18  ? -15.189 -0.843  -10.315 1.00 61.98  ? 17  GLU A CB  1 
ATOM   29  C CG  . GLU A 1 18  ? -15.761 -0.858  -8.905  1.00 53.16  ? 17  GLU A CG  1 
ATOM   30  C CD  . GLU A 1 18  ? -17.278 -0.871  -8.889  1.00 81.90  ? 17  GLU A CD  1 
ATOM   31  O OE1 . GLU A 1 18  ? -17.884 0.153   -9.267  1.00 86.83  ? 17  GLU A OE1 1 
ATOM   32  O OE2 . GLU A 1 18  ? -17.861 -1.908  -8.506  1.00 88.97  ? 17  GLU A OE2 1 
ATOM   33  N N   . ALA A 1 19  ? -13.142 -3.224  -9.671  1.00 61.10  ? 18  ALA A N   1 
ATOM   34  C CA  . ALA A 1 19  ? -12.552 -4.205  -8.769  1.00 63.21  ? 18  ALA A CA  1 
ATOM   35  C C   . ALA A 1 19  ? -11.077 -3.909  -8.526  1.00 65.59  ? 18  ALA A C   1 
ATOM   36  O O   . ALA A 1 19  ? -10.588 -4.041  -7.399  1.00 63.88  ? 18  ALA A O   1 
ATOM   37  C CB  . ALA A 1 19  ? -12.736 -5.615  -9.330  1.00 73.19  ? 18  ALA A CB  1 
ATOM   38  N N   . ALA A 1 20  ? -10.354 -3.493  -9.567  1.00 57.10  ? 19  ALA A N   1 
ATOM   39  C CA  . ALA A 1 20  ? -8.942  -3.172  -9.401  1.00 53.68  ? 19  ALA A CA  1 
ATOM   40  C C   . ALA A 1 20  ? -8.722  -1.873  -8.635  1.00 49.87  ? 19  ALA A C   1 
ATOM   41  O O   . ALA A 1 20  ? -7.641  -1.684  -8.068  1.00 40.85  ? 19  ALA A O   1 
ATOM   42  C CB  . ALA A 1 20  ? -8.254  -3.102  -10.766 1.00 54.37  ? 19  ALA A CB  1 
ATOM   43  N N   . ILE A 1 21  ? -9.706  -0.974  -8.603  1.00 58.45  ? 20  ILE A N   1 
ATOM   44  C CA  . ILE A 1 21  ? -9.572  0.240   -7.799  1.00 54.42  ? 20  ILE A CA  1 
ATOM   45  C C   . ILE A 1 21  ? -9.626  -0.106  -6.317  1.00 53.68  ? 20  ILE A C   1 
ATOM   46  O O   . ILE A 1 21  ? -8.694  0.181   -5.559  1.00 52.05  ? 20  ILE A O   1 
ATOM   47  C CB  . ILE A 1 21  ? -10.660 1.266   -8.159  1.00 52.42  ? 20  ILE A CB  1 
ATOM   48  C CG1 . ILE A 1 21  ? -10.774 1.445   -9.672  1.00 67.39  ? 20  ILE A CG1 1 
ATOM   49  C CG2 . ILE A 1 21  ? -10.365 2.599   -7.482  1.00 40.74  ? 20  ILE A CG2 1 
ATOM   50  C CD1 . ILE A 1 21  ? -9.597  2.122   -10.306 1.00 53.79  ? 20  ILE A CD1 1 
ATOM   51  N N   . ASN A 1 22  ? -10.726 -0.732  -5.887  1.00 41.46  ? 21  ASN A N   1 
ATOM   52  C CA  . ASN A 1 22  ? -10.872 -1.103  -4.483  1.00 42.32  ? 21  ASN A CA  1 
ATOM   53  C C   . ASN A 1 22  ? -9.787  -2.079  -4.039  1.00 48.37  ? 21  ASN A C   1 
ATOM   54  O O   . ASN A 1 22  ? -9.434  -2.112  -2.855  1.00 38.20  ? 21  ASN A O   1 
ATOM   55  C CB  . ASN A 1 22  ? -12.262 -1.693  -4.241  1.00 52.27  ? 21  ASN A CB  1 
ATOM   56  C CG  . ASN A 1 22  ? -13.375 -0.697  -4.529  1.00 60.05  ? 21  ASN A CG  1 
ATOM   57  O OD1 . ASN A 1 22  ? -13.246 0.492   -4.239  1.00 53.32  ? 21  ASN A OD1 1 
ATOM   58  N ND2 . ASN A 1 22  ? -14.469 -1.177  -5.111  1.00 53.14  ? 21  ASN A ND2 1 
ATOM   59  N N   . ARG A 1 23  ? -9.243  -2.876  -4.969  1.00 49.34  ? 22  ARG A N   1 
ATOM   60  C CA  . ARG A 1 23  ? -8.125  -3.756  -4.631  1.00 46.03  ? 22  ARG A CA  1 
ATOM   61  C C   . ARG A 1 23  ? -6.822  -2.975  -4.516  1.00 39.68  ? 22  ARG A C   1 
ATOM   62  O O   . ARG A 1 23  ? -5.954  -3.326  -3.707  1.00 47.36  ? 22  ARG A O   1 
ATOM   63  C CB  . ARG A 1 23  ? -7.985  -4.874  -5.666  1.00 54.19  ? 22  ARG A CB  1 
ATOM   64  C CG  . ARG A 1 23  ? -8.995  -6.000  -5.516  1.00 70.07  ? 22  ARG A CG  1 
ATOM   65  C CD  . ARG A 1 23  ? -8.660  -7.174  -6.435  1.00 81.80  ? 22  ARG A CD  1 
ATOM   66  N NE  . ARG A 1 23  ? -8.598  -6.786  -7.843  1.00 76.72  ? 22  ARG A NE  1 
ATOM   67  C CZ  . ARG A 1 23  ? -8.278  -7.614  -8.833  1.00 66.41  ? 22  ARG A CZ  1 
ATOM   68  N NH1 . ARG A 1 23  ? -7.989  -8.883  -8.575  1.00 63.48  ? 22  ARG A NH1 1 
ATOM   69  N NH2 . ARG A 1 23  ? -8.246  -7.173  -10.084 1.00 69.06  ? 22  ARG A NH2 1 
ATOM   70  N N   . GLN A 1 24  ? -6.663  -1.922  -5.323  1.00 39.46  ? 23  GLN A N   1 
ATOM   71  C CA  . GLN A 1 24  ? -5.510  -1.042  -5.165  1.00 32.97  ? 23  GLN A CA  1 
ATOM   72  C C   . GLN A 1 24  ? -5.647  -0.182  -3.917  1.00 29.51  ? 23  GLN A C   1 
ATOM   73  O O   . GLN A 1 24  ? -4.652  0.094   -3.239  1.00 34.70  ? 23  GLN A O   1 
ATOM   74  C CB  . GLN A 1 24  ? -5.352  -0.162  -6.405  1.00 49.46  ? 23  GLN A CB  1 
ATOM   75  C CG  . GLN A 1 24  ? -4.105  0.700   -6.417  1.00 38.05  ? 23  GLN A CG  1 
ATOM   76  C CD  . GLN A 1 24  ? -2.852  -0.107  -6.629  1.00 41.17  ? 23  GLN A CD  1 
ATOM   77  O OE1 . GLN A 1 24  ? -2.875  -1.162  -7.263  1.00 55.11  ? 23  GLN A OE1 1 
ATOM   78  N NE2 . GLN A 1 24  ? -1.747  0.380   -6.095  1.00 48.70  ? 23  GLN A NE2 1 
ATOM   79  N N   . ILE A 1 25  ? -6.872  0.246   -3.605  1.00 34.41  ? 24  ILE A N   1 
ATOM   80  C CA  . ILE A 1 25  ? -7.133  0.978   -2.371  1.00 33.59  ? 24  ILE A CA  1 
ATOM   81  C C   . ILE A 1 25  ? -6.784  0.124   -1.159  1.00 41.64  ? 24  ILE A C   1 
ATOM   82  O O   . ILE A 1 25  ? -6.036  0.551   -0.273  1.00 53.49  ? 24  ILE A O   1 
ATOM   83  C CB  . ILE A 1 25  ? -8.603  1.432   -2.323  1.00 45.30  ? 24  ILE A CB  1 
ATOM   84  C CG1 . ILE A 1 25  ? -8.840  2.616   -3.264  1.00 55.50  ? 24  ILE A CG1 1 
ATOM   85  C CG2 . ILE A 1 25  ? -9.019  1.772   -0.901  1.00 49.15  ? 24  ILE A CG2 1 
ATOM   86  C CD1 . ILE A 1 25  ? -10.247 3.184   -3.195  1.00 32.73  ? 24  ILE A CD1 1 
ATOM   87  N N   . ASN A 1 26  ? -7.326  -1.093  -1.097  1.00 33.44  ? 25  ASN A N   1 
ATOM   88  C CA  . ASN A 1 26  ? -7.052  -1.952  0.047   1.00 42.99  ? 25  ASN A CA  1 
ATOM   89  C C   . ASN A 1 26  ? -5.622  -2.474  0.068   1.00 42.08  ? 25  ASN A C   1 
ATOM   90  O O   . ASN A 1 26  ? -5.187  -2.974  1.109   1.00 52.34  ? 25  ASN A O   1 
ATOM   91  C CB  . ASN A 1 26  ? -8.027  -3.130  0.077   1.00 54.76  ? 25  ASN A CB  1 
ATOM   92  C CG  . ASN A 1 26  ? -8.387  -3.548  1.489   1.00 48.13  ? 25  ASN A CG  1 
ATOM   93  O OD1 . ASN A 1 26  ? -9.230  -2.924  2.136   1.00 47.88  ? 25  ASN A OD1 1 
ATOM   94  N ND2 . ASN A 1 26  ? -7.745  -4.603  1.978   1.00 41.46  ? 25  ASN A ND2 1 
ATOM   95  N N   . LEU A 1 27  ? -4.886  -2.375  -1.042  1.00 33.77  ? 26  LEU A N   1 
ATOM   96  C CA  . LEU A 1 27  ? -3.521  -2.892  -1.056  1.00 40.50  ? 26  LEU A CA  1 
ATOM   97  C C   . LEU A 1 27  ? -2.547  -1.892  -0.458  1.00 43.91  ? 26  LEU A C   1 
ATOM   98  O O   . LEU A 1 27  ? -1.623  -2.278  0.269   1.00 31.47  ? 26  LEU A O   1 
ATOM   99  C CB  . LEU A 1 27  ? -3.103  -3.256  -2.479  1.00 38.67  ? 26  LEU A CB  1 
ATOM   100 C CG  . LEU A 1 27  ? -1.627  -3.581  -2.696  1.00 45.63  ? 26  LEU A CG  1 
ATOM   101 C CD1 . LEU A 1 27  ? -1.194  -4.823  -1.921  1.00 37.74  ? 26  LEU A CD1 1 
ATOM   102 C CD2 . LEU A 1 27  ? -1.354  -3.746  -4.179  1.00 47.90  ? 26  LEU A CD2 1 
ATOM   103 N N   . GLU A 1 28  ? -2.741  -0.606  -0.752  1.00 50.50  ? 27  GLU A N   1 
ATOM   104 C CA  . GLU A 1 28  ? -1.922  0.422   -0.123  1.00 40.64  ? 27  GLU A CA  1 
ATOM   105 C C   . GLU A 1 28  ? -2.300  0.600   1.340   1.00 31.65  ? 27  GLU A C   1 
ATOM   106 O O   . GLU A 1 28  ? -1.420  0.753   2.195   1.00 33.67  ? 27  GLU A O   1 
ATOM   107 C CB  . GLU A 1 28  ? -2.056  1.730   -0.895  1.00 41.04  ? 27  GLU A CB  1 
ATOM   108 C CG  . GLU A 1 28  ? -1.700  1.571   -2.364  1.00 38.66  ? 27  GLU A CG  1 
ATOM   109 C CD  . GLU A 1 28  ? -1.490  2.894   -3.060  1.00 55.69  ? 27  GLU A CD  1 
ATOM   110 O OE1 . GLU A 1 28  ? -0.720  2.944   -4.046  1.00 64.40  ? 27  GLU A OE1 1 
ATOM   111 O OE2 . GLU A 1 28  ? -2.095  3.889   -2.612  1.00 63.55  ? 27  GLU A OE2 1 
ATOM   112 N N   . LEU A 1 29  ? -3.603  0.558   1.648   1.00 34.79  ? 28  LEU A N   1 
ATOM   113 C CA  . LEU A 1 29  ? -4.050  0.528   3.040   1.00 41.32  ? 28  LEU A CA  1 
ATOM   114 C C   . LEU A 1 29  ? -3.386  -0.604  3.812   1.00 35.62  ? 28  LEU A C   1 
ATOM   115 O O   . LEU A 1 29  ? -2.925  -0.407  4.943   1.00 37.15  ? 28  LEU A O   1 
ATOM   116 C CB  . LEU A 1 29  ? -5.570  0.384   3.110   1.00 42.15  ? 28  LEU A CB  1 
ATOM   117 C CG  . LEU A 1 29  ? -6.446  1.628   2.992   1.00 33.43  ? 28  LEU A CG  1 
ATOM   118 C CD1 . LEU A 1 29  ? -7.903  1.212   2.923   1.00 41.61  ? 28  LEU A CD1 1 
ATOM   119 C CD2 . LEU A 1 29  ? -6.208  2.559   4.170   1.00 54.87  ? 28  LEU A CD2 1 
ATOM   120 N N   . TYR A 1 30  ? -3.332  -1.802  3.220   1.00 39.32  ? 29  TYR A N   1 
ATOM   121 C CA  . TYR A 1 30  ? -2.622  -2.916  3.848   1.00 42.94  ? 29  TYR A CA  1 
ATOM   122 C C   . TYR A 1 30  ? -1.130  -2.630  3.961   1.00 35.96  ? 29  TYR A C   1 
ATOM   123 O O   . TYR A 1 30  ? -0.514  -2.922  4.992   1.00 31.47  ? 29  TYR A O   1 
ATOM   124 C CB  . TYR A 1 30  ? -2.861  -4.205  3.057   1.00 37.76  ? 29  TYR A CB  1 
ATOM   125 C CG  . TYR A 1 30  ? -2.111  -5.429  3.562   1.00 31.79  ? 29  TYR A CG  1 
ATOM   126 C CD1 . TYR A 1 30  ? -2.496  -6.069  4.735   1.00 28.86  ? 29  TYR A CD1 1 
ATOM   127 C CD2 . TYR A 1 30  ? -1.037  -5.961  2.844   1.00 27.84  ? 29  TYR A CD2 1 
ATOM   128 C CE1 . TYR A 1 30  ? -1.826  -7.192  5.195   1.00 27.79  ? 29  TYR A CE1 1 
ATOM   129 C CE2 . TYR A 1 30  ? -0.358  -7.088  3.295   1.00 21.89  ? 29  TYR A CE2 1 
ATOM   130 C CZ  . TYR A 1 30  ? -0.758  -7.698  4.474   1.00 36.16  ? 29  TYR A CZ  1 
ATOM   131 O OH  . TYR A 1 30  ? -0.097  -8.818  4.941   1.00 46.37  ? 29  TYR A OH  1 
ATOM   132 N N   . ALA A 1 31  ? -0.534  -2.051  2.914   1.00 34.91  ? 30  ALA A N   1 
ATOM   133 C CA  . ALA A 1 31  ? 0.912   -1.852  2.903   1.00 46.73  ? 30  ALA A CA  1 
ATOM   134 C C   . ALA A 1 31  ? 1.357   -0.911  4.018   1.00 45.47  ? 30  ALA A C   1 
ATOM   135 O O   . ALA A 1 31  ? 2.406   -1.126  4.639   1.00 35.73  ? 30  ALA A O   1 
ATOM   136 C CB  . ALA A 1 31  ? 1.358   -1.328  1.537   1.00 46.67  ? 30  ALA A CB  1 
ATOM   137 N N   . SER A 1 32  ? 0.574   0.136   4.290   1.00 40.26  ? 31  SER A N   1 
ATOM   138 C CA  . SER A 1 32  ? 0.899   1.005   5.414   1.00 42.46  ? 31  SER A CA  1 
ATOM   139 C C   . SER A 1 32  ? 0.720   0.279   6.736   1.00 43.23  ? 31  SER A C   1 
ATOM   140 O O   . SER A 1 32  ? 1.462   0.540   7.690   1.00 53.32  ? 31  SER A O   1 
ATOM   141 C CB  . SER A 1 32  ? 0.039   2.267   5.389   1.00 39.84  ? 31  SER A CB  1 
ATOM   142 O OG  . SER A 1 32  ? -1.318  1.962   5.653   1.00 66.60  ? 31  SER A OG  1 
ATOM   143 N N   . TYR A 1 33  ? -0.247  -0.636  6.812   1.00 37.09  ? 32  TYR A N   1 
ATOM   144 C CA  . TYR A 1 33  ? -0.432  -1.407  8.035   1.00 45.04  ? 32  TYR A CA  1 
ATOM   145 C C   . TYR A 1 33  ? 0.757   -2.324  8.289   1.00 41.84  ? 32  TYR A C   1 
ATOM   146 O O   . TYR A 1 33  ? 1.197   -2.473  9.435   1.00 40.23  ? 32  TYR A O   1 
ATOM   147 C CB  . TYR A 1 33  ? -1.729  -2.210  7.964   1.00 54.84  ? 32  TYR A CB  1 
ATOM   148 C CG  . TYR A 1 33  ? -2.263  -2.626  9.314   1.00 48.25  ? 32  TYR A CG  1 
ATOM   149 C CD1 . TYR A 1 33  ? -1.964  -1.893  10.452  1.00 42.64  ? 32  TYR A CD1 1 
ATOM   150 C CD2 . TYR A 1 33  ? -3.056  -3.757  9.452   1.00 48.31  ? 32  TYR A CD2 1 
ATOM   151 C CE1 . TYR A 1 33  ? -2.449  -2.270  11.688  1.00 49.09  ? 32  TYR A CE1 1 
ATOM   152 C CE2 . TYR A 1 33  ? -3.544  -4.141  10.685  1.00 51.73  ? 32  TYR A CE2 1 
ATOM   153 C CZ  . TYR A 1 33  ? -3.237  -3.394  11.800  1.00 37.73  ? 32  TYR A CZ  1 
ATOM   154 O OH  . TYR A 1 33  ? -3.720  -3.775  13.030  1.00 41.06  ? 32  TYR A OH  1 
ATOM   155 N N   . VAL A 1 34  ? 1.294   -2.947  7.236   1.00 48.55  ? 33  VAL A N   1 
ATOM   156 C CA  . VAL A 1 34  ? 2.515   -3.733  7.395   1.00 55.61  ? 33  VAL A CA  1 
ATOM   157 C C   . VAL A 1 34  ? 3.695   -2.824  7.722   1.00 52.01  ? 33  VAL A C   1 
ATOM   158 O O   . VAL A 1 34  ? 4.549   -3.166  8.549   1.00 40.80  ? 33  VAL A O   1 
ATOM   159 C CB  . VAL A 1 34  ? 2.791   -4.575  6.136   1.00 44.43  ? 33  VAL A CB  1 
ATOM   160 C CG1 . VAL A 1 34  ? 4.034   -5.430  6.338   1.00 38.36  ? 33  VAL A CG1 1 
ATOM   161 C CG2 . VAL A 1 34  ? 1.594   -5.448  5.808   1.00 47.82  ? 33  VAL A CG2 1 
ATOM   162 N N   . TYR A 1 35  ? 3.765   -1.655  7.081   1.00 47.45  ? 34  TYR A N   1 
ATOM   163 C CA  . TYR A 1 35  ? 4.841   -0.716  7.374   1.00 38.44  ? 34  TYR A CA  1 
ATOM   164 C C   . TYR A 1 35  ? 4.775   -0.193  8.800   1.00 43.90  ? 34  TYR A C   1 
ATOM   165 O O   . TYR A 1 35  ? 5.817   0.151   9.370   1.00 42.16  ? 34  TYR A O   1 
ATOM   166 C CB  . TYR A 1 35  ? 4.808   0.446   6.380   1.00 45.14  ? 34  TYR A CB  1 
ATOM   167 C CG  . TYR A 1 35  ? 5.369   0.099   5.019   1.00 42.66  ? 34  TYR A CG  1 
ATOM   168 C CD1 . TYR A 1 35  ? 6.221   -0.983  4.855   1.00 47.70  ? 34  TYR A CD1 1 
ATOM   169 C CD2 . TYR A 1 35  ? 5.050   0.852   3.905   1.00 43.11  ? 34  TYR A CD2 1 
ATOM   170 C CE1 . TYR A 1 35  ? 6.741   -1.304  3.615   1.00 43.56  ? 34  TYR A CE1 1 
ATOM   171 C CE2 . TYR A 1 35  ? 5.565   0.539   2.661   1.00 58.83  ? 34  TYR A CE2 1 
ATOM   172 C CZ  . TYR A 1 35  ? 6.410   -0.541  2.523   1.00 50.32  ? 34  TYR A CZ  1 
ATOM   173 O OH  . TYR A 1 35  ? 6.926   -0.859  1.288   1.00 55.85  ? 34  TYR A OH  1 
ATOM   174 N N   . LEU A 1 36  ? 3.581   -0.142  9.395   1.00 50.21  ? 35  LEU A N   1 
ATOM   175 C CA  . LEU A 1 36  ? 3.447   0.341   10.764  1.00 45.95  ? 35  LEU A CA  1 
ATOM   176 C C   . LEU A 1 36  ? 3.994   -0.665  11.768  1.00 45.92  ? 35  LEU A C   1 
ATOM   177 O O   . LEU A 1 36  ? 4.780   -0.303  12.650  1.00 48.18  ? 35  LEU A O   1 
ATOM   178 C CB  . LEU A 1 36  ? 1.984   0.657   11.072  1.00 44.55  ? 35  LEU A CB  1 
ATOM   179 C CG  . LEU A 1 36  ? 1.694   1.116   12.502  1.00 39.45  ? 35  LEU A CG  1 
ATOM   180 C CD1 . LEU A 1 36  ? 2.447   2.395   12.799  1.00 44.81  ? 35  LEU A CD1 1 
ATOM   181 C CD2 . LEU A 1 36  ? 0.207   1.315   12.703  1.00 46.32  ? 35  LEU A CD2 1 
ATOM   182 N N   . SER A 1 37  ? 3.584   -1.934  11.656  1.00 47.03  ? 36  SER A N   1 
ATOM   183 C CA  . SER A 1 37  ? 4.073   -2.943  12.590  1.00 53.72  ? 36  SER A CA  1 
ATOM   184 C C   . SER A 1 37  ? 5.566   -3.183  12.421  1.00 51.08  ? 36  SER A C   1 
ATOM   185 O O   . SER A 1 37  ? 6.266   -3.410  13.413  1.00 44.90  ? 36  SER A O   1 
ATOM   186 C CB  . SER A 1 37  ? 3.294   -4.249  12.427  1.00 52.56  ? 36  SER A CB  1 
ATOM   187 O OG  . SER A 1 37  ? 3.041   -4.527  11.064  1.00 58.89  ? 36  SER A OG  1 
ATOM   188 N N   . MET A 1 38  ? 6.069   -3.135  11.181  1.00 44.71  ? 37  MET A N   1 
ATOM   189 C CA  . MET A 1 38  ? 7.512   -3.144  10.964  1.00 40.78  ? 37  MET A CA  1 
ATOM   190 C C   . MET A 1 38  ? 8.181   -2.007  11.721  1.00 42.80  ? 37  MET A C   1 
ATOM   191 O O   . MET A 1 38  ? 9.238   -2.195  12.332  1.00 49.89  ? 37  MET A O   1 
ATOM   192 C CB  . MET A 1 38  ? 7.830   -3.032  9.470   1.00 40.13  ? 37  MET A CB  1 
ATOM   193 C CG  . MET A 1 38  ? 7.641   -4.293  8.647   1.00 40.89  ? 37  MET A CG  1 
ATOM   194 S SD  . MET A 1 38  ? 8.233   -4.053  6.953   1.00 43.89  ? 37  MET A SD  1 
ATOM   195 C CE  . MET A 1 38  ? 7.911   -5.656  6.226   1.00 51.52  ? 37  MET A CE  1 
ATOM   196 N N   . SER A 1 39  ? 7.585   -0.814  11.687  1.00 44.01  ? 38  SER A N   1 
ATOM   197 C CA  . SER A 1 39  ? 8.189   0.333   12.356  1.00 44.02  ? 38  SER A CA  1 
ATOM   198 C C   . SER A 1 39  ? 8.265   0.114   13.860  1.00 46.44  ? 38  SER A C   1 
ATOM   199 O O   . SER A 1 39  ? 9.337   0.226   14.461  1.00 48.53  ? 38  SER A O   1 
ATOM   200 C CB  . SER A 1 39  ? 7.401   1.601   12.037  1.00 43.67  ? 38  SER A CB  1 
ATOM   201 O OG  . SER A 1 39  ? 7.724   2.639   12.944  1.00 37.82  ? 38  SER A OG  1 
ATOM   202 N N   . TYR A 1 40  ? 7.138   -0.213  14.485  1.00 42.90  ? 39  TYR A N   1 
ATOM   203 C CA  . TYR A 1 40  ? 7.126   -0.327  15.935  1.00 39.36  ? 39  TYR A CA  1 
ATOM   204 C C   . TYR A 1 40  ? 7.731   -1.629  16.438  1.00 45.97  ? 39  TYR A C   1 
ATOM   205 O O   . TYR A 1 40  ? 7.935   -1.765  17.648  1.00 41.50  ? 39  TYR A O   1 
ATOM   206 C CB  . TYR A 1 40  ? 5.701   -0.144  16.447  1.00 40.02  ? 39  TYR A CB  1 
ATOM   207 C CG  . TYR A 1 40  ? 5.253   1.285   16.272  1.00 43.61  ? 39  TYR A CG  1 
ATOM   208 C CD1 . TYR A 1 40  ? 6.186   2.307   16.160  1.00 59.38  ? 39  TYR A CD1 1 
ATOM   209 C CD2 . TYR A 1 40  ? 3.918   1.617   16.199  1.00 43.33  ? 39  TYR A CD2 1 
ATOM   210 C CE1 . TYR A 1 40  ? 5.797   3.619   15.992  1.00 53.50  ? 39  TYR A CE1 1 
ATOM   211 C CE2 . TYR A 1 40  ? 3.518   2.933   16.035  1.00 44.05  ? 39  TYR A CE2 1 
ATOM   212 C CZ  . TYR A 1 40  ? 4.462   3.927   15.930  1.00 35.93  ? 39  TYR A CZ  1 
ATOM   213 O OH  . TYR A 1 40  ? 4.071   5.237   15.763  1.00 48.93  ? 39  TYR A OH  1 
ATOM   214 N N   . TYR A 1 41  ? 8.042   -2.571  15.542  1.00 58.68  ? 40  TYR A N   1 
ATOM   215 C CA  . TYR A 1 41  ? 8.856   -3.717  15.932  1.00 48.93  ? 40  TYR A CA  1 
ATOM   216 C C   . TYR A 1 41  ? 10.272  -3.281  16.275  1.00 45.67  ? 40  TYR A C   1 
ATOM   217 O O   . TYR A 1 41  ? 10.785  -3.601  17.353  1.00 51.84  ? 40  TYR A O   1 
ATOM   218 C CB  . TYR A 1 41  ? 8.879   -4.764  14.819  1.00 57.50  ? 40  TYR A CB  1 
ATOM   219 C CG  . TYR A 1 41  ? 10.037  -5.731  14.937  1.00 58.08  ? 40  TYR A CG  1 
ATOM   220 C CD1 . TYR A 1 41  ? 10.012  -6.768  15.863  1.00 50.31  ? 40  TYR A CD1 1 
ATOM   221 C CD2 . TYR A 1 41  ? 11.161  -5.599  14.128  1.00 54.34  ? 40  TYR A CD2 1 
ATOM   222 C CE1 . TYR A 1 41  ? 11.070  -7.648  15.977  1.00 51.91  ? 40  TYR A CE1 1 
ATOM   223 C CE2 . TYR A 1 41  ? 12.224  -6.476  14.237  1.00 57.35  ? 40  TYR A CE2 1 
ATOM   224 C CZ  . TYR A 1 41  ? 12.174  -7.499  15.162  1.00 60.72  ? 40  TYR A CZ  1 
ATOM   225 O OH  . TYR A 1 41  ? 13.232  -8.374  15.273  1.00 52.08  ? 40  TYR A OH  1 
ATOM   226 N N   . PHE A 1 42  ? 10.922  -2.542  15.369  1.00 42.44  ? 41  PHE A N   1 
ATOM   227 C CA  . PHE A 1 42  ? 12.238  -1.978  15.652  1.00 44.31  ? 41  PHE A CA  1 
ATOM   228 C C   . PHE A 1 42  ? 12.195  -0.910  16.733  1.00 43.52  ? 41  PHE A C   1 
ATOM   229 O O   . PHE A 1 42  ? 13.255  -0.431  17.150  1.00 50.63  ? 41  PHE A O   1 
ATOM   230 C CB  . PHE A 1 42  ? 12.854  -1.399  14.378  1.00 40.07  ? 41  PHE A CB  1 
ATOM   231 C CG  . PHE A 1 42  ? 12.992  -2.399  13.275  1.00 54.67  ? 41  PHE A CG  1 
ATOM   232 C CD1 . PHE A 1 42  ? 13.961  -3.383  13.336  1.00 60.11  ? 41  PHE A CD1 1 
ATOM   233 C CD2 . PHE A 1 42  ? 12.155  -2.358  12.177  1.00 49.81  ? 41  PHE A CD2 1 
ATOM   234 C CE1 . PHE A 1 42  ? 14.092  -4.312  12.324  1.00 44.50  ? 41  PHE A CE1 1 
ATOM   235 C CE2 . PHE A 1 42  ? 12.276  -3.282  11.163  1.00 51.44  ? 41  PHE A CE2 1 
ATOM   236 C CZ  . PHE A 1 42  ? 13.247  -4.261  11.235  1.00 55.96  ? 41  PHE A CZ  1 
ATOM   237 N N   . ASP A 1 43  ? 11.004  -0.525  17.185  1.00 50.81  ? 42  ASP A N   1 
ATOM   238 C CA  . ASP A 1 43  ? 10.855  0.421   18.279  1.00 47.32  ? 42  ASP A CA  1 
ATOM   239 C C   . ASP A 1 43  ? 10.905  -0.244  19.649  1.00 48.72  ? 42  ASP A C   1 
ATOM   240 O O   . ASP A 1 43  ? 11.178  0.439   20.641  1.00 52.41  ? 42  ASP A O   1 
ATOM   241 C CB  . ASP A 1 43  ? 9.536   1.185   18.124  1.00 54.34  ? 42  ASP A CB  1 
ATOM   242 C CG  . ASP A 1 43  ? 9.420   2.357   19.077  1.00 57.15  ? 42  ASP A CG  1 
ATOM   243 O OD1 . ASP A 1 43  ? 10.375  3.160   19.158  1.00 46.31  ? 42  ASP A OD1 1 
ATOM   244 O OD2 . ASP A 1 43  ? 8.367   2.472   19.744  1.00 51.70  ? 42  ASP A OD2 1 
ATOM   245 N N   . ARG A 1 44  ? 10.660  -1.552  19.729  1.00 51.95  ? 43  ARG A N   1 
ATOM   246 C CA  . ARG A 1 44  ? 10.710  -2.242  21.012  1.00 53.26  ? 43  ARG A CA  1 
ATOM   247 C C   . ARG A 1 44  ? 12.111  -2.157  21.600  1.00 57.38  ? 43  ARG A C   1 
ATOM   248 O O   . ARG A 1 44  ? 13.111  -2.310  20.894  1.00 57.33  ? 43  ARG A O   1 
ATOM   249 C CB  . ARG A 1 44  ? 10.313  -3.713  20.866  1.00 58.03  ? 43  ARG A CB  1 
ATOM   250 C CG  . ARG A 1 44  ? 9.086   -3.982  20.019  1.00 52.63  ? 43  ARG A CG  1 
ATOM   251 C CD  . ARG A 1 44  ? 8.355   -5.228  20.506  1.00 67.76  ? 43  ARG A CD  1 
ATOM   252 N NE  . ARG A 1 44  ? 9.260   -6.313  20.886  1.00 76.77  ? 43  ARG A NE  1 
ATOM   253 C CZ  . ARG A 1 44  ? 9.523   -7.376  20.131  1.00 70.53  ? 43  ARG A CZ  1 
ATOM   254 N NH1 . ARG A 1 44  ? 10.354  -8.315  20.565  1.00 70.56  ? 43  ARG A NH1 1 
ATOM   255 N NH2 . ARG A 1 44  ? 8.954   -7.503  18.941  1.00 64.29  ? 43  ARG A NH2 1 
ATOM   256 N N   . ASP A 1 45  ? 12.175  -1.947  22.917  1.00 61.75  ? 44  ASP A N   1 
ATOM   257 C CA  . ASP A 1 45  ? 13.449  -1.766  23.610  1.00 76.37  ? 44  ASP A CA  1 
ATOM   258 C C   . ASP A 1 45  ? 14.415  -2.886  23.230  1.00 65.46  ? 44  ASP A C   1 
ATOM   259 O O   . ASP A 1 45  ? 15.629  -2.679  23.332  1.00 65.06  ? 44  ASP A O   1 
ATOM   260 C CB  . ASP A 1 45  ? 13.219  -1.539  25.108  1.00 82.02  ? 44  ASP A CB  1 
ATOM   261 C CG  . ASP A 1 45  ? 12.459  -0.261  25.404  1.00 81.59  ? 44  ASP A CG  1 
ATOM   262 O OD1 . ASP A 1 45  ? 12.429  0.641   24.544  1.00 71.41  ? 44  ASP A OD1 1 
ATOM   263 O OD2 . ASP A 1 45  ? 11.880  -0.159  26.502  1.00 94.67  ? 44  ASP A OD2 1 
ATOM   264 N N   . ASP A 1 46  ? 13.878  -4.063  22.947  1.00 61.77  ? 45  ASP A N   1 
ATOM   265 C CA  . ASP A 1 46  ? 14.680  -5.247  22.700  1.00 68.58  ? 45  ASP A CA  1 
ATOM   266 C C   . ASP A 1 46  ? 15.437  -5.148  21.433  1.00 77.78  ? 45  ASP A C   1 
ATOM   267 O O   . ASP A 1 46  ? 16.649  -5.098  21.442  1.00 87.94  ? 45  ASP A O   1 
ATOM   268 C CB  . ASP A 1 46  ? 13.854  -6.513  22.805  1.00 64.23  ? 45  ASP A CB  1 
ATOM   269 C CG  . ASP A 1 46  ? 13.008  -6.755  21.620  1.00 71.36  ? 45  ASP A CG  1 
ATOM   270 O OD1 . ASP A 1 46  ? 13.561  -6.874  20.521  1.00 78.63  ? 45  ASP A OD1 1 
ATOM   271 O OD2 . ASP A 1 46  ? 11.787  -6.864  21.788  1.00 84.16  ? 45  ASP A OD2 1 
ATOM   272 N N   . VAL A 1 47  ? 14.816  -4.875  20.308  1.00 69.75  ? 46  VAL A N   1 
ATOM   273 C CA  . VAL A 1 47  ? 15.617  -4.721  19.080  1.00 69.16  ? 46  VAL A CA  1 
ATOM   274 C C   . VAL A 1 47  ? 15.755  -3.292  18.500  1.00 81.17  ? 46  VAL A C   1 
ATOM   275 O O   . VAL A 1 47  ? 15.629  -3.089  17.305  1.00 101.22 ? 46  VAL A O   1 
ATOM   276 C CB  . VAL A 1 47  ? 14.892  -5.519  18.024  1.00 77.20  ? 46  VAL A CB  1 
ATOM   277 C CG1 . VAL A 1 47  ? 14.704  -6.935  18.542  1.00 55.39  ? 46  VAL A CG1 1 
ATOM   278 C CG2 . VAL A 1 47  ? 13.540  -4.876  17.787  1.00 59.23  ? 46  VAL A CG2 1 
ATOM   279 N N   . ALA A 1 48  ? 16.067  -2.334  19.356  1.00 74.41  ? 47  ALA A N   1 
ATOM   280 C CA  . ALA A 1 48  ? 16.047  -0.888  19.141  1.00 64.82  ? 47  ALA A CA  1 
ATOM   281 C C   . ALA A 1 48  ? 16.944  -0.691  17.908  1.00 69.67  ? 47  ALA A C   1 
ATOM   282 O O   . ALA A 1 48  ? 18.140  -0.877  18.002  1.00 79.89  ? 47  ALA A O   1 
ATOM   283 C CB  . ALA A 1 48  ? 16.627  -0.286  20.395  1.00 66.36  ? 47  ALA A CB  1 
ATOM   284 N N   . LEU A 1 49  ? 16.372  -0.228  16.801  1.00 52.80  ? 48  LEU A N   1 
ATOM   285 C CA  . LEU A 1 49  ? 17.057  0.251   15.639  1.00 43.52  ? 48  LEU A CA  1 
ATOM   286 C C   . LEU A 1 49  ? 16.451  1.503   15.119  1.00 51.00  ? 48  LEU A C   1 
ATOM   287 O O   . LEU A 1 49  ? 15.850  1.530   14.091  1.00 58.01  ? 48  LEU A O   1 
ATOM   288 C CB  . LEU A 1 49  ? 16.983  -0.781  14.535  1.00 53.32  ? 48  LEU A CB  1 
ATOM   289 C CG  . LEU A 1 49  ? 17.814  -2.012  14.747  1.00 56.79  ? 48  LEU A CG  1 
ATOM   290 C CD1 . LEU A 1 49  ? 17.429  -3.004  13.689  1.00 51.64  ? 48  LEU A CD1 1 
ATOM   291 C CD2 . LEU A 1 49  ? 19.260  -1.642  14.569  1.00 66.32  ? 48  LEU A CD2 1 
ATOM   292 N N   . LYS A 1 50  ? 16.563  2.584   15.872  1.00 57.20  ? 49  LYS A N   1 
ATOM   293 C CA  . LYS A 1 50  ? 15.805  3.818   15.698  1.00 45.66  ? 49  LYS A CA  1 
ATOM   294 C C   . LYS A 1 50  ? 15.730  4.177   14.209  1.00 42.57  ? 49  LYS A C   1 
ATOM   295 O O   . LYS A 1 50  ? 14.646  4.519   13.724  1.00 43.85  ? 49  LYS A O   1 
ATOM   296 C CB  . LYS A 1 50  ? 16.435  4.921   16.535  1.00 47.03  ? 49  LYS A CB  1 
ATOM   297 C CG  . LYS A 1 50  ? 17.884  5.230   16.218  1.00 53.50  ? 49  LYS A CG  1 
ATOM   298 C CD  . LYS A 1 50  ? 18.404  6.432   16.991  1.00 47.97  ? 49  LYS A CD  1 
ATOM   299 C CE  . LYS A 1 50  ? 19.841  6.738   16.584  1.00 71.33  ? 49  LYS A CE  1 
ATOM   300 N NZ  . LYS A 1 50  ? 20.453  7.851   17.361  1.00 95.48  ? 49  LYS A NZ  1 
ATOM   301 N N   . ASN A 1 51  ? 16.842  4.098   13.475  1.00 46.10  ? 50  ASN A N   1 
ATOM   302 C CA  . ASN A 1 51  ? 16.845  4.516   12.077  1.00 48.47  ? 50  ASN A CA  1 
ATOM   303 C C   . ASN A 1 51  ? 15.969  3.667   11.169  1.00 52.86  ? 50  ASN A C   1 
ATOM   304 O O   . ASN A 1 51  ? 15.629  4.113   10.069  1.00 46.49  ? 50  ASN A O   1 
ATOM   305 C CB  . ASN A 1 51  ? 18.277  4.536   11.546  1.00 54.23  ? 50  ASN A CB  1 
ATOM   306 C CG  . ASN A 1 51  ? 18.984  5.839   11.840  1.00 54.30  ? 50  ASN A CG  1 
ATOM   307 O OD1 . ASN A 1 51  ? 18.429  6.919   11.634  1.00 62.49  ? 50  ASN A OD1 1 
ATOM   308 N ND2 . ASN A 1 51  ? 20.215  5.748   12.327  1.00 40.35  ? 50  ASN A ND2 1 
ATOM   309 N N   . PHE A 1 52  ? 15.607  2.459   11.596  1.00 61.13  ? 51  PHE A N   1 
ATOM   310 C CA  . PHE A 1 52  ? 14.663  1.646   10.841  1.00 42.08  ? 51  PHE A CA  1 
ATOM   311 C C   . PHE A 1 52  ? 13.223  1.915   11.247  1.00 38.14  ? 51  PHE A C   1 
ATOM   312 O O   . PHE A 1 52  ? 12.342  1.987   10.385  1.00 44.77  ? 51  PHE A O   1 
ATOM   313 C CB  . PHE A 1 52  ? 14.981  0.159   11.013  1.00 58.22  ? 51  PHE A CB  1 
ATOM   314 C CG  . PHE A 1 52  ? 15.917  -0.379  9.971   1.00 64.47  ? 51  PHE A CG  1 
ATOM   315 C CD1 . PHE A 1 52  ? 16.266  0.397   8.878   1.00 62.98  ? 51  PHE A CD1 1 
ATOM   316 C CD2 . PHE A 1 52  ? 16.438  -1.658  10.078  1.00 65.56  ? 51  PHE A CD2 1 
ATOM   317 C CE1 . PHE A 1 52  ? 17.120  -0.086  7.916   1.00 57.19  ? 51  PHE A CE1 1 
ATOM   318 C CE2 . PHE A 1 52  ? 17.295  -2.149  9.116   1.00 60.60  ? 51  PHE A CE2 1 
ATOM   319 C CZ  . PHE A 1 52  ? 17.634  -1.361  8.033   1.00 64.08  ? 51  PHE A CZ  1 
ATOM   320 N N   . ALA A 1 53  ? 12.959  2.061   12.547  1.00 39.10  ? 52  ALA A N   1 
ATOM   321 C CA  . ALA A 1 53  ? 11.610  2.398   12.982  1.00 36.11  ? 52  ALA A CA  1 
ATOM   322 C C   . ALA A 1 53  ? 11.147  3.731   12.403  1.00 41.67  ? 52  ALA A C   1 
ATOM   323 O O   . ALA A 1 53  ? 9.945   3.937   12.206  1.00 42.50  ? 52  ALA A O   1 
ATOM   324 C CB  . ALA A 1 53  ? 11.544  2.426   14.507  1.00 36.84  ? 52  ALA A CB  1 
ATOM   325 N N   . LYS A 1 54  ? 12.078  4.647   12.122  1.00 45.36  ? 53  LYS A N   1 
ATOM   326 C CA  . LYS A 1 54  ? 11.692  5.926   11.535  1.00 51.37  ? 53  LYS A CA  1 
ATOM   327 C C   . LYS A 1 54  ? 11.389  5.785   10.049  1.00 41.61  ? 53  LYS A C   1 
ATOM   328 O O   . LYS A 1 54  ? 10.428  6.379   9.546   1.00 41.23  ? 53  LYS A O   1 
ATOM   329 C CB  . LYS A 1 54  ? 12.789  6.970   11.755  1.00 47.63  ? 53  LYS A CB  1 
ATOM   330 C CG  . LYS A 1 54  ? 12.460  8.338   11.167  1.00 62.92  ? 53  LYS A CG  1 
ATOM   331 C CD  . LYS A 1 54  ? 13.565  9.352   11.438  1.00 66.13  ? 53  LYS A CD  1 
ATOM   332 C CE  . LYS A 1 54  ? 13.250  10.707  10.812  1.00 46.57  ? 53  LYS A CE  1 
ATOM   333 N NZ  . LYS A 1 54  ? 14.281  11.730  11.147  1.00 61.25  ? 53  LYS A NZ  1 
ATOM   334 N N   . TYR A 1 55  ? 12.197  5.000   9.337   1.00 46.37  ? 54  TYR A N   1 
ATOM   335 C CA  . TYR A 1 55  ? 11.977  4.804   7.910   1.00 45.31  ? 54  TYR A CA  1 
ATOM   336 C C   . TYR A 1 55  ? 10.650  4.101   7.644   1.00 45.11  ? 54  TYR A C   1 
ATOM   337 O O   . TYR A 1 55  ? 9.914   4.475   6.722   1.00 44.67  ? 54  TYR A O   1 
ATOM   338 C CB  . TYR A 1 55  ? 13.143  4.013   7.321   1.00 38.69  ? 54  TYR A CB  1 
ATOM   339 C CG  . TYR A 1 55  ? 13.005  3.687   5.858   1.00 53.52  ? 54  TYR A CG  1 
ATOM   340 C CD1 . TYR A 1 55  ? 13.468  4.560   4.884   1.00 46.20  ? 54  TYR A CD1 1 
ATOM   341 C CD2 . TYR A 1 55  ? 12.429  2.492   5.449   1.00 56.74  ? 54  TYR A CD2 1 
ATOM   342 C CE1 . TYR A 1 55  ? 13.352  4.253   3.548   1.00 46.92  ? 54  TYR A CE1 1 
ATOM   343 C CE2 . TYR A 1 55  ? 12.306  2.179   4.114   1.00 43.61  ? 54  TYR A CE2 1 
ATOM   344 C CZ  . TYR A 1 55  ? 12.769  3.061   3.168   1.00 48.94  ? 54  TYR A CZ  1 
ATOM   345 O OH  . TYR A 1 55  ? 12.644  2.740   1.835   1.00 77.86  ? 54  TYR A OH  1 
ATOM   346 N N   . PHE A 1 56  ? 10.320  3.086   8.443   1.00 46.03  ? 55  PHE A N   1 
ATOM   347 C CA  . PHE A 1 56  ? 9.081   2.355   8.215   1.00 45.85  ? 55  PHE A CA  1 
ATOM   348 C C   . PHE A 1 56  ? 7.858   3.126   8.691   1.00 34.59  ? 55  PHE A C   1 
ATOM   349 O O   . PHE A 1 56  ? 6.782   2.992   8.098   1.00 31.08  ? 55  PHE A O   1 
ATOM   350 C CB  . PHE A 1 56  ? 9.144   0.988   8.891   1.00 44.87  ? 55  PHE A CB  1 
ATOM   351 C CG  . PHE A 1 56  ? 9.799   -0.067  8.050   1.00 44.04  ? 55  PHE A CG  1 
ATOM   352 C CD1 . PHE A 1 56  ? 9.755   0.009   6.667   1.00 43.13  ? 55  PHE A CD1 1 
ATOM   353 C CD2 . PHE A 1 56  ? 10.464  -1.128  8.638   1.00 43.40  ? 55  PHE A CD2 1 
ATOM   354 C CE1 . PHE A 1 56  ? 10.358  -0.961  5.890   1.00 54.06  ? 55  PHE A CE1 1 
ATOM   355 C CE2 . PHE A 1 56  ? 11.065  -2.103  7.866   1.00 44.79  ? 55  PHE A CE2 1 
ATOM   356 C CZ  . PHE A 1 56  ? 11.016  -2.020  6.492   1.00 46.72  ? 55  PHE A CZ  1 
ATOM   357 N N   . LEU A 1 57  ? 7.995   3.930   9.745   1.00 37.45  ? 56  LEU A N   1 
ATOM   358 C CA  . LEU A 1 57  ? 6.894   4.800   10.135  1.00 35.57  ? 56  LEU A CA  1 
ATOM   359 C C   . LEU A 1 57  ? 6.561   5.786   9.024   1.00 42.24  ? 56  LEU A C   1 
ATOM   360 O O   . LEU A 1 57  ? 5.383   6.030   8.736   1.00 40.84  ? 56  LEU A O   1 
ATOM   361 C CB  . LEU A 1 57  ? 7.235   5.543   11.425  1.00 34.75  ? 56  LEU A CB  1 
ATOM   362 C CG  . LEU A 1 57  ? 6.067   6.252   12.113  1.00 39.61  ? 56  LEU A CG  1 
ATOM   363 C CD1 . LEU A 1 57  ? 4.875   5.315   12.226  1.00 44.64  ? 56  LEU A CD1 1 
ATOM   364 C CD2 . LEU A 1 57  ? 6.476   6.756   13.485  1.00 31.33  ? 56  LEU A CD2 1 
ATOM   365 N N   . HIS A 1 58  ? 7.584   6.341   8.368   1.00 36.46  ? 57  HIS A N   1 
ATOM   366 C CA  . HIS A 1 58  ? 7.327   7.313   7.310   1.00 32.55  ? 57  HIS A CA  1 
ATOM   367 C C   . HIS A 1 58  ? 6.646   6.664   6.114   1.00 36.38  ? 57  HIS A C   1 
ATOM   368 O O   . HIS A 1 58  ? 5.679   7.214   5.574   1.00 38.54  ? 57  HIS A O   1 
ATOM   369 C CB  . HIS A 1 58  ? 8.623   7.995   6.878   1.00 31.82  ? 57  HIS A CB  1 
ATOM   370 C CG  . HIS A 1 58  ? 8.401   9.213   6.037   1.00 22.80  ? 57  HIS A CG  1 
ATOM   371 N ND1 . HIS A 1 58  ? 9.011   9.399   4.816   1.00 16.15  ? 57  HIS A ND1 1 
ATOM   372 C CD2 . HIS A 1 58  ? 7.616   10.297  6.239   1.00 23.82  ? 57  HIS A CD2 1 
ATOM   373 C CE1 . HIS A 1 58  ? 8.617   10.553  4.304   1.00 25.12  ? 57  HIS A CE1 1 
ATOM   374 N NE2 . HIS A 1 58  ? 7.771   11.115  5.145   1.00 39.45  ? 57  HIS A NE2 1 
ATOM   375 N N   . GLN A 1 59  ? 7.136   5.500   5.676   1.00 45.73  ? 58  GLN A N   1 
ATOM   376 C CA  . GLN A 1 59  ? 6.475   4.801   4.578   1.00 48.74  ? 58  GLN A CA  1 
ATOM   377 C C   . GLN A 1 59  ? 5.037   4.443   4.938   1.00 42.78  ? 58  GLN A C   1 
ATOM   378 O O   . GLN A 1 59  ? 4.148   4.514   4.080   1.00 32.13  ? 58  GLN A O   1 
ATOM   379 C CB  . GLN A 1 59  ? 7.270   3.551   4.193   1.00 39.00  ? 58  GLN A CB  1 
ATOM   380 C CG  . GLN A 1 59  ? 8.700   3.829   3.732   1.00 52.46  ? 58  GLN A CG  1 
ATOM   381 C CD  . GLN A 1 59  ? 8.787   4.296   2.286   1.00 55.99  ? 58  GLN A CD  1 
ATOM   382 O OE1 . GLN A 1 59  ? 8.053   5.187   1.861   1.00 37.51  ? 58  GLN A OE1 1 
ATOM   383 N NE2 . GLN A 1 59  ? 9.693   3.689   1.521   1.00 57.93  ? 58  GLN A NE2 1 
ATOM   384 N N   . SER A 1 60  ? 4.790   4.079   6.200   1.00 35.60  ? 59  SER A N   1 
ATOM   385 C CA  . SER A 1 60  ? 3.423   3.852   6.656   1.00 37.98  ? 59  SER A CA  1 
ATOM   386 C C   . SER A 1 60  ? 2.561   5.094   6.455   1.00 45.59  ? 59  SER A C   1 
ATOM   387 O O   . SER A 1 60  ? 1.427   4.997   5.974   1.00 46.38  ? 59  SER A O   1 
ATOM   388 C CB  . SER A 1 60  ? 3.423   3.430   8.126   1.00 44.61  ? 59  SER A CB  1 
ATOM   389 O OG  . SER A 1 60  ? 2.116   3.104   8.570   1.00 49.75  ? 59  SER A OG  1 
ATOM   390 N N   . HIS A 1 61  ? 3.083   6.271   6.812   1.00 42.46  ? 60  HIS A N   1 
ATOM   391 C CA  . HIS A 1 61  ? 2.328   7.498   6.575   1.00 40.57  ? 60  HIS A CA  1 
ATOM   392 C C   . HIS A 1 61  ? 2.276   7.841   5.094   1.00 34.72  ? 60  HIS A C   1 
ATOM   393 O O   . HIS A 1 61  ? 1.280   8.399   4.623   1.00 40.67  ? 60  HIS A O   1 
ATOM   394 C CB  . HIS A 1 61  ? 2.930   8.667   7.355   1.00 45.62  ? 60  HIS A CB  1 
ATOM   395 C CG  . HIS A 1 61  ? 2.949   8.467   8.836   1.00 52.77  ? 60  HIS A CG  1 
ATOM   396 N ND1 . HIS A 1 61  ? 3.501   9.390   9.700   1.00 52.86  ? 60  HIS A ND1 1 
ATOM   397 C CD2 . HIS A 1 61  ? 2.494   7.454   9.612   1.00 48.84  ? 60  HIS A CD2 1 
ATOM   398 C CE1 . HIS A 1 61  ? 3.385   8.955   10.940  1.00 48.23  ? 60  HIS A CE1 1 
ATOM   399 N NE2 . HIS A 1 61  ? 2.777   7.782   10.915  1.00 41.45  ? 60  HIS A NE2 1 
ATOM   400 N N   . GLU A 1 62  ? 3.335   7.521   4.348   1.00 47.57  ? 61  GLU A N   1 
ATOM   401 C CA  . GLU A 1 62  ? 3.349   7.814   2.918   1.00 53.22  ? 61  GLU A CA  1 
ATOM   402 C C   . GLU A 1 62  ? 2.315   6.982   2.167   1.00 49.87  ? 61  GLU A C   1 
ATOM   403 O O   . GLU A 1 62  ? 1.645   7.491   1.261   1.00 47.82  ? 61  GLU A O   1 
ATOM   404 C CB  . GLU A 1 62  ? 4.747   7.573   2.346   1.00 41.40  ? 61  GLU A CB  1 
ATOM   405 C CG  . GLU A 1 62  ? 5.738   8.696   2.612   1.00 39.75  ? 61  GLU A CG  1 
ATOM   406 C CD  . GLU A 1 62  ? 5.451   9.934   1.783   1.00 51.09  ? 61  GLU A CD  1 
ATOM   407 O OE1 . GLU A 1 62  ? 4.766   10.850  2.287   1.00 47.28  ? 61  GLU A OE1 1 
ATOM   408 O OE2 . GLU A 1 62  ? 5.904   9.983   0.621   1.00 42.60  ? 61  GLU A OE2 1 
ATOM   409 N N   . GLU A 1 63  ? 2.177   5.700   2.519   1.00 43.79  ? 62  GLU A N   1 
ATOM   410 C CA  . GLU A 1 63  ? 1.197   4.861   1.836   1.00 45.20  ? 62  GLU A CA  1 
ATOM   411 C C   . GLU A 1 63  ? -0.220  5.205   2.275   1.00 40.42  ? 62  GLU A C   1 
ATOM   412 O O   . GLU A 1 63  ? -1.141  5.230   1.451   1.00 47.06  ? 62  GLU A O   1 
ATOM   413 C CB  . GLU A 1 63  ? 1.484   3.378   2.083   1.00 38.58  ? 62  GLU A CB  1 
ATOM   414 C CG  . GLU A 1 63  ? 2.769   2.858   1.446   1.00 53.23  ? 62  GLU A CG  1 
ATOM   415 C CD  . GLU A 1 63  ? 2.761   2.915   -0.075  1.00 60.56  ? 62  GLU A CD  1 
ATOM   416 O OE1 . GLU A 1 63  ? 3.842   3.140   -0.662  1.00 62.56  ? 62  GLU A OE1 1 
ATOM   417 O OE2 . GLU A 1 63  ? 1.684   2.731   -0.682  1.00 43.52  ? 62  GLU A OE2 1 
ATOM   418 N N   . ARG A 1 64  ? -0.416  5.475   3.567   1.00 42.47  ? 63  ARG A N   1 
ATOM   419 C CA  . ARG A 1 64  ? -1.747  5.847   4.031   1.00 44.32  ? 63  ARG A CA  1 
ATOM   420 C C   . ARG A 1 64  ? -2.233  7.115   3.343   1.00 49.87  ? 63  ARG A C   1 
ATOM   421 O O   . ARG A 1 64  ? -3.424  7.236   3.033   1.00 56.81  ? 63  ARG A O   1 
ATOM   422 C CB  . ARG A 1 64  ? -1.751  6.011   5.551   1.00 41.75  ? 63  ARG A CB  1 
ATOM   423 C CG  . ARG A 1 64  ? -3.122  5.838   6.187   1.00 55.74  ? 63  ARG A CG  1 
ATOM   424 C CD  . ARG A 1 64  ? -3.866  7.158   6.267   1.00 68.65  ? 63  ARG A CD  1 
ATOM   425 N NE  . ARG A 1 64  ? -3.545  7.904   7.479   1.00 76.34  ? 63  ARG A NE  1 
ATOM   426 C CZ  . ARG A 1 64  ? -3.706  9.217   7.608   1.00 74.02  ? 63  ARG A CZ  1 
ATOM   427 N NH1 . ARG A 1 64  ? -3.402  9.820   8.750   1.00 69.44  ? 63  ARG A NH1 1 
ATOM   428 N NH2 . ARG A 1 64  ? -4.165  9.933   6.591   1.00 62.52  ? 63  ARG A NH2 1 
ATOM   429 N N   . GLU A 1 65  ? -1.328  8.056   3.075   1.00 59.11  ? 64  GLU A N   1 
ATOM   430 C CA  . GLU A 1 65  ? -1.706  9.252   2.330   1.00 55.61  ? 64  GLU A CA  1 
ATOM   431 C C   . GLU A 1 65  ? -1.988  8.923   0.869   1.00 46.17  ? 64  GLU A C   1 
ATOM   432 O O   . GLU A 1 65  ? -2.993  9.370   0.307   1.00 64.28  ? 64  GLU A O   1 
ATOM   433 C CB  . GLU A 1 65  ? -0.607  10.309  2.442   1.00 77.12  ? 64  GLU A CB  1 
ATOM   434 C CG  . GLU A 1 65  ? -1.015  11.559  3.207   1.00 100.23 ? 64  GLU A CG  1 
ATOM   435 C CD  . GLU A 1 65  ? -2.183  12.285  2.562   1.00 105.91 ? 64  GLU A CD  1 
ATOM   436 O OE1 . GLU A 1 65  ? -3.089  12.728  3.299   1.00 112.31 ? 64  GLU A OE1 1 
ATOM   437 O OE2 . GLU A 1 65  ? -2.198  12.409  1.318   1.00 100.48 ? 64  GLU A OE2 1 
ATOM   438 N N   . HIS A 1 66  ? -1.111  8.140   0.235   1.00 39.32  ? 65  HIS A N   1 
ATOM   439 C CA  . HIS A 1 66  ? -1.320  7.801   -1.168  1.00 39.60  ? 65  HIS A CA  1 
ATOM   440 C C   . HIS A 1 66  ? -2.575  6.965   -1.361  1.00 48.01  ? 65  HIS A C   1 
ATOM   441 O O   . HIS A 1 66  ? -3.209  7.037   -2.420  1.00 43.66  ? 65  HIS A O   1 
ATOM   442 C CB  . HIS A 1 66  ? -0.108  7.060   -1.727  1.00 44.11  ? 65  HIS A CB  1 
ATOM   443 C CG  . HIS A 1 66  ? -0.123  6.931   -3.219  1.00 49.81  ? 65  HIS A CG  1 
ATOM   444 N ND1 . HIS A 1 66  ? -0.165  5.714   -3.865  1.00 51.83  ? 65  HIS A ND1 1 
ATOM   445 C CD2 . HIS A 1 66  ? -0.120  7.873   -4.191  1.00 53.93  ? 65  HIS A CD2 1 
ATOM   446 C CE1 . HIS A 1 66  ? -0.177  5.912   -5.172  1.00 55.02  ? 65  HIS A CE1 1 
ATOM   447 N NE2 . HIS A 1 66  ? -0.150  7.212   -5.396  1.00 74.23  ? 65  HIS A NE2 1 
ATOM   448 N N   . ALA A 1 67  ? -2.952  6.173   -0.355  1.00 52.85  ? 66  ALA A N   1 
ATOM   449 C CA  . ALA A 1 67  ? -4.186  5.402   -0.447  1.00 45.09  ? 66  ALA A CA  1 
ATOM   450 C C   . ALA A 1 67  ? -5.410  6.308   -0.400  1.00 46.17  ? 66  ALA A C   1 
ATOM   451 O O   . ALA A 1 67  ? -6.417  6.037   -1.063  1.00 46.57  ? 66  ALA A O   1 
ATOM   452 C CB  . ALA A 1 67  ? -4.241  4.365   0.672   1.00 44.60  ? 66  ALA A CB  1 
ATOM   453 N N   . GLU A 1 68  ? -5.346  7.385   0.384   1.00 45.86  ? 67  GLU A N   1 
ATOM   454 C CA  . GLU A 1 68  ? -6.448  8.340   0.410   1.00 55.82  ? 67  GLU A CA  1 
ATOM   455 C C   . GLU A 1 68  ? -6.478  9.210   -0.842  1.00 49.35  ? 67  GLU A C   1 
ATOM   456 O O   . GLU A 1 68  ? -7.558  9.638   -1.269  1.00 38.79  ? 67  GLU A O   1 
ATOM   457 C CB  . GLU A 1 68  ? -6.355  9.209   1.665   1.00 46.37  ? 67  GLU A CB  1 
ATOM   458 C CG  . GLU A 1 68  ? -6.378  8.413   2.958   1.00 53.25  ? 67  GLU A CG  1 
ATOM   459 C CD  . GLU A 1 68  ? -6.323  9.293   4.190   1.00 61.80  ? 67  GLU A CD  1 
ATOM   460 O OE1 . GLU A 1 68  ? -6.198  10.526  4.037   1.00 57.88  ? 67  GLU A OE1 1 
ATOM   461 O OE2 . GLU A 1 68  ? -6.409  8.747   5.310   1.00 62.18  ? 67  GLU A OE2 1 
ATOM   462 N N   . LYS A 1 69  ? -5.318  9.484   -1.444  1.00 32.98  ? 68  LYS A N   1 
ATOM   463 C CA  . LYS A 1 69  ? -5.303  10.228  -2.697  1.00 47.53  ? 68  LYS A CA  1 
ATOM   464 C C   . LYS A 1 69  ? -6.075  9.484   -3.780  1.00 54.85  ? 68  LYS A C   1 
ATOM   465 O O   . LYS A 1 69  ? -6.816  10.095  -4.561  1.00 50.79  ? 68  LYS A O   1 
ATOM   466 C CB  . LYS A 1 69  ? -3.863  10.488  -3.138  1.00 45.45  ? 68  LYS A CB  1 
ATOM   467 C CG  . LYS A 1 69  ? -3.737  11.395  -4.351  1.00 40.79  ? 68  LYS A CG  1 
ATOM   468 C CD  . LYS A 1 69  ? -2.282  11.583  -4.774  1.00 58.43  ? 68  LYS A CD  1 
ATOM   469 C CE  . LYS A 1 69  ? -2.184  12.248  -6.143  1.00 49.33  ? 68  LYS A CE  1 
ATOM   470 N NZ  . LYS A 1 69  ? -0.772  12.474  -6.558  1.00 50.94  ? 68  LYS A NZ  1 
ATOM   471 N N   . LEU A 1 70  ? -5.924  8.158   -3.834  1.00 57.34  ? 69  LEU A N   1 
ATOM   472 C CA  . LEU A 1 70  ? -6.657  7.365   -4.815  1.00 40.50  ? 69  LEU A CA  1 
ATOM   473 C C   . LEU A 1 70  ? -8.147  7.319   -4.500  1.00 45.74  ? 69  LEU A C   1 
ATOM   474 O O   . LEU A 1 70  ? -8.967  7.240   -5.420  1.00 47.98  ? 69  LEU A O   1 
ATOM   475 C CB  . LEU A 1 70  ? -6.090  5.946   -4.880  1.00 57.61  ? 69  LEU A CB  1 
ATOM   476 C CG  . LEU A 1 70  ? -4.618  5.801   -5.276  1.00 56.69  ? 69  LEU A CG  1 
ATOM   477 C CD1 . LEU A 1 70  ? -4.188  4.343   -5.219  1.00 45.20  ? 69  LEU A CD1 1 
ATOM   478 C CD2 . LEU A 1 70  ? -4.371  6.379   -6.656  1.00 54.42  ? 69  LEU A CD2 1 
ATOM   479 N N   . MET A 1 71  ? -8.519  7.351   -3.217  1.00 48.85  ? 70  MET A N   1 
ATOM   480 C CA  . MET A 1 71  ? -9.933  7.434   -2.869  1.00 49.32  ? 70  MET A CA  1 
ATOM   481 C C   . MET A 1 71  ? -10.547 8.730   -3.379  1.00 54.82  ? 70  MET A C   1 
ATOM   482 O O   . MET A 1 71  ? -11.640 8.724   -3.955  1.00 50.02  ? 70  MET A O   1 
ATOM   483 C CB  . MET A 1 71  ? -10.121 7.323   -1.359  1.00 38.96  ? 70  MET A CB  1 
ATOM   484 C CG  . MET A 1 71  ? -9.633  6.029   -0.751  1.00 57.06  ? 70  MET A CG  1 
ATOM   485 S SD  . MET A 1 71  ? -10.166 5.843   0.960   1.00 58.93  ? 70  MET A SD  1 
ATOM   486 C CE  . MET A 1 71  ? -9.146  4.463   1.461   1.00 50.32  ? 70  MET A CE  1 
ATOM   487 N N   . LYS A 1 72  ? -9.859  9.856   -3.166  1.00 53.41  ? 71  LYS A N   1 
ATOM   488 C CA  . LYS A 1 72  ? -10.352 11.135  -3.668  1.00 49.70  ? 71  LYS A CA  1 
ATOM   489 C C   . LYS A 1 72  ? -10.482 11.118  -5.185  1.00 49.14  ? 71  LYS A C   1 
ATOM   490 O O   . LYS A 1 72  ? -11.494 11.573  -5.733  1.00 59.74  ? 71  LYS A O   1 
ATOM   491 C CB  . LYS A 1 72  ? -9.423  12.264  -3.223  1.00 48.57  ? 71  LYS A CB  1 
ATOM   492 C CG  . LYS A 1 72  ? -9.692  13.606  -3.884  1.00 29.94  ? 71  LYS A CG  1 
ATOM   493 C CD  . LYS A 1 72  ? -8.523  14.555  -3.658  1.00 40.45  ? 71  LYS A CD  1 
ATOM   494 C CE  . LYS A 1 72  ? -8.843  15.984  -4.074  1.00 65.14  ? 71  LYS A CE  1 
ATOM   495 N NZ  . LYS A 1 72  ? -9.743  16.667  -3.099  1.00 70.82  ? 71  LYS A NZ  1 
ATOM   496 N N   . LEU A 1 73  ? -9.473  10.592  -5.882  1.00 38.22  ? 72  LEU A N   1 
ATOM   497 C CA  . LEU A 1 73  ? -9.539  10.523  -7.336  1.00 47.44  ? 72  LEU A CA  1 
ATOM   498 C C   . LEU A 1 73  ? -10.668 9.623   -7.817  1.00 54.48  ? 72  LEU A C   1 
ATOM   499 O O   . LEU A 1 73  ? -11.109 9.756   -8.964  1.00 62.46  ? 72  LEU A O   1 
ATOM   500 C CB  . LEU A 1 73  ? -8.205  10.035  -7.905  1.00 39.80  ? 72  LEU A CB  1 
ATOM   501 C CG  . LEU A 1 73  ? -6.987  10.933  -7.679  1.00 35.94  ? 72  LEU A CG  1 
ATOM   502 C CD1 . LEU A 1 73  ? -5.754  10.346  -8.349  1.00 42.37  ? 72  LEU A CD1 1 
ATOM   503 C CD2 . LEU A 1 73  ? -7.247  12.349  -8.173  1.00 53.42  ? 72  LEU A CD2 1 
ATOM   504 N N   . GLN A 1 74  ? -11.146 8.712   -6.968  1.00 45.74  ? 73  GLN A N   1 
ATOM   505 C CA  . GLN A 1 74  ? -12.254 7.854   -7.364  1.00 50.31  ? 73  GLN A CA  1 
ATOM   506 C C   . GLN A 1 74  ? -13.568 8.624   -7.364  1.00 54.49  ? 73  GLN A C   1 
ATOM   507 O O   . GLN A 1 74  ? -14.345 8.537   -8.321  1.00 60.43  ? 73  GLN A O   1 
ATOM   508 C CB  . GLN A 1 74  ? -12.326 6.637   -6.439  1.00 56.47  ? 73  GLN A CB  1 
ATOM   509 C CG  . GLN A 1 74  ? -13.408 5.623   -6.795  1.00 56.96  ? 73  GLN A CG  1 
ATOM   510 C CD  . GLN A 1 74  ? -13.131 4.875   -8.089  1.00 56.05  ? 73  GLN A CD  1 
ATOM   511 O OE1 . GLN A 1 74  ? -12.100 5.069   -8.731  1.00 54.19  ? 73  GLN A OE1 1 
ATOM   512 N NE2 . GLN A 1 74  ? -14.060 4.007   -8.476  1.00 62.64  ? 73  GLN A NE2 1 
ATOM   513 N N   . ASN A 1 75  ? -13.829 9.391   -6.303  1.00 53.48  ? 74  ASN A N   1 
ATOM   514 C CA  . ASN A 1 75  ? -15.029 10.219  -6.272  1.00 56.07  ? 74  ASN A CA  1 
ATOM   515 C C   . ASN A 1 75  ? -14.996 11.306  -7.342  1.00 72.07  ? 74  ASN A C   1 
ATOM   516 O O   . ASN A 1 75  ? -16.054 11.714  -7.836  1.00 82.96  ? 74  ASN A O   1 
ATOM   517 C CB  . ASN A 1 75  ? -15.208 10.836  -4.886  1.00 56.38  ? 74  ASN A CB  1 
ATOM   518 C CG  . ASN A 1 75  ? -15.726 9.837   -3.872  1.00 55.90  ? 74  ASN A CG  1 
ATOM   519 O OD1 . ASN A 1 75  ? -16.421 8.885   -4.225  1.00 63.46  ? 74  ASN A OD1 1 
ATOM   520 N ND2 . ASN A 1 75  ? -15.393 10.047  -2.604  1.00 59.41  ? 74  ASN A ND2 1 
ATOM   521 N N   . GLN A 1 76  ? -13.808 11.790  -7.716  1.00 60.39  ? 75  GLN A N   1 
ATOM   522 C CA  . GLN A 1 76  ? -13.726 12.702  -8.851  1.00 58.02  ? 75  GLN A CA  1 
ATOM   523 C C   . GLN A 1 76  ? -14.173 12.035  -10.144 1.00 49.92  ? 75  GLN A C   1 
ATOM   524 O O   . GLN A 1 76  ? -14.562 12.729  -11.088 1.00 62.88  ? 75  GLN A O   1 
ATOM   525 C CB  . GLN A 1 76  ? -12.301 13.236  -9.017  1.00 62.60  ? 75  GLN A CB  1 
ATOM   526 C CG  . GLN A 1 76  ? -11.814 14.114  -7.877  1.00 64.93  ? 75  GLN A CG  1 
ATOM   527 C CD  . GLN A 1 76  ? -10.387 14.597  -8.081  1.00 57.49  ? 75  GLN A CD  1 
ATOM   528 O OE1 . GLN A 1 76  ? -9.743  15.081  -7.149  1.00 41.04  ? 75  GLN A OE1 1 
ATOM   529 N NE2 . GLN A 1 76  ? -9.886  14.469  -9.305  1.00 59.22  ? 75  GLN A NE2 1 
ATOM   530 N N   . ARG A 1 77  ? -14.129 10.705  -10.201 1.00 49.99  ? 76  ARG A N   1 
ATOM   531 C CA  . ARG A 1 77  ? -14.515 9.945   -11.378 1.00 54.78  ? 76  ARG A CA  1 
ATOM   532 C C   . ARG A 1 77  ? -15.931 9.385   -11.276 1.00 61.69  ? 76  ARG A C   1 
ATOM   533 O O   . ARG A 1 77  ? -16.344 8.605   -12.138 1.00 59.08  ? 76  ARG A O   1 
ATOM   534 C CB  . ARG A 1 77  ? -13.516 8.812   -11.607 1.00 58.86  ? 76  ARG A CB  1 
ATOM   535 C CG  . ARG A 1 77  ? -13.230 8.511   -13.062 1.00 69.98  ? 76  ARG A CG  1 
ATOM   536 C CD  . ARG A 1 77  ? -12.318 7.305   -13.191 1.00 69.14  ? 76  ARG A CD  1 
ATOM   537 N NE  . ARG A 1 77  ? -12.897 6.129   -12.550 1.00 66.83  ? 76  ARG A NE  1 
ATOM   538 C CZ  . ARG A 1 77  ? -13.740 5.294   -13.148 1.00 66.29  ? 76  ARG A CZ  1 
ATOM   539 N NH1 . ARG A 1 77  ? -14.218 4.247   -12.490 1.00 80.14  ? 76  ARG A NH1 1 
ATOM   540 N NH2 . ARG A 1 77  ? -14.106 5.507   -14.403 1.00 79.95  ? 76  ARG A NH2 1 
ATOM   541 N N   . GLY A 1 78  ? -16.681 9.765   -10.245 1.00 58.19  ? 77  GLY A N   1 
ATOM   542 C CA  . GLY A 1 78  ? -18.013 9.225   -10.060 1.00 66.59  ? 77  GLY A CA  1 
ATOM   543 C C   . GLY A 1 78  ? -18.076 7.762   -9.773  1.00 69.87  ? 77  GLY A C   1 
ATOM   544 O O   . GLY A 1 78  ? -19.142 7.151   -9.907  1.00 65.25  ? 77  GLY A O   1 
ATOM   545 N N   . GLY A 1 79  ? -16.950 7.162   -9.369  1.00 61.52  ? 78  GLY A N   1 
ATOM   546 C CA  . GLY A 1 79  ? -16.894 5.723   -9.099  1.00 65.33  ? 78  GLY A CA  1 
ATOM   547 C C   . GLY A 1 79  ? -17.179 5.424   -7.646  1.00 66.54  ? 78  GLY A C   1 
ATOM   548 O O   . GLY A 1 79  ? -17.127 6.290   -6.772  1.00 64.25  ? 78  GLY A O   1 
ATOM   549 N N   . ARG A 1 80  ? -17.482 4.153   -7.394  1.00 57.25  ? 79  ARG A N   1 
ATOM   550 C CA  . ARG A 1 80  ? -17.822 3.691   -6.057  1.00 51.51  ? 79  ARG A CA  1 
ATOM   551 C C   . ARG A 1 80  ? -16.589 3.165   -5.341  1.00 55.43  ? 79  ARG A C   1 
ATOM   552 O O   . ARG A 1 80  ? -15.677 2.609   -5.958  1.00 54.34  ? 79  ARG A O   1 
ATOM   553 C CB  . ARG A 1 80  ? -18.893 2.602   -6.105  1.00 51.33  ? 79  ARG A CB  1 
ATOM   554 C CG  . ARG A 1 80  ? -20.308 3.143   -6.070  1.00 60.87  ? 79  ARG A CG  1 
ATOM   555 C CD  . ARG A 1 80  ? -21.075 2.789   -7.333  1.00 87.66  ? 79  ARG A CD  1 
ATOM   556 N NE  . ARG A 1 80  ? -21.427 1.372   -7.400  1.00 76.36  ? 79  ARG A NE  1 
ATOM   557 C CZ  . ARG A 1 80  ? -22.239 0.851   -8.314  1.00 71.46  ? 79  ARG A CZ  1 
ATOM   558 N NH1 . ARG A 1 80  ? -22.508 -0.448  -8.304  1.00 74.37  ? 79  ARG A NH1 1 
ATOM   559 N NH2 . ARG A 1 80  ? -22.787 1.629   -9.239  1.00 74.96  ? 79  ARG A NH2 1 
ATOM   560 N N   . ILE A 1 81  ? -16.574 3.353   -4.025  1.00 59.78  ? 80  ILE A N   1 
ATOM   561 C CA  . ILE A 1 81  ? -15.480 2.923   -3.163  1.00 49.11  ? 80  ILE A CA  1 
ATOM   562 C C   . ILE A 1 81  ? -16.033 1.858   -2.230  1.00 40.70  ? 80  ILE A C   1 
ATOM   563 O O   . ILE A 1 81  ? -16.936 2.132   -1.429  1.00 51.29  ? 80  ILE A O   1 
ATOM   564 C CB  . ILE A 1 81  ? -14.876 4.091   -2.371  1.00 42.98  ? 80  ILE A CB  1 
ATOM   565 C CG1 . ILE A 1 81  ? -14.367 5.174   -3.327  1.00 41.05  ? 80  ILE A CG1 1 
ATOM   566 C CG2 . ILE A 1 81  ? -13.762 3.590   -1.464  1.00 39.80  ? 80  ILE A CG2 1 
ATOM   567 C CD1 . ILE A 1 81  ? -14.016 6.481   -2.651  1.00 42.79  ? 80  ILE A CD1 1 
ATOM   568 N N   . PHE A 1 82  ? -15.505 0.642   -2.337  1.00 45.55  ? 81  PHE A N   1 
ATOM   569 C CA  . PHE A 1 82  ? -15.866 -0.451  -1.447  1.00 46.07  ? 81  PHE A CA  1 
ATOM   570 C C   . PHE A 1 82  ? -14.619 -0.865  -0.682  1.00 48.83  ? 81  PHE A C   1 
ATOM   571 O O   . PHE A 1 82  ? -13.588 -1.173  -1.288  1.00 44.66  ? 81  PHE A O   1 
ATOM   572 C CB  . PHE A 1 82  ? -16.458 -1.629  -2.221  1.00 45.87  ? 81  PHE A CB  1 
ATOM   573 C CG  . PHE A 1 82  ? -17.664 -1.263  -3.037  1.00 56.43  ? 81  PHE A CG  1 
ATOM   574 C CD1 . PHE A 1 82  ? -18.847 -0.886  -2.414  1.00 52.21  ? 81  PHE A CD1 1 
ATOM   575 C CD2 . PHE A 1 82  ? -17.615 -1.289  -4.423  1.00 52.42  ? 81  PHE A CD2 1 
ATOM   576 C CE1 . PHE A 1 82  ? -19.962 -0.540  -3.157  1.00 37.36  ? 81  PHE A CE1 1 
ATOM   577 C CE2 . PHE A 1 82  ? -18.725 -0.946  -5.174  1.00 56.74  ? 81  PHE A CE2 1 
ATOM   578 C CZ  . PHE A 1 82  ? -19.902 -0.570  -4.537  1.00 52.34  ? 81  PHE A CZ  1 
ATOM   579 N N   . LEU A 1 83  ? -14.708 -0.849  0.641   1.00 46.42  ? 82  LEU A N   1 
ATOM   580 C CA  . LEU A 1 83  ? -13.570 -1.126  1.503   1.00 54.77  ? 82  LEU A CA  1 
ATOM   581 C C   . LEU A 1 83  ? -13.689 -2.533  2.063   1.00 55.53  ? 82  LEU A C   1 
ATOM   582 O O   . LEU A 1 83  ? -14.770 -2.943  2.490   1.00 57.04  ? 82  LEU A O   1 
ATOM   583 C CB  . LEU A 1 83  ? -13.485 -0.109  2.640   1.00 47.03  ? 82  LEU A CB  1 
ATOM   584 C CG  . LEU A 1 83  ? -13.130 1.320   2.223   1.00 40.87  ? 82  LEU A CG  1 
ATOM   585 C CD1 . LEU A 1 83  ? -13.174 2.261   3.413   1.00 47.64  ? 82  LEU A CD1 1 
ATOM   586 C CD2 . LEU A 1 83  ? -11.761 1.362   1.558   1.00 40.45  ? 82  LEU A CD2 1 
ATOM   587 N N   . GLN A 1 84  ? -12.586 -3.271  2.037   1.00 57.89  ? 83  GLN A N   1 
ATOM   588 C CA  . GLN A 1 84  ? -12.488 -4.576  2.667   1.00 60.75  ? 83  GLN A CA  1 
ATOM   589 C C   . GLN A 1 84  ? -11.662 -4.439  3.942   1.00 62.66  ? 83  GLN A C   1 
ATOM   590 O O   . GLN A 1 84  ? -11.167 -3.358  4.273   1.00 59.23  ? 83  GLN A O   1 
ATOM   591 C CB  . GLN A 1 84  ? -11.827 -5.585  1.722   1.00 68.82  ? 83  GLN A CB  1 
ATOM   592 C CG  . GLN A 1 84  ? -12.398 -5.596  0.305   1.00 62.79  ? 83  GLN A CG  1 
ATOM   593 C CD  . GLN A 1 84  ? -13.839 -6.086  0.238   1.00 75.93  ? 83  GLN A CD  1 
ATOM   594 O OE1 . GLN A 1 84  ? -14.414 -6.511  1.240   1.00 63.76  ? 83  GLN A OE1 1 
ATOM   595 N NE2 . GLN A 1 84  ? -14.424 -6.029  -0.954  1.00 73.42  ? 83  GLN A NE2 1 
ATOM   596 N N   . ASP A 1 85  ? -11.513 -5.543  4.671   1.00 65.03  ? 84  ASP A N   1 
ATOM   597 C CA  . ASP A 1 85  ? -10.630 -5.520  5.825   1.00 58.98  ? 84  ASP A CA  1 
ATOM   598 C C   . ASP A 1 85  ? -9.202  -5.181  5.427   1.00 45.71  ? 84  ASP A C   1 
ATOM   599 O O   . ASP A 1 85  ? -8.743  -5.498  4.326   1.00 44.45  ? 84  ASP A O   1 
ATOM   600 C CB  . ASP A 1 85  ? -10.629 -6.855  6.562   1.00 48.46  ? 84  ASP A CB  1 
ATOM   601 C CG  . ASP A 1 85  ? -12.008 -7.392  6.791   1.00 48.76  ? 84  ASP A CG  1 
ATOM   602 O OD1 . ASP A 1 85  ? -12.971 -6.655  6.519   1.00 59.09  ? 84  ASP A OD1 1 
ATOM   603 O OD2 . ASP A 1 85  ? -12.125 -8.551  7.241   1.00 46.40  ? 84  ASP A OD2 1 
ATOM   604 N N   . ILE A 1 86  ? -8.503  -4.512  6.337   1.00 54.46  ? 85  ILE A N   1 
ATOM   605 C CA  . ILE A 1 86  ? -7.055  -4.380  6.252   1.00 58.28  ? 85  ILE A CA  1 
ATOM   606 C C   . ILE A 1 86  ? -6.486  -5.602  6.963   1.00 43.28  ? 85  ILE A C   1 
ATOM   607 O O   . ILE A 1 86  ? -6.531  -5.696  8.191   1.00 39.73  ? 85  ILE A O   1 
ATOM   608 C CB  . ILE A 1 86  ? -6.565  -3.070  6.869   1.00 54.81  ? 85  ILE A CB  1 
ATOM   609 C CG1 . ILE A 1 86  ? -7.279  -1.882  6.215   1.00 45.75  ? 85  ILE A CG1 1 
ATOM   610 C CG2 . ILE A 1 86  ? -5.066  -2.934  6.698   1.00 36.93  ? 85  ILE A CG2 1 
ATOM   611 C CD1 . ILE A 1 86  ? -6.858  -0.536  6.764   1.00 58.32  ? 85  ILE A CD1 1 
ATOM   612 N N   . GLN A 1 87  ? -5.984  -6.558  6.181   1.00 44.80  ? 86  GLN A N   1 
ATOM   613 C CA  . GLN A 1 87  ? -5.558  -7.831  6.741   1.00 40.64  ? 86  GLN A CA  1 
ATOM   614 C C   . GLN A 1 87  ? -4.461  -7.621  7.774   1.00 36.91  ? 86  GLN A C   1 
ATOM   615 O O   . GLN A 1 87  ? -3.682  -6.667  7.703   1.00 36.70  ? 86  GLN A O   1 
ATOM   616 C CB  . GLN A 1 87  ? -5.062  -8.775  5.642   1.00 49.36  ? 86  GLN A CB  1 
ATOM   617 C CG  . GLN A 1 87  ? -6.129  -9.247  4.652   1.00 55.21  ? 86  GLN A CG  1 
ATOM   618 C CD  . GLN A 1 87  ? -6.915  -10.461 5.139   1.00 77.48  ? 86  GLN A CD  1 
ATOM   619 O OE1 . GLN A 1 87  ? -7.255  -10.569 6.319   1.00 87.42  ? 86  GLN A OE1 1 
ATOM   620 N NE2 . GLN A 1 87  ? -7.204  -11.385 4.224   1.00 63.73  ? 86  GLN A NE2 1 
ATOM   621 N N   . LYS A 1 88  ? -4.440  -8.508  8.758   1.00 47.39  ? 87  LYS A N   1 
ATOM   622 C CA  . LYS A 1 88  ? -3.370  -8.549  9.741   1.00 43.53  ? 87  LYS A CA  1 
ATOM   623 C C   . LYS A 1 88  ? -2.022  -8.642  9.032   1.00 40.61  ? 87  LYS A C   1 
ATOM   624 O O   . LYS A 1 88  ? -1.889  -9.385  8.047   1.00 32.98  ? 87  LYS A O   1 
ATOM   625 C CB  . LYS A 1 88  ? -3.584  -9.757  10.658  1.00 43.91  ? 87  LYS A CB  1 
ATOM   626 C CG  . LYS A 1 88  ? -2.684  -9.889  11.869  1.00 46.57  ? 87  LYS A CG  1 
ATOM   627 C CD  . LYS A 1 88  ? -3.294  -10.936 12.792  1.00 40.90  ? 87  LYS A CD  1 
ATOM   628 C CE  . LYS A 1 88  ? -2.404  -11.296 13.959  1.00 63.89  ? 87  LYS A CE  1 
ATOM   629 N NZ  . LYS A 1 88  ? -3.149  -12.117 14.952  1.00 66.13  ? 87  LYS A NZ  1 
ATOM   630 N N   . PRO A 1 89  ? -1.010  -7.891  9.470   1.00 43.06  ? 88  PRO A N   1 
ATOM   631 C CA  . PRO A 1 89  ? 0.335   -8.094  8.923   1.00 49.05  ? 88  PRO A CA  1 
ATOM   632 C C   . PRO A 1 89  ? 0.777   -9.530  9.162   1.00 52.69  ? 88  PRO A C   1 
ATOM   633 O O   . PRO A 1 89  ? 0.439   -10.140 10.180  1.00 48.47  ? 88  PRO A O   1 
ATOM   634 C CB  . PRO A 1 89  ? 1.198   -7.091  9.702   1.00 47.76  ? 88  PRO A CB  1 
ATOM   635 C CG  . PRO A 1 89  ? 0.234   -6.103  10.274  1.00 44.76  ? 88  PRO A CG  1 
ATOM   636 C CD  . PRO A 1 89  ? -1.031  -6.865  10.527  1.00 44.87  ? 88  PRO A CD  1 
ATOM   637 N N   . ASP A 1 90  ? 1.533   -10.076 8.207   1.00 71.79  ? 89  ASP A N   1 
ATOM   638 C CA  . ASP A 1 90  ? 1.842   -11.503 8.232   1.00 74.27  ? 89  ASP A CA  1 
ATOM   639 C C   . ASP A 1 90  ? 2.567   -11.940 9.500   1.00 61.74  ? 89  ASP A C   1 
ATOM   640 O O   . ASP A 1 90  ? 2.610   -13.143 9.780   1.00 74.01  ? 89  ASP A O   1 
ATOM   641 C CB  . ASP A 1 90  ? 2.657   -11.883 6.993   1.00 77.44  ? 89  ASP A CB  1 
ATOM   642 C CG  . ASP A 1 90  ? 1.797   -11.990 5.741   1.00 103.41 ? 89  ASP A CG  1 
ATOM   643 O OD1 . ASP A 1 90  ? 0.572   -12.201 5.878   1.00 98.09  ? 89  ASP A OD1 1 
ATOM   644 O OD2 . ASP A 1 90  ? 2.341   -11.869 4.622   1.00 124.16 ? 89  ASP A OD2 1 
ATOM   645 N N   . CYS A 1 91  ? 3.121   -11.011 10.275  1.00 62.64  ? 90  CYS A N   1 
ATOM   646 C CA  . CYS A 1 91  ? 3.676   -11.337 11.583  1.00 76.54  ? 90  CYS A CA  1 
ATOM   647 C C   . CYS A 1 91  ? 3.767   -10.056 12.401  1.00 57.76  ? 90  CYS A C   1 
ATOM   648 O O   . CYS A 1 91  ? 3.666   -8.949  11.869  1.00 52.33  ? 90  CYS A O   1 
ATOM   649 C CB  . CYS A 1 91  ? 5.047   -12.012 11.463  1.00 75.80  ? 90  CYS A CB  1 
ATOM   650 S SG  . CYS A 1 91  ? 6.379   -10.909 10.948  1.00 71.58  ? 90  CYS A SG  1 
ATOM   651 N N   . ASP A 1 92  ? 3.940   -10.220 13.711  1.00 55.13  ? 91  ASP A N   1 
ATOM   652 C CA  . ASP A 1 92  ? 4.226   -9.092  14.587  1.00 65.46  ? 91  ASP A CA  1 
ATOM   653 C C   . ASP A 1 92  ? 5.715   -8.881  14.809  1.00 72.89  ? 91  ASP A C   1 
ATOM   654 O O   . ASP A 1 92  ? 6.115   -7.788  15.224  1.00 67.50  ? 91  ASP A O   1 
ATOM   655 C CB  . ASP A 1 92  ? 3.535   -9.276  15.942  1.00 71.30  ? 91  ASP A CB  1 
ATOM   656 C CG  . ASP A 1 92  ? 2.093   -8.809  15.929  1.00 68.81  ? 91  ASP A CG  1 
ATOM   657 O OD1 . ASP A 1 92  ? 1.850   -7.647  15.534  1.00 51.92  ? 91  ASP A OD1 1 
ATOM   658 O OD2 . ASP A 1 92  ? 1.208   -9.608  16.303  1.00 65.46  ? 91  ASP A OD2 1 
ATOM   659 N N   . ASP A 1 93  ? 6.536   -9.896  14.540  1.00 65.96  ? 92  ASP A N   1 
ATOM   660 C CA  . ASP A 1 93  ? 7.988   -9.809  14.670  1.00 58.34  ? 92  ASP A CA  1 
ATOM   661 C C   . ASP A 1 93  ? 8.461   -10.231 13.288  1.00 64.93  ? 92  ASP A C   1 
ATOM   662 O O   . ASP A 1 93  ? 8.101   -11.312 12.812  1.00 83.56  ? 92  ASP A O   1 
ATOM   663 C CB  . ASP A 1 93  ? 8.489   -10.624 15.862  1.00 50.80  ? 92  ASP A CB  1 
ATOM   664 C CG  . ASP A 1 93  ? 7.996   -10.085 17.185  1.00 69.93  ? 92  ASP A CG  1 
ATOM   665 O OD1 . ASP A 1 93  ? 7.667   -8.883  17.252  1.00 84.26  ? 92  ASP A OD1 1 
ATOM   666 O OD2 . ASP A 1 93  ? 7.939   -10.861 18.160  1.00 74.77  ? 92  ASP A OD2 1 
ATOM   667 N N   . TRP A 1 94  ? 9.348   -9.411  12.727  1.00 67.56  ? 93  TRP A N   1 
ATOM   668 C CA  . TRP A 1 94  ? 9.974   -9.644  11.434  1.00 74.30  ? 93  TRP A CA  1 
ATOM   669 C C   . TRP A 1 94  ? 11.285  -10.376 11.677  1.00 71.36  ? 93  TRP A C   1 
ATOM   670 O O   . TRP A 1 94  ? 11.855  -10.926 10.768  1.00 70.73  ? 93  TRP A O   1 
ATOM   671 C CB  . TRP A 1 94  ? 10.078  -8.396  10.540  1.00 61.61  ? 93  TRP A CB  1 
ATOM   672 C CG  . TRP A 1 94  ? 8.783   -8.216  9.756   1.00 71.59  ? 93  TRP A CG  1 
ATOM   673 C CD1 . TRP A 1 94  ? 8.536   -8.561  8.465   1.00 61.22  ? 93  TRP A CD1 1 
ATOM   674 C CD2 . TRP A 1 94  ? 7.556   -7.717  10.268  1.00 57.65  ? 93  TRP A CD2 1 
ATOM   675 N NE1 . TRP A 1 94  ? 7.242   -8.289  8.144   1.00 46.31  ? 93  TRP A NE1 1 
ATOM   676 C CE2 . TRP A 1 94  ? 6.623   -7.773  9.237   1.00 43.46  ? 93  TRP A CE2 1 
ATOM   677 C CE3 . TRP A 1 94  ? 7.169   -7.213  11.499  1.00 56.26  ? 93  TRP A CE3 1 
ATOM   678 C CZ2 . TRP A 1 94  ? 5.355   -7.356  9.395   1.00 50.53  ? 93  TRP A CZ2 1 
ATOM   679 C CZ3 . TRP A 1 94  ? 5.920   -6.801  11.650  1.00 53.23  ? 93  TRP A CZ3 1 
ATOM   680 C CH2 . TRP A 1 94  ? 5.013   -6.872  10.612  1.00 56.44  ? 93  TRP A CH2 1 
ATOM   681 N N   . GLU A 1 95  ? 11.725  -10.375 12.924  1.00 61.99  ? 94  GLU A N   1 
ATOM   682 C CA  . GLU A 1 95  ? 12.865  -11.098 13.488  1.00 59.11  ? 94  GLU A CA  1 
ATOM   683 C C   . GLU A 1 95  ? 14.174  -10.568 12.920  1.00 37.33  ? 94  GLU A C   1 
ATOM   684 O O   . GLU A 1 95  ? 15.233  -11.076 13.308  1.00 47.31  ? 94  GLU A O   1 
ATOM   685 C CB  . GLU A 1 95  ? 12.840  -12.621 13.268  1.00 78.91  ? 94  GLU A CB  1 
ATOM   686 C CG  . GLU A 1 95  ? 11.900  -13.397 14.190  1.00 71.34  ? 94  GLU A CG  1 
ATOM   687 C CD  . GLU A 1 95  ? 12.601  -13.971 15.415  1.00 71.10  ? 94  GLU A CD  1 
ATOM   688 O OE1 . GLU A 1 95  ? 12.185  -13.650 16.550  1.00 82.79  ? 94  GLU A OE1 1 
ATOM   689 O OE2 . GLU A 1 95  ? 13.562  -14.752 15.247  1.00 65.19  ? 94  GLU A OE2 1 
ATOM   690 N N   . SER A 1 96  ? 14.156  -9.580  12.027  1.00 46.58  ? 95  SER A N   1 
ATOM   691 C CA  . SER A 1 96  ? 15.404  -9.056  11.490  1.00 64.33  ? 95  SER A CA  1 
ATOM   692 C C   . SER A 1 96  ? 15.084  -7.807  10.690  1.00 51.05  ? 95  SER A C   1 
ATOM   693 O O   . SER A 1 96  ? 13.951  -7.615  10.239  1.00 50.24  ? 95  SER A O   1 
ATOM   694 C CB  . SER A 1 96  ? 16.178  -10.105 10.676  1.00 63.54  ? 95  SER A CB  1 
ATOM   695 O OG  . SER A 1 96  ? 15.744  -10.132 9.328   1.00 66.78  ? 95  SER A OG  1 
ATOM   696 N N   . GLY A 1 97  ? 16.102  -6.964  10.516  1.00 53.01  ? 96  GLY A N   1 
ATOM   697 C CA  . GLY A 1 97  ? 15.965  -5.814  9.646   1.00 70.54  ? 96  GLY A CA  1 
ATOM   698 C C   . GLY A 1 97  ? 16.179  -6.187  8.198   1.00 70.87  ? 96  GLY A C   1 
ATOM   699 O O   . GLY A 1 97  ? 15.820  -5.408  7.309   1.00 68.70  ? 96  GLY A O   1 
ATOM   700 N N   . LEU A 1 98  ? 16.744  -7.368  7.944   1.00 69.13  ? 97  LEU A N   1 
ATOM   701 C CA  . LEU A 1 98  ? 17.031  -7.832  6.594   1.00 55.90  ? 97  LEU A CA  1 
ATOM   702 C C   . LEU A 1 98  ? 15.934  -8.712  6.016   1.00 54.41  ? 97  LEU A C   1 
ATOM   703 O O   . LEU A 1 98  ? 15.766  -8.742  4.794   1.00 62.91  ? 97  LEU A O   1 
ATOM   704 C CB  . LEU A 1 98  ? 18.361  -8.592  6.565   1.00 57.62  ? 97  LEU A CB  1 
ATOM   705 C CG  . LEU A 1 98  ? 19.598  -7.729  6.834   1.00 62.55  ? 97  LEU A CG  1 
ATOM   706 C CD1 . LEU A 1 98  ? 19.888  -7.587  8.326   1.00 68.92  ? 97  LEU A CD1 1 
ATOM   707 C CD2 . LEU A 1 98  ? 20.799  -8.281  6.097   1.00 69.25  ? 97  LEU A CD2 1 
ATOM   708 N N   . ASN A 1 99  ? 15.189  -9.430  6.861   1.00 52.14  ? 98  ASN A N   1 
ATOM   709 C CA  . ASN A 1 99  ? 14.013  -10.139 6.371   1.00 61.47  ? 98  ASN A CA  1 
ATOM   710 C C   . ASN A 1 99  ? 12.873  -9.173  6.079   1.00 60.27  ? 98  ASN A C   1 
ATOM   711 O O   . ASN A 1 99  ? 12.152  -9.342  5.090   1.00 53.09  ? 98  ASN A O   1 
ATOM   712 C CB  . ASN A 1 99  ? 13.563  -11.195 7.378   1.00 61.79  ? 98  ASN A CB  1 
ATOM   713 C CG  . ASN A 1 99  ? 12.155  -11.699 7.103   1.00 68.98  ? 98  ASN A CG  1 
ATOM   714 O OD1 . ASN A 1 99  ? 11.196  -11.265 7.740   1.00 66.26  ? 98  ASN A OD1 1 
ATOM   715 N ND2 . ASN A 1 99  ? 12.025  -12.614 6.146   1.00 61.72  ? 98  ASN A ND2 1 
ATOM   716 N N   . ALA A 1 100 ? 12.699  -8.158  6.929   1.00 56.37  ? 99  ALA A N   1 
ATOM   717 C CA  . ALA A 1 100 ? 11.679  -7.148  6.673   1.00 55.59  ? 99  ALA A CA  1 
ATOM   718 C C   . ALA A 1 100 ? 11.984  -6.345  5.415   1.00 49.17  ? 99  ALA A C   1 
ATOM   719 O O   . ALA A 1 100 ? 11.059  -5.934  4.704   1.00 48.77  ? 99  ALA A O   1 
ATOM   720 C CB  . ALA A 1 100 ? 11.547  -6.216  7.878   1.00 68.24  ? 99  ALA A CB  1 
ATOM   721 N N   . MET A 1 101 ? 13.265  -6.107  5.128   1.00 61.10  ? 100 MET A N   1 
ATOM   722 C CA  . MET A 1 101 ? 13.624  -5.399  3.903   1.00 55.69  ? 100 MET A CA  1 
ATOM   723 C C   . MET A 1 101 ? 13.291  -6.232  2.674   1.00 56.06  ? 100 MET A C   1 
ATOM   724 O O   . MET A 1 101 ? 12.844  -5.693  1.655   1.00 58.41  ? 100 MET A O   1 
ATOM   725 C CB  . MET A 1 101 ? 15.107  -5.039  3.923   1.00 55.60  ? 100 MET A CB  1 
ATOM   726 C CG  . MET A 1 101 ? 15.375  -3.553  3.817   1.00 64.10  ? 100 MET A CG  1 
ATOM   727 S SD  . MET A 1 101 ? 17.133  -3.170  3.820   1.00 67.99  ? 100 MET A SD  1 
ATOM   728 C CE  . MET A 1 101 ? 17.621  -3.865  5.388   1.00 43.50  ? 100 MET A CE  1 
ATOM   729 N N   . GLU A 1 102 ? 13.513  -7.546  2.751   1.00 57.53  ? 101 GLU A N   1 
ATOM   730 C CA  . GLU A 1 102 ? 13.031  -8.445  1.709   1.00 65.10  ? 101 GLU A CA  1 
ATOM   731 C C   . GLU A 1 102 ? 11.520  -8.332  1.546   1.00 58.03  ? 101 GLU A C   1 
ATOM   732 O O   . GLU A 1 102 ? 11.012  -8.267  0.422   1.00 55.47  ? 101 GLU A O   1 
ATOM   733 C CB  . GLU A 1 102 ? 13.424  -9.886  2.039   1.00 64.53  ? 101 GLU A CB  1 
ATOM   734 C CG  . GLU A 1 102 ? 13.035  -10.916 0.980   1.00 77.08  ? 101 GLU A CG  1 
ATOM   735 C CD  . GLU A 1 102 ? 11.568  -11.318 1.074   1.00 95.51  ? 101 GLU A CD  1 
ATOM   736 O OE1 . GLU A 1 102 ? 10.985  -11.201 2.170   1.00 83.81  ? 101 GLU A OE1 1 
ATOM   737 O OE2 . GLU A 1 102 ? 11.013  -11.756 0.044   1.00 90.12  ? 101 GLU A OE2 1 
ATOM   738 N N   . CYS A 1 103 ? 10.789  -8.303  2.663   1.00 54.35  ? 102 CYS A N   1 
ATOM   739 C CA  . CYS A 1 103 ? 9.330   -8.256  2.615   1.00 42.20  ? 102 CYS A CA  1 
ATOM   740 C C   . CYS A 1 103 ? 8.838   -6.942  2.028   1.00 51.11  ? 102 CYS A C   1 
ATOM   741 O O   . CYS A 1 103 ? 7.930   -6.926  1.185   1.00 48.72  ? 102 CYS A O   1 
ATOM   742 C CB  . CYS A 1 103 ? 8.757   -8.460  4.015   1.00 39.71  ? 102 CYS A CB  1 
ATOM   743 S SG  . CYS A 1 103 ? 9.095   -10.074 4.715   1.00 46.86  ? 102 CYS A SG  1 
ATOM   744 N N   . ALA A 1 104 ? 9.413   -5.826  2.472   1.00 44.00  ? 103 ALA A N   1 
ATOM   745 C CA  . ALA A 1 104 ? 9.018   -4.533  1.928   1.00 51.05  ? 103 ALA A CA  1 
ATOM   746 C C   . ALA A 1 104 ? 9.435   -4.384  0.471   1.00 47.13  ? 103 ALA A C   1 
ATOM   747 O O   . ALA A 1 104 ? 8.755   -3.698  -0.298  1.00 48.20  ? 103 ALA A O   1 
ATOM   748 C CB  . ALA A 1 104 ? 9.616   -3.406  2.768   1.00 61.30  ? 103 ALA A CB  1 
ATOM   749 N N   . LEU A 1 105 ? 10.543  -5.008  0.075   1.00 45.82  ? 104 LEU A N   1 
ATOM   750 C CA  . LEU A 1 105 ? 10.981  -4.903  -1.311  1.00 49.81  ? 104 LEU A CA  1 
ATOM   751 C C   . LEU A 1 105 ? 10.022  -5.628  -2.245  1.00 60.45  ? 104 LEU A C   1 
ATOM   752 O O   . LEU A 1 105 ? 9.693   -5.120  -3.324  1.00 55.66  ? 104 LEU A O   1 
ATOM   753 C CB  . LEU A 1 105 ? 12.399  -5.450  -1.449  1.00 55.75  ? 104 LEU A CB  1 
ATOM   754 C CG  . LEU A 1 105 ? 13.012  -5.565  -2.842  1.00 53.65  ? 104 LEU A CG  1 
ATOM   755 C CD1 . LEU A 1 105 ? 12.765  -4.329  -3.696  1.00 64.26  ? 104 LEU A CD1 1 
ATOM   756 C CD2 . LEU A 1 105 ? 14.492  -5.799  -2.675  1.00 60.17  ? 104 LEU A CD2 1 
ATOM   757 N N   . HIS A 1 106 ? 9.504   -6.743  -1.792  1.00 52.62  ? 105 HIS A N   1 
ATOM   758 C CA  . HIS A 1 106 ? 8.556   -7.444  -2.599  1.00 59.92  ? 105 HIS A CA  1 
ATOM   759 C C   . HIS A 1 106 ? 7.187   -6.823  -2.465  1.00 61.38  ? 105 HIS A C   1 
ATOM   760 O O   . HIS A 1 106 ? 6.423   -6.799  -3.395  1.00 63.88  ? 105 HIS A O   1 
ATOM   761 C CB  . HIS A 1 106 ? 8.607   -8.921  -2.292  1.00 20.00  ? 105 HIS A CB  1 
ATOM   762 C CG  . HIS A 1 106 ? 9.883   -9.562  -2.734  1.00 20.00  ? 105 HIS A CG  1 
ATOM   763 N ND1 . HIS A 1 106 ? 10.090  -9.993  -4.022  1.00 20.00  ? 105 HIS A ND1 1 
ATOM   764 C CD2 . HIS A 1 106 ? 11.033  -9.805  -2.071  1.00 20.00  ? 105 HIS A CD2 1 
ATOM   765 C CE1 . HIS A 1 106 ? 11.303  -10.494 -4.130  1.00 20.00  ? 105 HIS A CE1 1 
ATOM   766 N NE2 . HIS A 1 106 ? 11.897  -10.392 -2.960  1.00 20.00  ? 105 HIS A NE2 1 
ATOM   767 N N   . LEU A 1 107 ? 6.886   -6.282  -1.309  1.00 56.08  ? 106 LEU A N   1 
ATOM   768 C CA  . LEU A 1 107 ? 5.594   -5.628  -1.104  1.00 58.92  ? 106 LEU A CA  1 
ATOM   769 C C   . LEU A 1 107 ? 5.522   -4.282  -1.817  1.00 46.34  ? 106 LEU A C   1 
ATOM   770 O O   . LEU A 1 107 ? 4.463   -3.911  -2.332  1.00 46.69  ? 106 LEU A O   1 
ATOM   771 C CB  . LEU A 1 107 ? 5.319   -5.450  0.389   1.00 56.99  ? 106 LEU A CB  1 
ATOM   772 C CG  . LEU A 1 107 ? 4.016   -4.744  0.772   1.00 46.55  ? 106 LEU A CG  1 
ATOM   773 C CD1 . LEU A 1 107 ? 2.807   -5.448  0.173   1.00 38.25  ? 106 LEU A CD1 1 
ATOM   774 C CD2 . LEU A 1 107 ? 3.904   -4.675  2.281   1.00 53.54  ? 106 LEU A CD2 1 
ATOM   775 N N   . GLU A 1 108 ? 6.627   -3.532  -1.840  1.00 52.48  ? 107 GLU A N   1 
ATOM   776 C CA  . GLU A 1 108 ? 6.672   -2.316  -2.643  1.00 58.42  ? 107 GLU A CA  1 
ATOM   777 C C   . GLU A 1 108 ? 6.532   -2.635  -4.127  1.00 60.10  ? 107 GLU A C   1 
ATOM   778 O O   . GLU A 1 108 ? 5.912   -1.870  -4.873  1.00 55.70  ? 107 GLU A O   1 
ATOM   779 C CB  . GLU A 1 108 ? 7.972   -1.555  -2.367  1.00 46.67  ? 107 GLU A CB  1 
ATOM   780 C CG  . GLU A 1 108 ? 8.060   -0.176  -3.008  1.00 63.91  ? 107 GLU A CG  1 
ATOM   781 C CD  . GLU A 1 108 ? 7.052   0.813   -2.444  1.00 70.18  ? 107 GLU A CD  1 
ATOM   782 O OE1 . GLU A 1 108 ? 6.677   0.684   -1.258  1.00 65.25  ? 107 GLU A OE1 1 
ATOM   783 O OE2 . GLU A 1 108 ? 6.637   1.724   -3.193  1.00 66.89  ? 107 GLU A OE2 1 
ATOM   784 N N   . LYS A 1 109 ? 7.082   -3.769  -4.569  1.00 57.49  ? 108 LYS A N   1 
ATOM   785 C CA  . LYS A 1 109 ? 6.902   -4.169  -5.960  1.00 66.73  ? 108 LYS A CA  1 
ATOM   786 C C   . LYS A 1 109 ? 5.466   -4.589  -6.238  1.00 56.08  ? 108 LYS A C   1 
ATOM   787 O O   . LYS A 1 109 ? 4.950   -4.351  -7.336  1.00 51.46  ? 108 LYS A O   1 
ATOM   788 C CB  . LYS A 1 109 ? 7.867   -5.300  -6.310  1.00 65.89  ? 108 LYS A CB  1 
ATOM   789 C CG  . LYS A 1 109 ? 7.710   -5.829  -7.720  1.00 53.85  ? 108 LYS A CG  1 
ATOM   790 C CD  . LYS A 1 109 ? 8.801   -6.825  -8.052  1.00 75.05  ? 108 LYS A CD  1 
ATOM   791 C CE  . LYS A 1 109 ? 8.830   -7.955  -7.041  1.00 67.42  ? 108 LYS A CE  1 
ATOM   792 N NZ  . LYS A 1 109 ? 7.539   -8.695  -7.008  1.00 66.48  ? 108 LYS A NZ  1 
ATOM   793 N N   . ASN A 1 110 ? 4.804   -5.203  -5.256  1.00 62.36  ? 109 ASN A N   1 
ATOM   794 C CA  . ASN A 1 110 ? 3.424   -5.630  -5.447  1.00 54.93  ? 109 ASN A CA  1 
ATOM   795 C C   . ASN A 1 110 ? 2.475   -4.445  -5.548  1.00 53.23  ? 109 ASN A C   1 
ATOM   796 O O   . ASN A 1 110 ? 1.465   -4.522  -6.256  1.00 63.06  ? 109 ASN A O   1 
ATOM   797 C CB  . ASN A 1 110 ? 2.997   -6.552  -4.306  1.00 65.99  ? 109 ASN A CB  1 
ATOM   798 C CG  . ASN A 1 110 ? 1.590   -7.094  -4.487  1.00 77.00  ? 109 ASN A CG  1 
ATOM   799 O OD1 . ASN A 1 110 ? 1.128   -7.294  -5.611  1.00 83.44  ? 109 ASN A OD1 1 
ATOM   800 N ND2 . ASN A 1 110 ? 0.898   -7.330  -3.377  1.00 80.84  ? 109 ASN A ND2 1 
ATOM   801 N N   . VAL A 1 111 ? 2.770   -3.347  -4.852  1.00 47.26  ? 110 VAL A N   1 
ATOM   802 C CA  . VAL A 1 111 ? 1.876   -2.198  -4.928  1.00 41.29  ? 110 VAL A CA  1 
ATOM   803 C C   . VAL A 1 111 ? 2.152   -1.375  -6.177  1.00 37.96  ? 110 VAL A C   1 
ATOM   804 O O   . VAL A 1 111 ? 1.248   -0.715  -6.698  1.00 55.26  ? 110 VAL A O   1 
ATOM   805 C CB  . VAL A 1 111 ? 1.975   -1.339  -3.654  1.00 67.26  ? 110 VAL A CB  1 
ATOM   806 C CG1 . VAL A 1 111 ? 1.710   -2.184  -2.417  1.00 53.07  ? 110 VAL A CG1 1 
ATOM   807 C CG2 . VAL A 1 111 ? 3.327   -0.644  -3.561  1.00 72.48  ? 110 VAL A CG2 1 
ATOM   808 N N   . ASN A 1 112 ? 3.381   -1.402  -6.690  1.00 54.73  ? 111 ASN A N   1 
ATOM   809 C CA  . ASN A 1 112 ? 3.695   -0.667  -7.906  1.00 54.83  ? 111 ASN A CA  1 
ATOM   810 C C   . ASN A 1 112 ? 3.446   -1.471  -9.173  1.00 59.42  ? 111 ASN A C   1 
ATOM   811 O O   . ASN A 1 112 ? 3.180   -0.874  -10.223 1.00 63.75  ? 111 ASN A O   1 
ATOM   812 C CB  . ASN A 1 112 ? 5.147   -0.186  -7.878  1.00 46.64  ? 111 ASN A CB  1 
ATOM   813 C CG  . ASN A 1 112 ? 5.347   0.986   -6.942  1.00 67.06  ? 111 ASN A CG  1 
ATOM   814 O OD1 . ASN A 1 112 ? 5.198   2.142   -7.335  1.00 76.30  ? 111 ASN A OD1 1 
ATOM   815 N ND2 . ASN A 1 112 ? 5.671   0.691   -5.689  1.00 74.03  ? 111 ASN A ND2 1 
ATOM   816 N N   . GLN A 1 113 ? 3.519   -2.800  -9.113  1.00 48.77  ? 112 GLN A N   1 
ATOM   817 C CA  . GLN A 1 113 ? 3.110   -3.575  -10.276 1.00 60.40  ? 112 GLN A CA  1 
ATOM   818 C C   . GLN A 1 113 ? 1.595   -3.533  -10.451 1.00 57.47  ? 112 GLN A C   1 
ATOM   819 O O   . GLN A 1 113 ? 1.104   -3.417  -11.579 1.00 60.06  ? 112 GLN A O   1 
ATOM   820 C CB  . GLN A 1 113 ? 3.604   -5.018  -10.161 1.00 62.43  ? 112 GLN A CB  1 
ATOM   821 C CG  . GLN A 1 113 ? 3.651   -5.769  -11.493 1.00 79.07  ? 112 GLN A CG  1 
ATOM   822 C CD  . GLN A 1 113 ? 4.929   -5.506  -12.284 1.00 71.47  ? 112 GLN A CD  1 
ATOM   823 O OE1 . GLN A 1 113 ? 4.898   -4.950  -13.385 1.00 62.32  ? 112 GLN A OE1 1 
ATOM   824 N NE2 . GLN A 1 113 ? 6.060   -5.916  -11.724 1.00 59.03  ? 112 GLN A NE2 1 
ATOM   825 N N   . SER A 1 114 ? 0.844   -3.606  -9.347  1.00 52.08  ? 113 SER A N   1 
ATOM   826 C CA  . SER A 1 114 ? -0.613  -3.541  -9.438  1.00 50.93  ? 113 SER A CA  1 
ATOM   827 C C   . SER A 1 114 ? -1.087  -2.170  -9.900  1.00 50.47  ? 113 SER A C   1 
ATOM   828 O O   . SER A 1 114 ? -2.115  -2.068  -10.580 1.00 47.77  ? 113 SER A O   1 
ATOM   829 C CB  . SER A 1 114 ? -1.244  -3.895  -8.094  1.00 28.16  ? 113 SER A CB  1 
ATOM   830 O OG  . SER A 1 114 ? -0.694  -5.094  -7.583  1.00 34.84  ? 113 SER A OG  1 
ATOM   831 N N   . LEU A 1 115 ? -0.363  -1.109  -9.534  1.00 50.47  ? 114 LEU A N   1 
ATOM   832 C CA  . LEU A 1 115 ? -0.637  0.208   -10.099 1.00 58.87  ? 114 LEU A CA  1 
ATOM   833 C C   . LEU A 1 115 ? -0.389  0.220   -11.603 1.00 61.14  ? 114 LEU A C   1 
ATOM   834 O O   . LEU A 1 115 ? -1.103  0.896   -12.355 1.00 62.69  ? 114 LEU A O   1 
ATOM   835 C CB  . LEU A 1 115 ? 0.229   1.258   -9.400  1.00 73.50  ? 114 LEU A CB  1 
ATOM   836 C CG  . LEU A 1 115 ? 0.121   2.717   -9.847  1.00 69.62  ? 114 LEU A CG  1 
ATOM   837 C CD1 . LEU A 1 115 ? -1.242  3.293   -9.499  1.00 68.61  ? 114 LEU A CD1 1 
ATOM   838 C CD2 . LEU A 1 115 ? 1.234   3.542   -9.220  1.00 81.15  ? 114 LEU A CD2 1 
ATOM   839 N N   . LEU A 1 116 ? 0.619   -0.524  -12.059 1.00 63.63  ? 115 LEU A N   1 
ATOM   840 C CA  . LEU A 1 116 ? 0.853   -0.672  -13.490 1.00 64.00  ? 115 LEU A CA  1 
ATOM   841 C C   . LEU A 1 116 ? -0.152  -1.623  -14.128 1.00 53.50  ? 115 LEU A C   1 
ATOM   842 O O   . LEU A 1 116 ? -0.581  -1.395  -15.264 1.00 52.12  ? 115 LEU A O   1 
ATOM   843 C CB  . LEU A 1 116 ? 2.281   -1.159  -13.729 1.00 58.14  ? 115 LEU A CB  1 
ATOM   844 C CG  . LEU A 1 116 ? 2.760   -1.358  -15.164 1.00 54.06  ? 115 LEU A CG  1 
ATOM   845 C CD1 . LEU A 1 116 ? 2.751   -0.052  -15.945 1.00 53.89  ? 115 LEU A CD1 1 
ATOM   846 C CD2 . LEU A 1 116 ? 4.151   -1.958  -15.129 1.00 74.58  ? 115 LEU A CD2 1 
ATOM   847 N N   . GLU A 1 117 ? -0.534  -2.683  -13.411 1.00 58.34  ? 116 GLU A N   1 
ATOM   848 C CA  . GLU A 1 117 ? -1.559  -3.601  -13.901 1.00 63.20  ? 116 GLU A CA  1 
ATOM   849 C C   . GLU A 1 117 ? -2.855  -2.857  -14.202 1.00 64.70  ? 116 GLU A C   1 
ATOM   850 O O   . GLU A 1 117 ? -3.419  -2.981  -15.295 1.00 54.55  ? 116 GLU A O   1 
ATOM   851 C CB  . GLU A 1 117 ? -1.791  -4.708  -12.869 1.00 55.30  ? 116 GLU A CB  1 
ATOM   852 C CG  . GLU A 1 117 ? -2.761  -5.810  -13.283 1.00 69.91  ? 116 GLU A CG  1 
ATOM   853 C CD  . GLU A 1 117 ? -3.177  -6.687  -12.108 1.00 74.84  ? 116 GLU A CD  1 
ATOM   854 O OE1 . GLU A 1 117 ? -4.331  -6.559  -11.648 1.00 73.54  ? 116 GLU A OE1 1 
ATOM   855 O OE2 . GLU A 1 117 ? -2.347  -7.494  -11.630 1.00 56.12  ? 116 GLU A OE2 1 
ATOM   856 N N   . LEU A 1 118 ? -3.333  -2.062  -13.242 1.00 59.88  ? 117 LEU A N   1 
ATOM   857 C CA  . LEU A 1 118 ? -4.553  -1.286  -13.437 1.00 65.78  ? 117 LEU A CA  1 
ATOM   858 C C   . LEU A 1 118 ? -4.407  -0.235  -14.530 1.00 53.27  ? 117 LEU A C   1 
ATOM   859 O O   . LEU A 1 118 ? -5.416  0.199   -15.094 1.00 48.53  ? 117 LEU A O   1 
ATOM   860 C CB  . LEU A 1 118 ? -4.958  -0.624  -12.116 1.00 59.31  ? 117 LEU A CB  1 
ATOM   861 C CG  . LEU A 1 118 ? -6.111  0.380   -12.054 1.00 27.25  ? 117 LEU A CG  1 
ATOM   862 C CD1 . LEU A 1 118 ? -7.397  -0.203  -12.611 1.00 52.42  ? 117 LEU A CD1 1 
ATOM   863 C CD2 . LEU A 1 118 ? -6.304  0.819   -10.617 1.00 47.35  ? 117 LEU A CD2 1 
ATOM   864 N N   . HIS A 1 119 ? -3.178  0.170   -14.855 1.00 59.38  ? 118 HIS A N   1 
ATOM   865 C CA  . HIS A 1 119 ? -2.988  1.218   -15.852 1.00 56.62  ? 118 HIS A CA  1 
ATOM   866 C C   . HIS A 1 119 ? -3.060  0.670   -17.274 1.00 57.53  ? 118 HIS A C   1 
ATOM   867 O O   . HIS A 1 119 ? -3.618  1.321   -18.163 1.00 60.10  ? 118 HIS A O   1 
ATOM   868 C CB  . HIS A 1 119 ? -1.658  1.929   -15.614 1.00 56.77  ? 118 HIS A CB  1 
ATOM   869 C CG  . HIS A 1 119 ? -1.757  3.420   -15.673 1.00 65.63  ? 118 HIS A CG  1 
ATOM   870 N ND1 . HIS A 1 119 ? -1.479  4.139   -16.814 1.00 61.31  ? 118 HIS A ND1 1 
ATOM   871 C CD2 . HIS A 1 119 ? -2.107  4.328   -14.731 1.00 62.15  ? 118 HIS A CD2 1 
ATOM   872 C CE1 . HIS A 1 119 ? -1.650  5.427   -16.574 1.00 58.82  ? 118 HIS A CE1 1 
ATOM   873 N NE2 . HIS A 1 119 ? -2.036  5.567   -15.320 1.00 62.17  ? 118 HIS A NE2 1 
ATOM   874 N N   . LYS A 1 120 ? -2.503  -0.518  -17.509 1.00 52.70  ? 119 LYS A N   1 
ATOM   875 C CA  . LYS A 1 120 ? -2.658  -1.146  -18.815 1.00 58.28  ? 119 LYS A CA  1 
ATOM   876 C C   . LYS A 1 120 ? -4.104  -1.546  -19.090 1.00 65.32  ? 119 LYS A C   1 
ATOM   877 O O   . LYS A 1 120 ? -4.472  -1.732  -20.255 1.00 82.28  ? 119 LYS A O   1 
ATOM   878 C CB  . LYS A 1 120 ? -1.728  -2.357  -18.926 1.00 57.98  ? 119 LYS A CB  1 
ATOM   879 C CG  . LYS A 1 120 ? -0.249  -1.994  -18.838 1.00 61.24  ? 119 LYS A CG  1 
ATOM   880 C CD  . LYS A 1 120 ? 0.658   -3.205  -18.978 1.00 65.21  ? 119 LYS A CD  1 
ATOM   881 C CE  . LYS A 1 120 ? 2.104   -2.773  -19.198 1.00 58.93  ? 119 LYS A CE  1 
ATOM   882 N NZ  . LYS A 1 120 ? 3.042   -3.930  -19.214 1.00 62.64  ? 119 LYS A NZ  1 
ATOM   883 N N   . LEU A 1 121 ? -4.930  -1.679  -18.047 1.00 55.68  ? 120 LEU A N   1 
ATOM   884 C CA  . LEU A 1 121 ? -6.357  -1.909  -18.257 1.00 56.76  ? 120 LEU A CA  1 
ATOM   885 C C   . LEU A 1 121 ? -7.037  -0.664  -18.809 1.00 55.11  ? 120 LEU A C   1 
ATOM   886 O O   . LEU A 1 121 ? -7.903  -0.760  -19.687 1.00 66.84  ? 120 LEU A O   1 
ATOM   887 C CB  . LEU A 1 121 ? -7.023  -2.338  -16.947 1.00 68.28  ? 120 LEU A CB  1 
ATOM   888 C CG  . LEU A 1 121 ? -7.344  -3.817  -16.713 1.00 60.00  ? 120 LEU A CG  1 
ATOM   889 C CD1 . LEU A 1 121 ? -6.087  -4.675  -16.706 1.00 58.32  ? 120 LEU A CD1 1 
ATOM   890 C CD2 . LEU A 1 121 ? -8.112  -3.983  -15.411 1.00 70.40  ? 120 LEU A CD2 1 
ATOM   891 N N   . ALA A 1 122 ? -6.664  0.512   -18.301 1.00 66.96  ? 121 ALA A N   1 
ATOM   892 C CA  . ALA A 1 122 ? -7.200  1.773   -18.797 1.00 74.50  ? 121 ALA A CA  1 
ATOM   893 C C   . ALA A 1 122 ? -6.556  2.235   -20.094 1.00 69.25  ? 121 ALA A C   1 
ATOM   894 O O   . ALA A 1 122 ? -7.009  3.227   -20.674 1.00 72.45  ? 121 ALA A O   1 
ATOM   895 C CB  . ALA A 1 122 ? -7.042  2.864   -17.735 1.00 64.72  ? 121 ALA A CB  1 
ATOM   896 N N   . THR A 1 123 ? -5.563  1.534   -20.571 1.00 59.44  ? 122 THR A N   1 
ATOM   897 C CA  . THR A 1 123 ? -4.977  1.952   -21.799 1.00 72.94  ? 122 THR A CA  1 
ATOM   898 C C   . THR A 1 123 ? -5.786  1.319   -22.928 1.00 78.51  ? 122 THR A C   1 
ATOM   899 O O   . THR A 1 123 ? -6.118  1.960   -23.897 1.00 74.47  ? 122 THR A O   1 
ATOM   900 C CB  . THR A 1 123 ? -3.495  1.588   -21.789 1.00 73.88  ? 122 THR A CB  1 
ATOM   901 O OG1 . THR A 1 123 ? -2.835  2.260   -20.716 1.00 63.66  ? 122 THR A OG1 1 
ATOM   902 C CG2 . THR A 1 123 ? -2.829  1.898   -23.130 1.00 82.52  ? 122 THR A CG2 1 
ATOM   903 N N   . ASP A 1 124 ? -6.099  0.041   -22.775 1.00 87.81  ? 123 ASP A N   1 
ATOM   904 C CA  . ASP A 1 124 ? -6.868  -0.737  -23.730 1.00 93.39  ? 123 ASP A CA  1 
ATOM   905 C C   . ASP A 1 124 ? -8.277  -0.227  -23.959 1.00 87.61  ? 123 ASP A C   1 
ATOM   906 O O   . ASP A 1 124 ? -8.897  -0.509  -24.967 1.00 95.06  ? 123 ASP A O   1 
ATOM   907 C CB  . ASP A 1 124 ? -7.034  -2.145  -23.191 1.00 93.52  ? 123 ASP A CB  1 
ATOM   908 C CG  . ASP A 1 124 ? -5.737  -2.927  -23.221 1.00 83.75  ? 123 ASP A CG  1 
ATOM   909 O OD1 . ASP A 1 124 ? -4.796  -2.497  -23.905 1.00 74.85  ? 123 ASP A OD1 1 
ATOM   910 O OD2 . ASP A 1 124 ? -5.645  -3.970  -22.574 1.00 64.39  ? 123 ASP A OD2 1 
ATOM   911 N N   . LYS A 1 125 ? -8.731  0.577   -23.003 1.00 89.63  ? 124 LYS A N   1 
ATOM   912 C CA  . LYS A 1 125 ? -10.014 1.267   -23.026 1.00 91.62  ? 124 LYS A CA  1 
ATOM   913 C C   . LYS A 1 125 ? -9.672  2.688   -22.655 1.00 93.04  ? 124 LYS A C   1 
ATOM   914 O O   . LYS A 1 125 ? -9.520  3.012   -21.491 1.00 83.20  ? 124 LYS A O   1 
ATOM   915 C CB  . LYS A 1 125 ? -10.995 0.734   -22.000 1.00 79.92  ? 124 LYS A CB  1 
ATOM   916 C CG  . LYS A 1 125 ? -11.472 -0.674  -22.249 1.00 110.90 ? 124 LYS A CG  1 
ATOM   917 C CD  . LYS A 1 125 ? -12.522 -1.086  -21.230 1.00 119.32 ? 124 LYS A CD  1 
ATOM   918 C CE  . LYS A 1 125 ? -13.091 -2.455  -21.553 1.00 123.09 ? 124 LYS A CE  1 
ATOM   919 N NZ  . LYS A 1 125 ? -12.091 -3.529  -21.297 1.00 114.76 ? 124 LYS A NZ  1 
ATOM   920 N N   . ASN A 1 126 ? -9.508  3.546   -23.645 1.00 90.58  ? 125 ASN A N   1 
ATOM   921 C CA  . ASN A 1 126 ? -9.139  4.909   -23.353 1.00 92.05  ? 125 ASN A CA  1 
ATOM   922 C C   . ASN A 1 126 ? -10.087 5.586   -22.392 1.00 93.41  ? 125 ASN A C   1 
ATOM   923 O O   . ASN A 1 126 ? -11.260 5.748   -22.658 1.00 98.74  ? 125 ASN A O   1 
ATOM   924 C CB  . ASN A 1 126 ? -8.962  5.671   -24.638 1.00 88.04  ? 125 ASN A CB  1 
ATOM   925 C CG  . ASN A 1 126 ? -8.150  4.896   -25.631 1.00 90.81  ? 125 ASN A CG  1 
ATOM   926 O OD1 . ASN A 1 126 ? -7.027  5.255   -25.940 1.00 85.52  ? 125 ASN A OD1 1 
ATOM   927 N ND2 . ASN A 1 126 ? -8.703  3.797   -26.107 1.00 102.28 ? 125 ASN A ND2 1 
ATOM   928 N N   . ASP A 1 127 ? -9.547  5.973   -21.254 1.00 85.50  ? 126 ASP A N   1 
ATOM   929 C CA  . ASP A 1 127 ? -10.311 6.597   -20.204 1.00 84.64  ? 126 ASP A CA  1 
ATOM   930 C C   . ASP A 1 127 ? -9.364  7.707   -19.885 1.00 88.21  ? 126 ASP A C   1 
ATOM   931 O O   . ASP A 1 127 ? -8.247  7.456   -19.475 1.00 87.26  ? 126 ASP A O   1 
ATOM   932 C CB  . ASP A 1 127 ? -10.515 5.727   -18.973 1.00 88.22  ? 126 ASP A CB  1 
ATOM   933 C CG  . ASP A 1 127 ? -11.532 6.292   -18.010 1.00 87.67  ? 126 ASP A CG  1 
ATOM   934 O OD1 . ASP A 1 127 ? -11.730 7.519   -18.007 1.00 91.38  ? 126 ASP A OD1 1 
ATOM   935 O OD2 . ASP A 1 127 ? -12.123 5.504   -17.248 1.00 75.40  ? 126 ASP A OD2 1 
ATOM   936 N N   . PRO A 1 128 ? -9.795  8.936   -20.094 1.00 97.29  ? 127 PRO A N   1 
ATOM   937 C CA  . PRO A 1 128 ? -8.928  10.098  -19.829 1.00 84.63  ? 127 PRO A CA  1 
ATOM   938 C C   . PRO A 1 128 ? -8.748  10.404  -18.351 1.00 88.21  ? 127 PRO A C   1 
ATOM   939 O O   . PRO A 1 128 ? -7.807  11.124  -18.001 1.00 91.93  ? 127 PRO A O   1 
ATOM   940 C CB  . PRO A 1 128 ? -9.641  11.245  -20.557 1.00 90.28  ? 127 PRO A CB  1 
ATOM   941 C CG  . PRO A 1 128 ? -11.067 10.817  -20.630 1.00 94.28  ? 127 PRO A CG  1 
ATOM   942 C CD  . PRO A 1 128 ? -11.058 9.317   -20.750 1.00 96.77  ? 127 PRO A CD  1 
ATOM   943 N N   . HIS A 1 129 ? -9.609  9.887   -17.473 1.00 71.36  ? 128 HIS A N   1 
ATOM   944 C CA  . HIS A 1 129 ? -9.444  10.103  -16.039 1.00 71.44  ? 128 HIS A CA  1 
ATOM   945 C C   . HIS A 1 129 ? -8.767  8.941   -15.328 1.00 81.55  ? 128 HIS A C   1 
ATOM   946 O O   . HIS A 1 129 ? -8.025  9.169   -14.366 1.00 71.75  ? 128 HIS A O   1 
ATOM   947 C CB  . HIS A 1 129 ? -10.799 10.385  -15.382 1.00 69.92  ? 128 HIS A CB  1 
ATOM   948 C CG  . HIS A 1 129 ? -11.351 11.737  -15.711 1.00 87.00  ? 128 HIS A CG  1 
ATOM   949 N ND1 . HIS A 1 129 ? -11.481 12.189  -17.007 1.00 94.49  ? 128 HIS A ND1 1 
ATOM   950 C CD2 . HIS A 1 129 ? -11.790 12.741  -14.916 1.00 66.89  ? 128 HIS A CD2 1 
ATOM   951 C CE1 . HIS A 1 129 ? -11.984 13.411  -16.997 1.00 89.82  ? 128 HIS A CE1 1 
ATOM   952 N NE2 . HIS A 1 129 ? -12.180 13.770  -15.740 1.00 88.96  ? 128 HIS A NE2 1 
ATOM   953 N N   . LEU A 1 130 ? -8.992  7.704   -15.776 1.00 80.85  ? 129 LEU A N   1 
ATOM   954 C CA  . LEU A 1 130 ? -8.315  6.556   -15.189 1.00 63.62  ? 129 LEU A CA  1 
ATOM   955 C C   . LEU A 1 130 ? -6.864  6.441   -15.631 1.00 65.46  ? 129 LEU A C   1 
ATOM   956 O O   . LEU A 1 130 ? -6.108  5.668   -15.031 1.00 70.69  ? 129 LEU A O   1 
ATOM   957 C CB  . LEU A 1 130 ? -9.059  5.267   -15.536 1.00 70.19  ? 129 LEU A CB  1 
ATOM   958 C CG  . LEU A 1 130 ? -8.945  4.136   -14.514 1.00 72.03  ? 129 LEU A CG  1 
ATOM   959 C CD1 . LEU A 1 130 ? -9.522  4.586   -13.183 1.00 73.30  ? 129 LEU A CD1 1 
ATOM   960 C CD2 . LEU A 1 130 ? -9.654  2.890   -15.016 1.00 83.34  ? 129 LEU A CD2 1 
ATOM   961 N N   . CYS A 1 131 ? -6.457  7.186   -16.659 1.00 64.56  ? 130 CYS A N   1 
ATOM   962 C CA  . CYS A 1 131 ? -5.058  7.234   -17.059 1.00 67.44  ? 130 CYS A CA  1 
ATOM   963 C C   . CYS A 1 131 ? -4.157  7.834   -15.985 1.00 85.73  ? 130 CYS A C   1 
ATOM   964 O O   . CYS A 1 131 ? -2.931  7.712   -16.090 1.00 94.71  ? 130 CYS A O   1 
ATOM   965 C CB  . CYS A 1 131 ? -4.926  7.881   -18.443 1.00 82.88  ? 130 CYS A CB  1 
ATOM   966 S SG  . CYS A 1 131 ? -5.385  6.801   -19.837 1.00 98.41  ? 130 CYS A SG  1 
ATOM   967 N N   . ASP A 1 132 ? -4.727  8.484   -14.973 1.00 77.32  ? 131 ASP A N   1 
ATOM   968 C CA  . ASP A 1 132 ? -3.998  8.960   -13.808 1.00 56.31  ? 131 ASP A CA  1 
ATOM   969 C C   . ASP A 1 132 ? -4.259  8.121   -12.563 1.00 68.16  ? 131 ASP A C   1 
ATOM   970 O O   . ASP A 1 132 ? -5.280  7.440   -12.467 1.00 69.03  ? 131 ASP A O   1 
ATOM   971 C CB  . ASP A 1 132 ? -4.390  10.427  -13.551 1.00 48.44  ? 131 ASP A CB  1 
ATOM   972 C CG  . ASP A 1 132 ? -3.693  11.395  -14.496 1.00 66.27  ? 131 ASP A CG  1 
ATOM   973 O OD1 . ASP A 1 132 ? -3.027  10.915  -15.435 1.00 73.70  ? 131 ASP A OD1 1 
ATOM   974 O OD2 . ASP A 1 132 ? -3.809  12.630  -14.311 1.00 66.22  ? 131 ASP A OD2 1 
ATOM   975 N N   . PHE A 1 133 ? -3.358  8.242   -11.612 1.00 83.42  ? 132 PHE A N   1 
ATOM   976 C CA  . PHE A 1 133 ? -3.442  7.539   -10.364 1.00 66.87  ? 132 PHE A CA  1 
ATOM   977 C C   . PHE A 1 133 ? -2.077  7.496   -9.678  1.00 81.83  ? 132 PHE A C   1 
ATOM   978 O O   . PHE A 1 133 ? -1.281  8.436   -9.764  1.00 76.96  ? 132 PHE A O   1 
ATOM   979 C CB  . PHE A 1 133 ? -3.975  6.145   -10.607 1.00 63.85  ? 132 PHE A CB  1 
ATOM   980 C CG  . PHE A 1 133 ? -5.415  5.996   -10.278 1.00 58.54  ? 132 PHE A CG  1 
ATOM   981 C CD1 . PHE A 1 133 ? -6.254  7.048   -10.391 1.00 56.31  ? 132 PHE A CD1 1 
ATOM   982 C CD2 . PHE A 1 133 ? -5.913  4.814   -9.857  1.00 59.14  ? 132 PHE A CD2 1 
ATOM   983 C CE1 . PHE A 1 133 ? -7.578  6.934   -10.083 1.00 50.47  ? 132 PHE A CE1 1 
ATOM   984 C CE2 . PHE A 1 133 ? -7.229  4.685   -9.558  1.00 54.59  ? 132 PHE A CE2 1 
ATOM   985 C CZ  . PHE A 1 133 ? -8.065  5.748   -9.666  1.00 46.33  ? 132 PHE A CZ  1 
HETATM 986 O O   . HOH B 2 .   ? 0.015   -11.293 12.272  1.00 58.51  ? 201 HOH A O   1 
HETATM 987 O O   . HOH B 2 .   ? -10.738 -1.510  0.570   1.00 44.83  ? 202 HOH A O   1 
HETATM 988 O O   . HOH B 2 .   ? 11.624  -11.072 16.555  1.00 35.79  ? 203 HOH A O   1 
HETATM 989 O O   . HOH B 2 .   ? -6.077  -6.741  3.388   1.00 33.35  ? 204 HOH A O   1 
HETATM 990 O O   . HOH B 2 .   ? 14.261  2.060   18.057  1.00 44.81  ? 205 HOH A O   1 
HETATM 991 O O   . HOH B 2 .   ? -13.663 -11.312 -13.152 1.00 40.09  ? 206 HOH A O   1 
HETATM 992 O O   . HOH B 2 .   ? 19.303  -7.503  11.503  1.00 40.50  ? 207 HOH A O   1 
HETATM 993 O O   . HOH B 2 .   ? 5.457   -3.347  -21.824 1.00 43.65  ? 208 HOH A O   1 
HETATM 994 O O   . HOH B 2 .   ? 9.924   6.077   15.234  1.00 42.80  ? 209 HOH A O   1 
HETATM 995 O O   . HOH B 2 .   ? 6.693   11.230  9.237   1.00 49.92  ? 210 HOH A O   1 
HETATM 996 O O   . HOH B 2 .   ? 14.820  -13.365 -0.313  1.00 62.84  ? 211 HOH A O   1 
HETATM 997 O O   . HOH B 2 .   ? 11.336  -8.116  -9.307  0.50 50.73  ? 212 HOH A O   1 
# 
loop_
_pdbx_poly_seq_scheme.asym_id 
_pdbx_poly_seq_scheme.entity_id 
_pdbx_poly_seq_scheme.seq_id 
_pdbx_poly_seq_scheme.mon_id 
_pdbx_poly_seq_scheme.ndb_seq_num 
_pdbx_poly_seq_scheme.pdb_seq_num 
_pdbx_poly_seq_scheme.auth_seq_num 
_pdbx_poly_seq_scheme.pdb_mon_id 
_pdbx_poly_seq_scheme.auth_mon_id 
_pdbx_poly_seq_scheme.pdb_strand_id 
_pdbx_poly_seq_scheme.pdb_ins_code 
_pdbx_poly_seq_scheme.hetero 
A 1 1   MET 1   0   ?   ?   ?   A . n 
A 1 2   THR 2   1   ?   ?   ?   A . n 
A 1 3   THR 3   2   ?   ?   ?   A . n 
A 1 4   ALA 4   3   ?   ?   ?   A . n 
A 1 5   SER 5   4   ?   ?   ?   A . n 
A 1 6   THR 6   5   ?   ?   ?   A . n 
A 1 7   SER 7   6   ?   ?   ?   A . n 
A 1 8   GLN 8   7   ?   ?   ?   A . n 
A 1 9   VAL 9   8   ?   ?   ?   A . n 
A 1 10  ARG 10  9   ?   ?   ?   A . n 
A 1 11  GLN 11  10  ?   ?   ?   A . n 
A 1 12  ASN 12  11  ?   ?   ?   A . n 
A 1 13  TYR 13  12  ?   ?   ?   A . n 
A 1 14  HIS 14  13  ?   ?   ?   A . n 
A 1 15  GLN 15  14  14  GLN GLN A . n 
A 1 16  ASP 16  15  15  ASP ASP A . n 
A 1 17  SER 17  16  16  SER SER A . n 
A 1 18  GLU 18  17  17  GLU GLU A . n 
A 1 19  ALA 19  18  18  ALA ALA A . n 
A 1 20  ALA 20  19  19  ALA ALA A . n 
A 1 21  ILE 21  20  20  ILE ILE A . n 
A 1 22  ASN 22  21  21  ASN ASN A . n 
A 1 23  ARG 23  22  22  ARG ARG A . n 
A 1 24  GLN 24  23  23  GLN GLN A . n 
A 1 25  ILE 25  24  24  ILE ILE A . n 
A 1 26  ASN 26  25  25  ASN ASN A . n 
A 1 27  LEU 27  26  26  LEU LEU A . n 
A 1 28  GLU 28  27  27  GLU GLU A . n 
A 1 29  LEU 29  28  28  LEU LEU A . n 
A 1 30  TYR 30  29  29  TYR TYR A . n 
A 1 31  ALA 31  30  30  ALA ALA A . n 
A 1 32  SER 32  31  31  SER SER A . n 
A 1 33  TYR 33  32  32  TYR TYR A . n 
A 1 34  VAL 34  33  33  VAL VAL A . n 
A 1 35  TYR 35  34  34  TYR TYR A . n 
A 1 36  LEU 36  35  35  LEU LEU A . n 
A 1 37  SER 37  36  36  SER SER A . n 
A 1 38  MET 38  37  37  MET MET A . n 
A 1 39  SER 39  38  38  SER SER A . n 
A 1 40  TYR 40  39  39  TYR TYR A . n 
A 1 41  TYR 41  40  40  TYR TYR A . n 
A 1 42  PHE 42  41  41  PHE PHE A . n 
A 1 43  ASP 43  42  42  ASP ASP A . n 
A 1 44  ARG 44  43  43  ARG ARG A . n 
A 1 45  ASP 45  44  44  ASP ASP A . n 
A 1 46  ASP 46  45  45  ASP ASP A . n 
A 1 47  VAL 47  46  46  VAL VAL A . n 
A 1 48  ALA 48  47  47  ALA ALA A . n 
A 1 49  LEU 49  48  48  LEU LEU A . n 
A 1 50  LYS 50  49  49  LYS LYS A . n 
A 1 51  ASN 51  50  50  ASN ASN A . n 
A 1 52  PHE 52  51  51  PHE PHE A . n 
A 1 53  ALA 53  52  52  ALA ALA A . n 
A 1 54  LYS 54  53  53  LYS LYS A . n 
A 1 55  TYR 55  54  54  TYR TYR A . n 
A 1 56  PHE 56  55  55  PHE PHE A . n 
A 1 57  LEU 57  56  56  LEU LEU A . n 
A 1 58  HIS 58  57  57  HIS HIS A . n 
A 1 59  GLN 59  58  58  GLN GLN A . n 
A 1 60  SER 60  59  59  SER SER A . n 
A 1 61  HIS 61  60  60  HIS HIS A . n 
A 1 62  GLU 62  61  61  GLU GLU A . n 
A 1 63  GLU 63  62  62  GLU GLU A . n 
A 1 64  ARG 64  63  63  ARG ARG A . n 
A 1 65  GLU 65  64  64  GLU GLU A . n 
A 1 66  HIS 66  65  65  HIS HIS A . n 
A 1 67  ALA 67  66  66  ALA ALA A . n 
A 1 68  GLU 68  67  67  GLU GLU A . n 
A 1 69  LYS 69  68  68  LYS LYS A . n 
A 1 70  LEU 70  69  69  LEU LEU A . n 
A 1 71  MET 71  70  70  MET MET A . n 
A 1 72  LYS 72  71  71  LYS LYS A . n 
A 1 73  LEU 73  72  72  LEU LEU A . n 
A 1 74  GLN 74  73  73  GLN GLN A . n 
A 1 75  ASN 75  74  74  ASN ASN A . n 
A 1 76  GLN 76  75  75  GLN GLN A . n 
A 1 77  ARG 77  76  76  ARG ARG A . n 
A 1 78  GLY 78  77  77  GLY GLY A . n 
A 1 79  GLY 79  78  78  GLY GLY A . n 
A 1 80  ARG 80  79  79  ARG ARG A . n 
A 1 81  ILE 81  80  80  ILE ILE A . n 
A 1 82  PHE 82  81  81  PHE PHE A . n 
A 1 83  LEU 83  82  82  LEU LEU A . n 
A 1 84  GLN 84  83  83  GLN GLN A . n 
A 1 85  ASP 85  84  84  ASP ASP A . n 
A 1 86  ILE 86  85  85  ILE ILE A . n 
A 1 87  GLN 87  86  86  GLN GLN A . n 
A 1 88  LYS 88  87  87  LYS LYS A . n 
A 1 89  PRO 89  88  88  PRO PRO A . n 
A 1 90  ASP 90  89  89  ASP ASP A . n 
A 1 91  CYS 91  90  90  CYS CYS A . n 
A 1 92  ASP 92  91  91  ASP ASP A . n 
A 1 93  ASP 93  92  92  ASP ASP A . n 
A 1 94  TRP 94  93  93  TRP TRP A . n 
A 1 95  GLU 95  94  94  GLU GLU A . n 
A 1 96  SER 96  95  95  SER SER A . n 
A 1 97  GLY 97  96  96  GLY GLY A . n 
A 1 98  LEU 98  97  97  LEU LEU A . n 
A 1 99  ASN 99  98  98  ASN ASN A . n 
A 1 100 ALA 100 99  99  ALA ALA A . n 
A 1 101 MET 101 100 100 MET MET A . n 
A 1 102 GLU 102 101 101 GLU GLU A . n 
A 1 103 CYS 103 102 102 CYS CYS A . n 
A 1 104 ALA 104 103 103 ALA ALA A . n 
A 1 105 LEU 105 104 104 LEU LEU A . n 
A 1 106 HIS 106 105 105 HIS HIS A . n 
A 1 107 LEU 107 106 106 LEU LEU A . n 
A 1 108 GLU 108 107 107 GLU GLU A . n 
A 1 109 LYS 109 108 108 LYS LYS A . n 
A 1 110 ASN 110 109 109 ASN ASN A . n 
A 1 111 VAL 111 110 110 VAL VAL A . n 
A 1 112 ASN 112 111 111 ASN ASN A . n 
A 1 113 GLN 113 112 112 GLN GLN A . n 
A 1 114 SER 114 113 113 SER SER A . n 
A 1 115 LEU 115 114 114 LEU LEU A . n 
A 1 116 LEU 116 115 115 LEU LEU A . n 
A 1 117 GLU 117 116 116 GLU GLU A . n 
A 1 118 LEU 118 117 117 LEU LEU A . n 
A 1 119 HIS 119 118 118 HIS HIS A . n 
A 1 120 LYS 120 119 119 LYS LYS A . n 
A 1 121 LEU 121 120 120 LEU LEU A . n 
A 1 122 ALA 122 121 121 ALA ALA A . n 
A 1 123 THR 123 122 122 THR THR A . n 
A 1 124 ASP 124 123 123 ASP ASP A . n 
A 1 125 LYS 125 124 124 LYS LYS A . n 
A 1 126 ASN 126 125 125 ASN ASN A . n 
A 1 127 ASP 127 126 126 ASP ASP A . n 
A 1 128 PRO 128 127 127 PRO PRO A . n 
A 1 129 HIS 129 128 128 HIS HIS A . n 
A 1 130 LEU 130 129 129 LEU LEU A . n 
A 1 131 CYS 131 130 130 CYS CYS A . n 
A 1 132 ASP 132 131 131 ASP ASP A . n 
A 1 133 PHE 133 132 132 PHE PHE A . n 
A 1 134 ILE 134 133 ?   ?   ?   A . n 
# 
loop_
_pdbx_nonpoly_scheme.asym_id 
_pdbx_nonpoly_scheme.entity_id 
_pdbx_nonpoly_scheme.mon_id 
_pdbx_nonpoly_scheme.ndb_seq_num 
_pdbx_nonpoly_scheme.pdb_seq_num 
_pdbx_nonpoly_scheme.auth_seq_num 
_pdbx_nonpoly_scheme.pdb_mon_id 
_pdbx_nonpoly_scheme.auth_mon_id 
_pdbx_nonpoly_scheme.pdb_strand_id 
_pdbx_nonpoly_scheme.pdb_ins_code 
B 2 HOH 1  201 9  HOH HOH A . 
B 2 HOH 2  202 12 HOH HOH A . 
B 2 HOH 3  203 2  HOH HOH A . 
B 2 HOH 4  204 6  HOH HOH A . 
B 2 HOH 5  205 4  HOH HOH A . 
B 2 HOH 6  206 5  HOH HOH A . 
B 2 HOH 7  207 1  HOH HOH A . 
B 2 HOH 8  208 10 HOH HOH A . 
B 2 HOH 9  209 3  HOH HOH A . 
B 2 HOH 10 210 8  HOH HOH A . 
B 2 HOH 11 211 13 HOH HOH A . 
B 2 HOH 12 212 11 HOH HOH A . 
# 
_pdbx_struct_assembly.id                   1 
_pdbx_struct_assembly.details              author_and_software_defined_assembly 
_pdbx_struct_assembly.method_details       PISA 
_pdbx_struct_assembly.oligomeric_details   octameric 
_pdbx_struct_assembly.oligomeric_count     8 
# 
_pdbx_struct_assembly_gen.assembly_id       1 
_pdbx_struct_assembly_gen.oper_expression   1,2,3,4,5,6,7,8 
_pdbx_struct_assembly_gen.asym_id_list      A,B 
# 
loop_
_pdbx_struct_assembly_prop.biol_id 
_pdbx_struct_assembly_prop.type 
_pdbx_struct_assembly_prop.value 
_pdbx_struct_assembly_prop.details 
1 'ABSA (A^2)' 20970 ? 
1 MORE         -102  ? 
1 'SSA (A^2)'  42000 ? 
# 
loop_
_pdbx_struct_oper_list.id 
_pdbx_struct_oper_list.type 
_pdbx_struct_oper_list.name 
_pdbx_struct_oper_list.symmetry_operation 
_pdbx_struct_oper_list.matrix[1][1] 
_pdbx_struct_oper_list.matrix[1][2] 
_pdbx_struct_oper_list.matrix[1][3] 
_pdbx_struct_oper_list.vector[1] 
_pdbx_struct_oper_list.matrix[2][1] 
_pdbx_struct_oper_list.matrix[2][2] 
_pdbx_struct_oper_list.matrix[2][3] 
_pdbx_struct_oper_list.vector[2] 
_pdbx_struct_oper_list.matrix[3][1] 
_pdbx_struct_oper_list.matrix[3][2] 
_pdbx_struct_oper_list.matrix[3][3] 
_pdbx_struct_oper_list.vector[3] 
1 'identity operation'         1_555 x,y,z          1.0000000000  0.0000000000  0.0000000000  0.0000000000   0.0000000000  1.0000000000  0.0000000000  0.0000000000  0.0000000000  0.0000000000  1.0000000000  0.0000000000  
2 'crystal symmetry operation' 2_575 -x,-y+2,z      -0.2325658184 -0.3475745947 0.9083529277  5.4361935195   -0.3475745947 -0.8425818112 -0.4113973658 48.8661959405 0.9083529277  -0.4113973658 0.0751476296  14.1054507949 
3 'crystal symmetry operation' 3_665 -y+1,x+1,z     0.3837170908  0.5594069571  0.7347278752  -17.1747623552 -0.9069815518 0.0787090944  0.4137503391  22.0571870481 0.1736250525  -0.8251477048 0.5375738148  22.9503499204 
4 'crystal symmetry operation' 4_465 y-1,-x+1,z     0.3837170908  -0.9069815518 0.1736250525  22.6109558748  0.5594069571  0.0787090944  -0.8251477048 26.8090088924 0.7347278752  0.4137503391  0.5375738148  -8.8448991255 
5 'crystal symmetry operation' 5_557 -x,y,-z+2      -0.9280490363 -0.3235067313 -0.1845762202 17.5127877999  -0.3235067313 0.4545545993  0.8298936746  6.9645678414  -0.1845762202 0.8298936746  -0.5265055630 -5.3800138325 
6 'crystal symmetry operation' 6_577 x,-y+2,-z+2    0.1606148547  0.6710813260  -0.7237767075 -5.9443404685  0.6710813260  -0.6119727881 -0.4184963088 39.1243011509 -0.7237767075 -0.4184963088 -0.5486420666 26.7437427141 
7 'crystal symmetry operation' 7_467 y-1,x+1,-z+2   -0.0947406950 -0.3923173648 -0.9149378591 22.0800721283  -0.3923173648 -0.8299791961 0.3965118148  41.5932651196 -0.9149378591 0.3965118148  -0.0752801088 4.0116719894  
8 'crystal symmetry operation' 8_667 -y+1,-x+1,-z+2 -0.6726934865 0.7398919596  0.0065849314  -10.5116247969 0.7398919596  0.6725610073  0.0148855510  4.4956038727  0.0065849314  0.0148855510  -0.9998675207 17.3520568922 
# 
_pdbx_struct_special_symmetry.id              1 
_pdbx_struct_special_symmetry.PDB_model_num   1 
_pdbx_struct_special_symmetry.auth_asym_id    A 
_pdbx_struct_special_symmetry.auth_comp_id    HOH 
_pdbx_struct_special_symmetry.auth_seq_id     212 
_pdbx_struct_special_symmetry.PDB_ins_code    ? 
_pdbx_struct_special_symmetry.label_asym_id   B 
_pdbx_struct_special_symmetry.label_comp_id   HOH 
_pdbx_struct_special_symmetry.label_seq_id    . 
# 
loop_
_pdbx_audit_revision_history.ordinal 
_pdbx_audit_revision_history.data_content_type 
_pdbx_audit_revision_history.major_revision 
_pdbx_audit_revision_history.minor_revision 
_pdbx_audit_revision_history.revision_date 
1 'Structure model' 1 0 2018-11-07 
2 'Structure model' 1 1 2018-11-21 
3 'Structure model' 1 2 2023-11-22 
# 
_pdbx_audit_revision_details.ordinal             1 
_pdbx_audit_revision_details.revision_ordinal    1 
_pdbx_audit_revision_details.data_content_type   'Structure model' 
_pdbx_audit_revision_details.provider            repository 
_pdbx_audit_revision_details.type                'Initial release' 
_pdbx_audit_revision_details.description         ? 
_pdbx_audit_revision_details.details             ? 
# 
loop_
_pdbx_audit_revision_group.ordinal 
_pdbx_audit_revision_group.revision_ordinal 
_pdbx_audit_revision_group.data_content_type 
_pdbx_audit_revision_group.group 
1 2 'Structure model' 'Data collection'        
2 2 'Structure model' 'Database references'    
3 3 'Structure model' 'Data collection'        
4 3 'Structure model' 'Database references'    
5 3 'Structure model' 'Refinement description' 
# 
loop_
_pdbx_audit_revision_category.ordinal 
_pdbx_audit_revision_category.revision_ordinal 
_pdbx_audit_revision_category.data_content_type 
_pdbx_audit_revision_category.category 
1 2 'Structure model' citation                      
2 3 'Structure model' chem_comp_atom                
3 3 'Structure model' chem_comp_bond                
4 3 'Structure model' database_2                    
5 3 'Structure model' pdbx_initial_refinement_model 
# 
loop_
_pdbx_audit_revision_item.ordinal 
_pdbx_audit_revision_item.revision_ordinal 
_pdbx_audit_revision_item.data_content_type 
_pdbx_audit_revision_item.item 
1 2 'Structure model' '_citation.journal_volume'            
2 2 'Structure model' '_citation.page_first'                
3 2 'Structure model' '_citation.page_last'                 
4 2 'Structure model' '_citation.title'                     
5 3 'Structure model' '_database_2.pdbx_DOI'                
6 3 'Structure model' '_database_2.pdbx_database_accession' 
# 
loop_
_software.citation_id 
_software.classification 
_software.compiler_name 
_software.compiler_version 
_software.contact_author 
_software.contact_author_email 
_software.date 
_software.description 
_software.dependencies 
_software.hardware 
_software.language 
_software.location 
_software.mods 
_software.name 
_software.os 
_software.os_version 
_software.type 
_software.version 
_software.pdbx_ordinal 
? refinement       ? ? ? ? ? ? ? ? ? ? ? PHENIX   ? ? ? '(1.10.1_2155: ???)' 1 
? 'data reduction' ? ? ? ? ? ? ? ? ? ? ? HKL-3000 ? ? ? .                    2 
? 'data scaling'   ? ? ? ? ? ? ? ? ? ? ? HKL-3000 ? ? ? .                    3 
? phasing          ? ? ? ? ? ? ? ? ? ? ? PHENIX   ? ? ? .                    4 
# 
loop_
_pdbx_validate_torsion.id 
_pdbx_validate_torsion.PDB_model_num 
_pdbx_validate_torsion.auth_comp_id 
_pdbx_validate_torsion.auth_asym_id 
_pdbx_validate_torsion.auth_seq_id 
_pdbx_validate_torsion.PDB_ins_code 
_pdbx_validate_torsion.label_alt_id 
_pdbx_validate_torsion.phi 
_pdbx_validate_torsion.psi 
1 1 VAL A 46 ? ? -108.84 47.33 
2 1 GLU A 94 ? ? 67.04   -0.50 
# 
loop_
_pdbx_unobs_or_zero_occ_residues.id 
_pdbx_unobs_or_zero_occ_residues.PDB_model_num 
_pdbx_unobs_or_zero_occ_residues.polymer_flag 
_pdbx_unobs_or_zero_occ_residues.occupancy_flag 
_pdbx_unobs_or_zero_occ_residues.auth_asym_id 
_pdbx_unobs_or_zero_occ_residues.auth_comp_id 
_pdbx_unobs_or_zero_occ_residues.auth_seq_id 
_pdbx_unobs_or_zero_occ_residues.PDB_ins_code 
_pdbx_unobs_or_zero_occ_residues.label_asym_id 
_pdbx_unobs_or_zero_occ_residues.label_comp_id 
_pdbx_unobs_or_zero_occ_residues.label_seq_id 
1  1 Y 1 A MET 0   ? A MET 1   
2  1 Y 1 A THR 1   ? A THR 2   
3  1 Y 1 A THR 2   ? A THR 3   
4  1 Y 1 A ALA 3   ? A ALA 4   
5  1 Y 1 A SER 4   ? A SER 5   
6  1 Y 1 A THR 5   ? A THR 6   
7  1 Y 1 A SER 6   ? A SER 7   
8  1 Y 1 A GLN 7   ? A GLN 8   
9  1 Y 1 A VAL 8   ? A VAL 9   
10 1 Y 1 A ARG 9   ? A ARG 10  
11 1 Y 1 A GLN 10  ? A GLN 11  
12 1 Y 1 A ASN 11  ? A ASN 12  
13 1 Y 1 A TYR 12  ? A TYR 13  
14 1 Y 1 A HIS 13  ? A HIS 14  
15 1 Y 1 A ILE 133 ? A ILE 134 
# 
loop_
_chem_comp_atom.comp_id 
_chem_comp_atom.atom_id 
_chem_comp_atom.type_symbol 
_chem_comp_atom.pdbx_aromatic_flag 
_chem_comp_atom.pdbx_stereo_config 
_chem_comp_atom.pdbx_ordinal 
ALA N    N N N 1   
ALA CA   C N S 2   
ALA C    C N N 3   
ALA O    O N N 4   
ALA CB   C N N 5   
ALA OXT  O N N 6   
ALA H    H N N 7   
ALA H2   H N N 8   
ALA HA   H N N 9   
ALA HB1  H N N 10  
ALA HB2  H N N 11  
ALA HB3  H N N 12  
ALA HXT  H N N 13  
ARG N    N N N 14  
ARG CA   C N S 15  
ARG C    C N N 16  
ARG O    O N N 17  
ARG CB   C N N 18  
ARG CG   C N N 19  
ARG CD   C N N 20  
ARG NE   N N N 21  
ARG CZ   C N N 22  
ARG NH1  N N N 23  
ARG NH2  N N N 24  
ARG OXT  O N N 25  
ARG H    H N N 26  
ARG H2   H N N 27  
ARG HA   H N N 28  
ARG HB2  H N N 29  
ARG HB3  H N N 30  
ARG HG2  H N N 31  
ARG HG3  H N N 32  
ARG HD2  H N N 33  
ARG HD3  H N N 34  
ARG HE   H N N 35  
ARG HH11 H N N 36  
ARG HH12 H N N 37  
ARG HH21 H N N 38  
ARG HH22 H N N 39  
ARG HXT  H N N 40  
ASN N    N N N 41  
ASN CA   C N S 42  
ASN C    C N N 43  
ASN O    O N N 44  
ASN CB   C N N 45  
ASN CG   C N N 46  
ASN OD1  O N N 47  
ASN ND2  N N N 48  
ASN OXT  O N N 49  
ASN H    H N N 50  
ASN H2   H N N 51  
ASN HA   H N N 52  
ASN HB2  H N N 53  
ASN HB3  H N N 54  
ASN HD21 H N N 55  
ASN HD22 H N N 56  
ASN HXT  H N N 57  
ASP N    N N N 58  
ASP CA   C N S 59  
ASP C    C N N 60  
ASP O    O N N 61  
ASP CB   C N N 62  
ASP CG   C N N 63  
ASP OD1  O N N 64  
ASP OD2  O N N 65  
ASP OXT  O N N 66  
ASP H    H N N 67  
ASP H2   H N N 68  
ASP HA   H N N 69  
ASP HB2  H N N 70  
ASP HB3  H N N 71  
ASP HD2  H N N 72  
ASP HXT  H N N 73  
CYS N    N N N 74  
CYS CA   C N R 75  
CYS C    C N N 76  
CYS O    O N N 77  
CYS CB   C N N 78  
CYS SG   S N N 79  
CYS OXT  O N N 80  
CYS H    H N N 81  
CYS H2   H N N 82  
CYS HA   H N N 83  
CYS HB2  H N N 84  
CYS HB3  H N N 85  
CYS HG   H N N 86  
CYS HXT  H N N 87  
GLN N    N N N 88  
GLN CA   C N S 89  
GLN C    C N N 90  
GLN O    O N N 91  
GLN CB   C N N 92  
GLN CG   C N N 93  
GLN CD   C N N 94  
GLN OE1  O N N 95  
GLN NE2  N N N 96  
GLN OXT  O N N 97  
GLN H    H N N 98  
GLN H2   H N N 99  
GLN HA   H N N 100 
GLN HB2  H N N 101 
GLN HB3  H N N 102 
GLN HG2  H N N 103 
GLN HG3  H N N 104 
GLN HE21 H N N 105 
GLN HE22 H N N 106 
GLN HXT  H N N 107 
GLU N    N N N 108 
GLU CA   C N S 109 
GLU C    C N N 110 
GLU O    O N N 111 
GLU CB   C N N 112 
GLU CG   C N N 113 
GLU CD   C N N 114 
GLU OE1  O N N 115 
GLU OE2  O N N 116 
GLU OXT  O N N 117 
GLU H    H N N 118 
GLU H2   H N N 119 
GLU HA   H N N 120 
GLU HB2  H N N 121 
GLU HB3  H N N 122 
GLU HG2  H N N 123 
GLU HG3  H N N 124 
GLU HE2  H N N 125 
GLU HXT  H N N 126 
GLY N    N N N 127 
GLY CA   C N N 128 
GLY C    C N N 129 
GLY O    O N N 130 
GLY OXT  O N N 131 
GLY H    H N N 132 
GLY H2   H N N 133 
GLY HA2  H N N 134 
GLY HA3  H N N 135 
GLY HXT  H N N 136 
HIS N    N N N 137 
HIS CA   C N S 138 
HIS C    C N N 139 
HIS O    O N N 140 
HIS CB   C N N 141 
HIS CG   C Y N 142 
HIS ND1  N Y N 143 
HIS CD2  C Y N 144 
HIS CE1  C Y N 145 
HIS NE2  N Y N 146 
HIS OXT  O N N 147 
HIS H    H N N 148 
HIS H2   H N N 149 
HIS HA   H N N 150 
HIS HB2  H N N 151 
HIS HB3  H N N 152 
HIS HD1  H N N 153 
HIS HD2  H N N 154 
HIS HE1  H N N 155 
HIS HE2  H N N 156 
HIS HXT  H N N 157 
HOH O    O N N 158 
HOH H1   H N N 159 
HOH H2   H N N 160 
ILE N    N N N 161 
ILE CA   C N S 162 
ILE C    C N N 163 
ILE O    O N N 164 
ILE CB   C N S 165 
ILE CG1  C N N 166 
ILE CG2  C N N 167 
ILE CD1  C N N 168 
ILE OXT  O N N 169 
ILE H    H N N 170 
ILE H2   H N N 171 
ILE HA   H N N 172 
ILE HB   H N N 173 
ILE HG12 H N N 174 
ILE HG13 H N N 175 
ILE HG21 H N N 176 
ILE HG22 H N N 177 
ILE HG23 H N N 178 
ILE HD11 H N N 179 
ILE HD12 H N N 180 
ILE HD13 H N N 181 
ILE HXT  H N N 182 
LEU N    N N N 183 
LEU CA   C N S 184 
LEU C    C N N 185 
LEU O    O N N 186 
LEU CB   C N N 187 
LEU CG   C N N 188 
LEU CD1  C N N 189 
LEU CD2  C N N 190 
LEU OXT  O N N 191 
LEU H    H N N 192 
LEU H2   H N N 193 
LEU HA   H N N 194 
LEU HB2  H N N 195 
LEU HB3  H N N 196 
LEU HG   H N N 197 
LEU HD11 H N N 198 
LEU HD12 H N N 199 
LEU HD13 H N N 200 
LEU HD21 H N N 201 
LEU HD22 H N N 202 
LEU HD23 H N N 203 
LEU HXT  H N N 204 
LYS N    N N N 205 
LYS CA   C N S 206 
LYS C    C N N 207 
LYS O    O N N 208 
LYS CB   C N N 209 
LYS CG   C N N 210 
LYS CD   C N N 211 
LYS CE   C N N 212 
LYS NZ   N N N 213 
LYS OXT  O N N 214 
LYS H    H N N 215 
LYS H2   H N N 216 
LYS HA   H N N 217 
LYS HB2  H N N 218 
LYS HB3  H N N 219 
LYS HG2  H N N 220 
LYS HG3  H N N 221 
LYS HD2  H N N 222 
LYS HD3  H N N 223 
LYS HE2  H N N 224 
LYS HE3  H N N 225 
LYS HZ1  H N N 226 
LYS HZ2  H N N 227 
LYS HZ3  H N N 228 
LYS HXT  H N N 229 
MET N    N N N 230 
MET CA   C N S 231 
MET C    C N N 232 
MET O    O N N 233 
MET CB   C N N 234 
MET CG   C N N 235 
MET SD   S N N 236 
MET CE   C N N 237 
MET OXT  O N N 238 
MET H    H N N 239 
MET H2   H N N 240 
MET HA   H N N 241 
MET HB2  H N N 242 
MET HB3  H N N 243 
MET HG2  H N N 244 
MET HG3  H N N 245 
MET HE1  H N N 246 
MET HE2  H N N 247 
MET HE3  H N N 248 
MET HXT  H N N 249 
PHE N    N N N 250 
PHE CA   C N S 251 
PHE C    C N N 252 
PHE O    O N N 253 
PHE CB   C N N 254 
PHE CG   C Y N 255 
PHE CD1  C Y N 256 
PHE CD2  C Y N 257 
PHE CE1  C Y N 258 
PHE CE2  C Y N 259 
PHE CZ   C Y N 260 
PHE OXT  O N N 261 
PHE H    H N N 262 
PHE H2   H N N 263 
PHE HA   H N N 264 
PHE HB2  H N N 265 
PHE HB3  H N N 266 
PHE HD1  H N N 267 
PHE HD2  H N N 268 
PHE HE1  H N N 269 
PHE HE2  H N N 270 
PHE HZ   H N N 271 
PHE HXT  H N N 272 
PRO N    N N N 273 
PRO CA   C N S 274 
PRO C    C N N 275 
PRO O    O N N 276 
PRO CB   C N N 277 
PRO CG   C N N 278 
PRO CD   C N N 279 
PRO OXT  O N N 280 
PRO H    H N N 281 
PRO HA   H N N 282 
PRO HB2  H N N 283 
PRO HB3  H N N 284 
PRO HG2  H N N 285 
PRO HG3  H N N 286 
PRO HD2  H N N 287 
PRO HD3  H N N 288 
PRO HXT  H N N 289 
SER N    N N N 290 
SER CA   C N S 291 
SER C    C N N 292 
SER O    O N N 293 
SER CB   C N N 294 
SER OG   O N N 295 
SER OXT  O N N 296 
SER H    H N N 297 
SER H2   H N N 298 
SER HA   H N N 299 
SER HB2  H N N 300 
SER HB3  H N N 301 
SER HG   H N N 302 
SER HXT  H N N 303 
THR N    N N N 304 
THR CA   C N S 305 
THR C    C N N 306 
THR O    O N N 307 
THR CB   C N R 308 
THR OG1  O N N 309 
THR CG2  C N N 310 
THR OXT  O N N 311 
THR H    H N N 312 
THR H2   H N N 313 
THR HA   H N N 314 
THR HB   H N N 315 
THR HG1  H N N 316 
THR HG21 H N N 317 
THR HG22 H N N 318 
THR HG23 H N N 319 
THR HXT  H N N 320 
TRP N    N N N 321 
TRP CA   C N S 322 
TRP C    C N N 323 
TRP O    O N N 324 
TRP CB   C N N 325 
TRP CG   C Y N 326 
TRP CD1  C Y N 327 
TRP CD2  C Y N 328 
TRP NE1  N Y N 329 
TRP CE2  C Y N 330 
TRP CE3  C Y N 331 
TRP CZ2  C Y N 332 
TRP CZ3  C Y N 333 
TRP CH2  C Y N 334 
TRP OXT  O N N 335 
TRP H    H N N 336 
TRP H2   H N N 337 
TRP HA   H N N 338 
TRP HB2  H N N 339 
TRP HB3  H N N 340 
TRP HD1  H N N 341 
TRP HE1  H N N 342 
TRP HE3  H N N 343 
TRP HZ2  H N N 344 
TRP HZ3  H N N 345 
TRP HH2  H N N 346 
TRP HXT  H N N 347 
TYR N    N N N 348 
TYR CA   C N S 349 
TYR C    C N N 350 
TYR O    O N N 351 
TYR CB   C N N 352 
TYR CG   C Y N 353 
TYR CD1  C Y N 354 
TYR CD2  C Y N 355 
TYR CE1  C Y N 356 
TYR CE2  C Y N 357 
TYR CZ   C Y N 358 
TYR OH   O N N 359 
TYR OXT  O N N 360 
TYR H    H N N 361 
TYR H2   H N N 362 
TYR HA   H N N 363 
TYR HB2  H N N 364 
TYR HB3  H N N 365 
TYR HD1  H N N 366 
TYR HD2  H N N 367 
TYR HE1  H N N 368 
TYR HE2  H N N 369 
TYR HH   H N N 370 
TYR HXT  H N N 371 
VAL N    N N N 372 
VAL CA   C N S 373 
VAL C    C N N 374 
VAL O    O N N 375 
VAL CB   C N N 376 
VAL CG1  C N N 377 
VAL CG2  C N N 378 
VAL OXT  O N N 379 
VAL H    H N N 380 
VAL H2   H N N 381 
VAL HA   H N N 382 
VAL HB   H N N 383 
VAL HG11 H N N 384 
VAL HG12 H N N 385 
VAL HG13 H N N 386 
VAL HG21 H N N 387 
VAL HG22 H N N 388 
VAL HG23 H N N 389 
VAL HXT  H N N 390 
# 
loop_
_chem_comp_bond.comp_id 
_chem_comp_bond.atom_id_1 
_chem_comp_bond.atom_id_2 
_chem_comp_bond.value_order 
_chem_comp_bond.pdbx_aromatic_flag 
_chem_comp_bond.pdbx_stereo_config 
_chem_comp_bond.pdbx_ordinal 
ALA N   CA   sing N N 1   
ALA N   H    sing N N 2   
ALA N   H2   sing N N 3   
ALA CA  C    sing N N 4   
ALA CA  CB   sing N N 5   
ALA CA  HA   sing N N 6   
ALA C   O    doub N N 7   
ALA C   OXT  sing N N 8   
ALA CB  HB1  sing N N 9   
ALA CB  HB2  sing N N 10  
ALA CB  HB3  sing N N 11  
ALA OXT HXT  sing N N 12  
ARG N   CA   sing N N 13  
ARG N   H    sing N N 14  
ARG N   H2   sing N N 15  
ARG CA  C    sing N N 16  
ARG CA  CB   sing N N 17  
ARG CA  HA   sing N N 18  
ARG C   O    doub N N 19  
ARG C   OXT  sing N N 20  
ARG CB  CG   sing N N 21  
ARG CB  HB2  sing N N 22  
ARG CB  HB3  sing N N 23  
ARG CG  CD   sing N N 24  
ARG CG  HG2  sing N N 25  
ARG CG  HG3  sing N N 26  
ARG CD  NE   sing N N 27  
ARG CD  HD2  sing N N 28  
ARG CD  HD3  sing N N 29  
ARG NE  CZ   sing N N 30  
ARG NE  HE   sing N N 31  
ARG CZ  NH1  sing N N 32  
ARG CZ  NH2  doub N N 33  
ARG NH1 HH11 sing N N 34  
ARG NH1 HH12 sing N N 35  
ARG NH2 HH21 sing N N 36  
ARG NH2 HH22 sing N N 37  
ARG OXT HXT  sing N N 38  
ASN N   CA   sing N N 39  
ASN N   H    sing N N 40  
ASN N   H2   sing N N 41  
ASN CA  C    sing N N 42  
ASN CA  CB   sing N N 43  
ASN CA  HA   sing N N 44  
ASN C   O    doub N N 45  
ASN C   OXT  sing N N 46  
ASN CB  CG   sing N N 47  
ASN CB  HB2  sing N N 48  
ASN CB  HB3  sing N N 49  
ASN CG  OD1  doub N N 50  
ASN CG  ND2  sing N N 51  
ASN ND2 HD21 sing N N 52  
ASN ND2 HD22 sing N N 53  
ASN OXT HXT  sing N N 54  
ASP N   CA   sing N N 55  
ASP N   H    sing N N 56  
ASP N   H2   sing N N 57  
ASP CA  C    sing N N 58  
ASP CA  CB   sing N N 59  
ASP CA  HA   sing N N 60  
ASP C   O    doub N N 61  
ASP C   OXT  sing N N 62  
ASP CB  CG   sing N N 63  
ASP CB  HB2  sing N N 64  
ASP CB  HB3  sing N N 65  
ASP CG  OD1  doub N N 66  
ASP CG  OD2  sing N N 67  
ASP OD2 HD2  sing N N 68  
ASP OXT HXT  sing N N 69  
CYS N   CA   sing N N 70  
CYS N   H    sing N N 71  
CYS N   H2   sing N N 72  
CYS CA  C    sing N N 73  
CYS CA  CB   sing N N 74  
CYS CA  HA   sing N N 75  
CYS C   O    doub N N 76  
CYS C   OXT  sing N N 77  
CYS CB  SG   sing N N 78  
CYS CB  HB2  sing N N 79  
CYS CB  HB3  sing N N 80  
CYS SG  HG   sing N N 81  
CYS OXT HXT  sing N N 82  
GLN N   CA   sing N N 83  
GLN N   H    sing N N 84  
GLN N   H2   sing N N 85  
GLN CA  C    sing N N 86  
GLN CA  CB   sing N N 87  
GLN CA  HA   sing N N 88  
GLN C   O    doub N N 89  
GLN C   OXT  sing N N 90  
GLN CB  CG   sing N N 91  
GLN CB  HB2  sing N N 92  
GLN CB  HB3  sing N N 93  
GLN CG  CD   sing N N 94  
GLN CG  HG2  sing N N 95  
GLN CG  HG3  sing N N 96  
GLN CD  OE1  doub N N 97  
GLN CD  NE2  sing N N 98  
GLN NE2 HE21 sing N N 99  
GLN NE2 HE22 sing N N 100 
GLN OXT HXT  sing N N 101 
GLU N   CA   sing N N 102 
GLU N   H    sing N N 103 
GLU N   H2   sing N N 104 
GLU CA  C    sing N N 105 
GLU CA  CB   sing N N 106 
GLU CA  HA   sing N N 107 
GLU C   O    doub N N 108 
GLU C   OXT  sing N N 109 
GLU CB  CG   sing N N 110 
GLU CB  HB2  sing N N 111 
GLU CB  HB3  sing N N 112 
GLU CG  CD   sing N N 113 
GLU CG  HG2  sing N N 114 
GLU CG  HG3  sing N N 115 
GLU CD  OE1  doub N N 116 
GLU CD  OE2  sing N N 117 
GLU OE2 HE2  sing N N 118 
GLU OXT HXT  sing N N 119 
GLY N   CA   sing N N 120 
GLY N   H    sing N N 121 
GLY N   H2   sing N N 122 
GLY CA  C    sing N N 123 
GLY CA  HA2  sing N N 124 
GLY CA  HA3  sing N N 125 
GLY C   O    doub N N 126 
GLY C   OXT  sing N N 127 
GLY OXT HXT  sing N N 128 
HIS N   CA   sing N N 129 
HIS N   H    sing N N 130 
HIS N   H2   sing N N 131 
HIS CA  C    sing N N 132 
HIS CA  CB   sing N N 133 
HIS CA  HA   sing N N 134 
HIS C   O    doub N N 135 
HIS C   OXT  sing N N 136 
HIS CB  CG   sing N N 137 
HIS CB  HB2  sing N N 138 
HIS CB  HB3  sing N N 139 
HIS CG  ND1  sing Y N 140 
HIS CG  CD2  doub Y N 141 
HIS ND1 CE1  doub Y N 142 
HIS ND1 HD1  sing N N 143 
HIS CD2 NE2  sing Y N 144 
HIS CD2 HD2  sing N N 145 
HIS CE1 NE2  sing Y N 146 
HIS CE1 HE1  sing N N 147 
HIS NE2 HE2  sing N N 148 
HIS OXT HXT  sing N N 149 
HOH O   H1   sing N N 150 
HOH O   H2   sing N N 151 
ILE N   CA   sing N N 152 
ILE N   H    sing N N 153 
ILE N   H2   sing N N 154 
ILE CA  C    sing N N 155 
ILE CA  CB   sing N N 156 
ILE CA  HA   sing N N 157 
ILE C   O    doub N N 158 
ILE C   OXT  sing N N 159 
ILE CB  CG1  sing N N 160 
ILE CB  CG2  sing N N 161 
ILE CB  HB   sing N N 162 
ILE CG1 CD1  sing N N 163 
ILE CG1 HG12 sing N N 164 
ILE CG1 HG13 sing N N 165 
ILE CG2 HG21 sing N N 166 
ILE CG2 HG22 sing N N 167 
ILE CG2 HG23 sing N N 168 
ILE CD1 HD11 sing N N 169 
ILE CD1 HD12 sing N N 170 
ILE CD1 HD13 sing N N 171 
ILE OXT HXT  sing N N 172 
LEU N   CA   sing N N 173 
LEU N   H    sing N N 174 
LEU N   H2   sing N N 175 
LEU CA  C    sing N N 176 
LEU CA  CB   sing N N 177 
LEU CA  HA   sing N N 178 
LEU C   O    doub N N 179 
LEU C   OXT  sing N N 180 
LEU CB  CG   sing N N 181 
LEU CB  HB2  sing N N 182 
LEU CB  HB3  sing N N 183 
LEU CG  CD1  sing N N 184 
LEU CG  CD2  sing N N 185 
LEU CG  HG   sing N N 186 
LEU CD1 HD11 sing N N 187 
LEU CD1 HD12 sing N N 188 
LEU CD1 HD13 sing N N 189 
LEU CD2 HD21 sing N N 190 
LEU CD2 HD22 sing N N 191 
LEU CD2 HD23 sing N N 192 
LEU OXT HXT  sing N N 193 
LYS N   CA   sing N N 194 
LYS N   H    sing N N 195 
LYS N   H2   sing N N 196 
LYS CA  C    sing N N 197 
LYS CA  CB   sing N N 198 
LYS CA  HA   sing N N 199 
LYS C   O    doub N N 200 
LYS C   OXT  sing N N 201 
LYS CB  CG   sing N N 202 
LYS CB  HB2  sing N N 203 
LYS CB  HB3  sing N N 204 
LYS CG  CD   sing N N 205 
LYS CG  HG2  sing N N 206 
LYS CG  HG3  sing N N 207 
LYS CD  CE   sing N N 208 
LYS CD  HD2  sing N N 209 
LYS CD  HD3  sing N N 210 
LYS CE  NZ   sing N N 211 
LYS CE  HE2  sing N N 212 
LYS CE  HE3  sing N N 213 
LYS NZ  HZ1  sing N N 214 
LYS NZ  HZ2  sing N N 215 
LYS NZ  HZ3  sing N N 216 
LYS OXT HXT  sing N N 217 
MET N   CA   sing N N 218 
MET N   H    sing N N 219 
MET N   H2   sing N N 220 
MET CA  C    sing N N 221 
MET CA  CB   sing N N 222 
MET CA  HA   sing N N 223 
MET C   O    doub N N 224 
MET C   OXT  sing N N 225 
MET CB  CG   sing N N 226 
MET CB  HB2  sing N N 227 
MET CB  HB3  sing N N 228 
MET CG  SD   sing N N 229 
MET CG  HG2  sing N N 230 
MET CG  HG3  sing N N 231 
MET SD  CE   sing N N 232 
MET CE  HE1  sing N N 233 
MET CE  HE2  sing N N 234 
MET CE  HE3  sing N N 235 
MET OXT HXT  sing N N 236 
PHE N   CA   sing N N 237 
PHE N   H    sing N N 238 
PHE N   H2   sing N N 239 
PHE CA  C    sing N N 240 
PHE CA  CB   sing N N 241 
PHE CA  HA   sing N N 242 
PHE C   O    doub N N 243 
PHE C   OXT  sing N N 244 
PHE CB  CG   sing N N 245 
PHE CB  HB2  sing N N 246 
PHE CB  HB3  sing N N 247 
PHE CG  CD1  doub Y N 248 
PHE CG  CD2  sing Y N 249 
PHE CD1 CE1  sing Y N 250 
PHE CD1 HD1  sing N N 251 
PHE CD2 CE2  doub Y N 252 
PHE CD2 HD2  sing N N 253 
PHE CE1 CZ   doub Y N 254 
PHE CE1 HE1  sing N N 255 
PHE CE2 CZ   sing Y N 256 
PHE CE2 HE2  sing N N 257 
PHE CZ  HZ   sing N N 258 
PHE OXT HXT  sing N N 259 
PRO N   CA   sing N N 260 
PRO N   CD   sing N N 261 
PRO N   H    sing N N 262 
PRO CA  C    sing N N 263 
PRO CA  CB   sing N N 264 
PRO CA  HA   sing N N 265 
PRO C   O    doub N N 266 
PRO C   OXT  sing N N 267 
PRO CB  CG   sing N N 268 
PRO CB  HB2  sing N N 269 
PRO CB  HB3  sing N N 270 
PRO CG  CD   sing N N 271 
PRO CG  HG2  sing N N 272 
PRO CG  HG3  sing N N 273 
PRO CD  HD2  sing N N 274 
PRO CD  HD3  sing N N 275 
PRO OXT HXT  sing N N 276 
SER N   CA   sing N N 277 
SER N   H    sing N N 278 
SER N   H2   sing N N 279 
SER CA  C    sing N N 280 
SER CA  CB   sing N N 281 
SER CA  HA   sing N N 282 
SER C   O    doub N N 283 
SER C   OXT  sing N N 284 
SER CB  OG   sing N N 285 
SER CB  HB2  sing N N 286 
SER CB  HB3  sing N N 287 
SER OG  HG   sing N N 288 
SER OXT HXT  sing N N 289 
THR N   CA   sing N N 290 
THR N   H    sing N N 291 
THR N   H2   sing N N 292 
THR CA  C    sing N N 293 
THR CA  CB   sing N N 294 
THR CA  HA   sing N N 295 
THR C   O    doub N N 296 
THR C   OXT  sing N N 297 
THR CB  OG1  sing N N 298 
THR CB  CG2  sing N N 299 
THR CB  HB   sing N N 300 
THR OG1 HG1  sing N N 301 
THR CG2 HG21 sing N N 302 
THR CG2 HG22 sing N N 303 
THR CG2 HG23 sing N N 304 
THR OXT HXT  sing N N 305 
TRP N   CA   sing N N 306 
TRP N   H    sing N N 307 
TRP N   H2   sing N N 308 
TRP CA  C    sing N N 309 
TRP CA  CB   sing N N 310 
TRP CA  HA   sing N N 311 
TRP C   O    doub N N 312 
TRP C   OXT  sing N N 313 
TRP CB  CG   sing N N 314 
TRP CB  HB2  sing N N 315 
TRP CB  HB3  sing N N 316 
TRP CG  CD1  doub Y N 317 
TRP CG  CD2  sing Y N 318 
TRP CD1 NE1  sing Y N 319 
TRP CD1 HD1  sing N N 320 
TRP CD2 CE2  doub Y N 321 
TRP CD2 CE3  sing Y N 322 
TRP NE1 CE2  sing Y N 323 
TRP NE1 HE1  sing N N 324 
TRP CE2 CZ2  sing Y N 325 
TRP CE3 CZ3  doub Y N 326 
TRP CE3 HE3  sing N N 327 
TRP CZ2 CH2  doub Y N 328 
TRP CZ2 HZ2  sing N N 329 
TRP CZ3 CH2  sing Y N 330 
TRP CZ3 HZ3  sing N N 331 
TRP CH2 HH2  sing N N 332 
TRP OXT HXT  sing N N 333 
TYR N   CA   sing N N 334 
TYR N   H    sing N N 335 
TYR N   H2   sing N N 336 
TYR CA  C    sing N N 337 
TYR CA  CB   sing N N 338 
TYR CA  HA   sing N N 339 
TYR C   O    doub N N 340 
TYR C   OXT  sing N N 341 
TYR CB  CG   sing N N 342 
TYR CB  HB2  sing N N 343 
TYR CB  HB3  sing N N 344 
TYR CG  CD1  doub Y N 345 
TYR CG  CD2  sing Y N 346 
TYR CD1 CE1  sing Y N 347 
TYR CD1 HD1  sing N N 348 
TYR CD2 CE2  doub Y N 349 
TYR CD2 HD2  sing N N 350 
TYR CE1 CZ   doub Y N 351 
TYR CE1 HE1  sing N N 352 
TYR CE2 CZ   sing Y N 353 
TYR CE2 HE2  sing N N 354 
TYR CZ  OH   sing N N 355 
TYR OH  HH   sing N N 356 
TYR OXT HXT  sing N N 357 
VAL N   CA   sing N N 358 
VAL N   H    sing N N 359 
VAL N   H2   sing N N 360 
VAL CA  C    sing N N 361 
VAL CA  CB   sing N N 362 
VAL CA  HA   sing N N 363 
VAL C   O    doub N N 364 
VAL C   OXT  sing N N 365 
VAL CB  CG1  sing N N 366 
VAL CB  CG2  sing N N 367 
VAL CB  HB   sing N N 368 
VAL CG1 HG11 sing N N 369 
VAL CG1 HG12 sing N N 370 
VAL CG1 HG13 sing N N 371 
VAL CG2 HG21 sing N N 372 
VAL CG2 HG22 sing N N 373 
VAL CG2 HG23 sing N N 374 
VAL OXT HXT  sing N N 375 
# 
_pdbx_audit_support.funding_organization   'National Natural Science Foundation of China' 
_pdbx_audit_support.country                China 
_pdbx_audit_support.grant_number           '21601112, 21671125' 
_pdbx_audit_support.ordinal                1 
# 
_pdbx_entity_nonpoly.entity_id   2 
_pdbx_entity_nonpoly.name        water 
_pdbx_entity_nonpoly.comp_id     HOH 
# 
_pdbx_initial_refinement_model.id               1 
_pdbx_initial_refinement_model.entity_id_list   ? 
_pdbx_initial_refinement_model.type             'experimental model' 
_pdbx_initial_refinement_model.source_name      PDB 
_pdbx_initial_refinement_model.accession_code   2FHA 
_pdbx_initial_refinement_model.details          ? 
# 
loop_
_pdbx_struct_assembly_auth_evidence.id 
_pdbx_struct_assembly_auth_evidence.assembly_id 
_pdbx_struct_assembly_auth_evidence.experimental_support 
_pdbx_struct_assembly_auth_evidence.details 
1 1 'gel filtration'             ? 
2 1 'native gel electrophoresis' ? 
3 1 'equilibrium centrifugation' ? 
# 
